data_4ZRU
#
_entry.id   4ZRU
#
_cell.length_a   92.910
_cell.length_b   108.870
_cell.length_c   122.700
_cell.angle_alpha   90.000
_cell.angle_beta   95.310
_cell.angle_gamma   90.000
#
_symmetry.space_group_name_H-M   'P 1 21 1'
#
loop_
_entity.id
_entity.type
_entity.pdbx_description
1 polymer 'Acetylcholine-binding protein'
2 non-polymer 'PHOSPHATE ION'
3 non-polymer 3-[(2S)-pyrrolidin-2-ylethynyl]pyridine
4 water water
#
_entity_poly.entity_id   1
_entity_poly.type   'polypeptide(L)'
_entity_poly.pdbx_seq_one_letter_code
;DYKDDDDKLDRADILYNIRQTSRPDVIPTQRDRPVAVSVSLKFINILEVNEITNEVDVVFWQQTTWSDRTLAWNSSHSPD
QVSVPISSLWVPDLAAYNAISKPEVLTPQLARVVSDGEVLYMPSIRQRFSCDVSGVDTESGATCRIKIGSWTHHSREISV
DPTTENSDDSEYFSQYSRFEILDVTQKKNSVTYSCCPEAYEDVEVSLNFRKKGRSEIL
;
_entity_poly.pdbx_strand_id   A,B,C,D,E,F,G,H,I,J
#
loop_
_chem_comp.id
_chem_comp.type
_chem_comp.name
_chem_comp.formula
PO4 non-polymer 'PHOSPHATE ION' 'O4 P -3'
TI9 non-polymer 3-[(2S)-pyrrolidin-2-ylethynyl]pyridine 'C11 H12 N2'
#
# COMPACT_ATOMS: atom_id res chain seq x y z
N ASP A 1 -25.35 -2.57 -26.16
CA ASP A 1 -25.76 -2.90 -27.53
C ASP A 1 -24.60 -3.47 -28.33
N TYR A 2 -24.94 -4.27 -29.34
CA TYR A 2 -23.98 -5.01 -30.15
C TYR A 2 -22.81 -4.18 -30.67
N LYS A 3 -23.11 -3.01 -31.23
CA LYS A 3 -22.10 -2.15 -31.85
C LYS A 3 -21.01 -1.66 -30.89
N ASP A 4 -21.31 -1.65 -29.60
CA ASP A 4 -20.36 -1.14 -28.61
C ASP A 4 -19.72 -2.25 -27.78
N ASP A 5 -20.10 -3.50 -28.04
CA ASP A 5 -19.56 -4.61 -27.27
C ASP A 5 -18.02 -4.65 -27.26
N ASP A 6 -17.37 -4.29 -28.37
CA ASP A 6 -15.92 -4.42 -28.42
C ASP A 6 -15.18 -3.10 -28.18
N ASP A 7 -15.88 -2.13 -27.59
CA ASP A 7 -15.26 -0.88 -27.17
C ASP A 7 -14.43 -1.12 -25.92
N LYS A 8 -13.11 -1.24 -26.09
CA LYS A 8 -12.25 -1.66 -24.99
C LYS A 8 -12.36 -0.76 -23.78
N LEU A 9 -12.34 0.56 -24.00
CA LEU A 9 -12.35 1.50 -22.90
C LEU A 9 -13.63 1.35 -22.10
N ASP A 10 -14.75 1.18 -22.81
CA ASP A 10 -16.03 0.88 -22.15
C ASP A 10 -15.91 -0.38 -21.27
N ARG A 11 -15.35 -1.47 -21.81
CA ARG A 11 -15.22 -2.71 -21.04
C ARG A 11 -14.37 -2.48 -19.78
N ALA A 12 -13.27 -1.77 -19.94
CA ALA A 12 -12.40 -1.45 -18.82
C ALA A 12 -13.13 -0.62 -17.75
N ASP A 13 -13.95 0.34 -18.19
CA ASP A 13 -14.71 1.15 -17.23
C ASP A 13 -15.78 0.33 -16.53
N ILE A 14 -16.40 -0.58 -17.26
CA ILE A 14 -17.38 -1.48 -16.64
C ILE A 14 -16.72 -2.37 -15.56
N LEU A 15 -15.55 -2.91 -15.86
CA LEU A 15 -14.82 -3.71 -14.88
C LEU A 15 -14.48 -2.89 -13.63
N TYR A 16 -14.04 -1.65 -13.84
CA TYR A 16 -13.78 -0.72 -12.74
C TYR A 16 -15.02 -0.49 -11.89
N ASN A 17 -16.15 -0.23 -12.55
CA ASN A 17 -17.42 0.00 -11.86
C ASN A 17 -17.81 -1.21 -11.03
N ILE A 18 -17.65 -2.39 -11.62
CA ILE A 18 -18.02 -3.62 -10.93
C ILE A 18 -17.15 -3.81 -9.69
N ARG A 19 -15.86 -3.53 -9.82
CA ARG A 19 -14.95 -3.70 -8.70
C ARG A 19 -15.15 -2.63 -7.63
N GLN A 20 -15.66 -1.46 -8.02
CA GLN A 20 -15.97 -0.41 -7.05
C GLN A 20 -17.21 -0.77 -6.22
N THR A 21 -18.15 -1.47 -6.84
CA THR A 21 -19.45 -1.72 -6.23
C THR A 21 -19.52 -3.10 -5.58
N SER A 22 -18.81 -4.04 -6.18
CA SER A 22 -18.87 -5.41 -5.73
C SER A 22 -18.40 -5.55 -4.28
N ARG A 23 -19.13 -6.34 -3.52
CA ARG A 23 -18.69 -6.73 -2.18
C ARG A 23 -18.56 -8.23 -2.15
N PRO A 24 -17.36 -8.76 -2.43
CA PRO A 24 -17.21 -10.20 -2.68
C PRO A 24 -17.62 -11.09 -1.51
N ASP A 25 -17.61 -10.58 -0.28
CA ASP A 25 -17.90 -11.43 0.88
C ASP A 25 -19.28 -11.18 1.48
N VAL A 26 -20.08 -10.34 0.83
CA VAL A 26 -21.43 -10.03 1.34
C VAL A 26 -22.51 -10.55 0.38
N ILE A 27 -23.50 -11.28 0.88
CA ILE A 27 -24.55 -11.79 0.02
C ILE A 27 -25.32 -10.62 -0.57
N PRO A 28 -25.60 -10.67 -1.87
CA PRO A 28 -26.23 -9.51 -2.51
C PRO A 28 -27.74 -9.56 -2.34
N THR A 29 -28.20 -9.49 -1.09
CA THR A 29 -29.62 -9.57 -0.84
C THR A 29 -30.30 -8.22 -1.17
N GLN A 30 -31.45 -8.29 -1.84
CA GLN A 30 -32.22 -7.10 -2.18
C GLN A 30 -33.62 -7.18 -1.59
N ARG A 31 -34.08 -6.09 -0.98
CA ARG A 31 -35.44 -5.99 -0.45
C ARG A 31 -35.70 -6.97 0.69
N ASP A 32 -34.69 -7.23 1.51
CA ASP A 32 -34.78 -8.22 2.57
C ASP A 32 -35.34 -9.55 2.06
N ARG A 33 -34.92 -9.96 0.87
CA ARG A 33 -35.31 -11.25 0.31
C ARG A 33 -34.07 -12.12 0.12
N PRO A 34 -34.24 -13.46 0.12
CA PRO A 34 -33.07 -14.31 -0.14
C PRO A 34 -32.50 -14.09 -1.53
N VAL A 35 -31.20 -14.31 -1.68
CA VAL A 35 -30.60 -14.28 -3.01
C VAL A 35 -31.04 -15.52 -3.76
N ALA A 36 -31.71 -15.33 -4.90
CA ALA A 36 -32.17 -16.47 -5.70
C ALA A 36 -31.04 -16.98 -6.58
N VAL A 37 -30.58 -18.18 -6.31
CA VAL A 37 -29.51 -18.79 -7.09
C VAL A 37 -30.08 -19.91 -7.93
N SER A 38 -29.82 -19.88 -9.23
CA SER A 38 -30.24 -20.99 -10.11
C SER A 38 -29.05 -21.89 -10.43
N VAL A 39 -29.23 -23.19 -10.29
CA VAL A 39 -28.16 -24.13 -10.56
C VAL A 39 -28.63 -25.22 -11.51
N SER A 40 -27.82 -25.52 -12.52
CA SER A 40 -28.11 -26.64 -13.41
C SER A 40 -26.80 -27.33 -13.79
N LEU A 41 -26.72 -28.63 -13.56
CA LEU A 41 -25.55 -29.41 -13.92
C LEU A 41 -25.70 -29.98 -15.32
N LYS A 42 -24.74 -29.72 -16.19
CA LYS A 42 -24.70 -30.37 -17.51
C LYS A 42 -23.63 -31.44 -17.51
N PHE A 43 -24.03 -32.71 -17.50
CA PHE A 43 -23.05 -33.77 -17.38
C PHE A 43 -22.32 -33.96 -18.70
N ILE A 44 -20.99 -33.99 -18.63
CA ILE A 44 -20.14 -34.12 -19.80
C ILE A 44 -19.59 -35.52 -19.89
N ASN A 45 -19.28 -36.10 -18.73
CA ASN A 45 -18.71 -37.42 -18.72
C ASN A 45 -18.83 -38.12 -17.38
N ILE A 46 -18.80 -39.45 -17.46
CA ILE A 46 -18.79 -40.31 -16.28
C ILE A 46 -17.54 -41.16 -16.43
N LEU A 47 -16.53 -40.91 -15.59
CA LEU A 47 -15.18 -41.42 -15.82
C LEU A 47 -14.89 -42.73 -15.10
N GLU A 48 -15.44 -42.86 -13.90
CA GLU A 48 -15.26 -44.08 -13.13
C GLU A 48 -16.52 -44.32 -12.32
N VAL A 49 -16.91 -45.58 -12.25
CA VAL A 49 -18.06 -45.99 -11.47
C VAL A 49 -17.67 -47.25 -10.69
N ASN A 50 -17.91 -47.25 -9.39
CA ASN A 50 -17.63 -48.44 -8.59
C ASN A 50 -18.90 -48.95 -7.93
N GLU A 51 -19.35 -50.13 -8.36
CA GLU A 51 -20.57 -50.77 -7.85
C GLU A 51 -20.39 -51.25 -6.41
N ILE A 52 -19.18 -51.69 -6.09
CA ILE A 52 -18.85 -52.16 -4.75
C ILE A 52 -18.85 -51.04 -3.71
N THR A 53 -18.14 -49.96 -4.03
CA THR A 53 -17.98 -48.84 -3.11
C THR A 53 -19.10 -47.80 -3.24
N ASN A 54 -19.89 -47.90 -4.31
CA ASN A 54 -20.92 -46.91 -4.56
C ASN A 54 -20.30 -45.52 -4.70
N GLU A 55 -19.36 -45.38 -5.62
CA GLU A 55 -18.73 -44.10 -5.89
C GLU A 55 -18.74 -43.82 -7.39
N VAL A 56 -18.88 -42.55 -7.75
CA VAL A 56 -18.74 -42.13 -9.14
C VAL A 56 -17.79 -40.96 -9.28
N ASP A 57 -17.15 -40.88 -10.44
CA ASP A 57 -16.22 -39.82 -10.78
C ASP A 57 -16.75 -39.20 -12.07
N VAL A 58 -17.21 -37.95 -12.00
CA VAL A 58 -17.94 -37.32 -13.11
C VAL A 58 -17.38 -35.94 -13.45
N VAL A 59 -17.66 -35.49 -14.68
CA VAL A 59 -17.32 -34.14 -15.14
C VAL A 59 -18.63 -33.46 -15.53
N PHE A 60 -18.86 -32.26 -15.01
CA PHE A 60 -20.06 -31.52 -15.38
C PHE A 60 -19.80 -30.02 -15.45
N TRP A 61 -20.58 -29.34 -16.28
CA TRP A 61 -20.59 -27.89 -16.27
C TRP A 61 -21.65 -27.44 -15.31
N GLN A 62 -21.25 -26.65 -14.32
CA GLN A 62 -22.19 -26.23 -13.30
C GLN A 62 -22.74 -24.86 -13.66
N GLN A 63 -23.82 -24.84 -14.43
CA GLN A 63 -24.44 -23.58 -14.81
C GLN A 63 -25.10 -22.90 -13.60
N THR A 64 -24.54 -21.77 -13.21
CA THR A 64 -24.94 -21.04 -12.00
C THR A 64 -25.25 -19.58 -12.31
N THR A 65 -26.39 -19.08 -11.86
CA THR A 65 -26.72 -17.69 -12.11
C THR A 65 -27.43 -17.08 -10.91
N TRP A 66 -27.26 -15.77 -10.76
CA TRP A 66 -27.93 -15.01 -9.73
C TRP A 66 -27.86 -13.56 -10.16
N SER A 67 -28.51 -12.68 -9.43
CA SER A 67 -28.38 -11.29 -9.77
C SER A 67 -27.85 -10.45 -8.62
N ASP A 68 -27.14 -9.40 -9.00
CA ASP A 68 -26.81 -8.34 -8.07
C ASP A 68 -27.08 -7.05 -8.81
N ARG A 69 -28.23 -6.45 -8.54
CA ARG A 69 -28.67 -5.28 -9.30
C ARG A 69 -27.79 -4.06 -9.07
N THR A 70 -26.97 -4.07 -8.02
CA THR A 70 -26.09 -2.93 -7.80
C THR A 70 -24.96 -2.91 -8.84
N LEU A 71 -24.80 -4.00 -9.58
CA LEU A 71 -23.78 -4.06 -10.62
C LEU A 71 -24.29 -3.57 -11.98
N ALA A 72 -25.59 -3.33 -12.08
CA ALA A 72 -26.22 -2.98 -13.36
C ALA A 72 -25.70 -1.66 -13.95
N TRP A 73 -25.72 -1.56 -15.27
CA TRP A 73 -25.35 -0.30 -15.93
C TRP A 73 -26.18 -0.16 -17.19
N ASN A 74 -26.21 1.05 -17.74
CA ASN A 74 -27.00 1.34 -18.94
C ASN A 74 -26.21 0.94 -20.18
N SER A 75 -26.70 -0.06 -20.90
CA SER A 75 -25.95 -0.59 -22.03
C SER A 75 -26.50 -0.11 -23.37
N SER A 76 -27.20 1.02 -23.35
CA SER A 76 -27.77 1.57 -24.58
C SER A 76 -26.70 1.87 -25.62
N HIS A 77 -25.56 2.37 -25.14
CA HIS A 77 -24.39 2.64 -25.98
C HIS A 77 -23.09 2.09 -25.39
N SER A 78 -23.15 0.89 -24.84
CA SER A 78 -21.95 0.27 -24.27
C SER A 78 -22.11 -1.25 -24.26
N PRO A 79 -21.05 -1.97 -23.85
CA PRO A 79 -21.08 -3.43 -23.86
C PRO A 79 -22.22 -3.99 -22.99
N ASP A 80 -22.85 -5.07 -23.44
CA ASP A 80 -23.93 -5.72 -22.70
C ASP A 80 -23.43 -6.65 -21.60
N GLN A 81 -22.19 -7.12 -21.76
CA GLN A 81 -21.59 -8.09 -20.84
C GLN A 81 -20.07 -7.96 -20.85
N VAL A 82 -19.47 -8.31 -19.71
CA VAL A 82 -18.01 -8.49 -19.65
C VAL A 82 -17.66 -9.73 -18.83
N SER A 83 -16.48 -10.30 -19.07
CA SER A 83 -15.93 -11.38 -18.26
C SER A 83 -15.20 -10.79 -17.05
N VAL A 84 -15.42 -11.37 -15.88
CA VAL A 84 -14.84 -10.86 -14.63
C VAL A 84 -14.24 -12.02 -13.83
N PRO A 85 -13.03 -11.85 -13.27
CA PRO A 85 -12.49 -12.89 -12.40
C PRO A 85 -13.40 -13.10 -11.21
N ILE A 86 -13.69 -14.34 -10.83
CA ILE A 86 -14.66 -14.51 -9.75
C ILE A 86 -14.14 -13.96 -8.42
N SER A 87 -12.83 -13.76 -8.29
CA SER A 87 -12.32 -13.17 -7.05
C SER A 87 -12.80 -11.72 -6.87
N SER A 88 -13.27 -11.09 -7.95
CA SER A 88 -13.82 -9.74 -7.84
C SER A 88 -15.31 -9.70 -7.47
N LEU A 89 -15.92 -10.88 -7.35
CA LEU A 89 -17.37 -10.99 -7.22
C LEU A 89 -17.79 -11.81 -6.02
N TRP A 90 -18.98 -11.53 -5.48
CA TRP A 90 -19.59 -12.50 -4.59
C TRP A 90 -20.01 -13.71 -5.42
N VAL A 91 -19.74 -14.89 -4.90
CA VAL A 91 -20.19 -16.13 -5.54
C VAL A 91 -20.84 -17.00 -4.44
N PRO A 92 -21.95 -17.68 -4.76
CA PRO A 92 -22.59 -18.51 -3.73
C PRO A 92 -21.67 -19.62 -3.23
N ASP A 93 -21.70 -19.89 -1.93
CA ASP A 93 -20.84 -20.90 -1.31
C ASP A 93 -21.46 -22.29 -1.47
N LEU A 94 -21.65 -22.70 -2.72
CA LEU A 94 -22.27 -23.99 -3.01
C LEU A 94 -21.33 -25.14 -2.69
N ALA A 95 -21.92 -26.22 -2.21
CA ALA A 95 -21.17 -27.45 -1.97
C ALA A 95 -22.10 -28.63 -2.18
N ALA A 96 -21.53 -29.75 -2.59
CA ALA A 96 -22.27 -31.01 -2.70
C ALA A 96 -22.20 -31.76 -1.38
N TYR A 97 -23.36 -32.09 -0.83
CA TYR A 97 -23.44 -32.78 0.46
C TYR A 97 -22.86 -34.18 0.44
N ASN A 98 -22.85 -34.81 -0.73
CA ASN A 98 -22.30 -36.16 -0.81
C ASN A 98 -21.02 -36.23 -1.64
N ALA A 99 -20.34 -35.10 -1.83
CA ALA A 99 -19.01 -35.11 -2.47
C ALA A 99 -17.98 -35.79 -1.57
N ILE A 100 -17.10 -36.59 -2.15
CA ILE A 100 -15.99 -37.18 -1.41
C ILE A 100 -14.64 -36.77 -1.96
N SER A 101 -14.63 -35.77 -2.85
CA SER A 101 -13.38 -35.14 -3.26
C SER A 101 -13.65 -33.66 -3.46
N LYS A 102 -12.59 -32.85 -3.45
CA LYS A 102 -12.70 -31.44 -3.75
C LYS A 102 -13.22 -31.27 -5.16
N PRO A 103 -13.95 -30.18 -5.41
CA PRO A 103 -14.32 -29.94 -6.81
C PRO A 103 -13.09 -29.45 -7.56
N GLU A 104 -12.72 -30.12 -8.64
CA GLU A 104 -11.56 -29.69 -9.41
C GLU A 104 -12.05 -28.87 -10.58
N VAL A 105 -11.73 -27.58 -10.58
CA VAL A 105 -12.24 -26.68 -11.60
C VAL A 105 -11.29 -26.75 -12.80
N LEU A 106 -11.84 -27.15 -13.94
CA LEU A 106 -11.02 -27.41 -15.13
C LEU A 106 -10.92 -26.22 -16.06
N THR A 107 -11.70 -25.18 -15.79
CA THR A 107 -11.81 -24.06 -16.71
C THR A 107 -11.36 -22.77 -16.03
N PRO A 108 -11.12 -21.70 -16.82
CA PRO A 108 -10.75 -20.41 -16.25
C PRO A 108 -11.84 -19.86 -15.33
N GLN A 109 -11.42 -19.32 -14.19
CA GLN A 109 -12.36 -18.90 -13.15
C GLN A 109 -12.84 -17.48 -13.40
N LEU A 110 -13.62 -17.36 -14.48
CA LEU A 110 -14.19 -16.11 -14.92
C LEU A 110 -15.70 -16.25 -14.94
N ALA A 111 -16.42 -15.19 -14.57
CA ALA A 111 -17.87 -15.19 -14.71
C ALA A 111 -18.25 -14.12 -15.72
N ARG A 112 -19.47 -14.15 -16.19
CA ARG A 112 -19.98 -13.06 -17.01
C ARG A 112 -20.87 -12.18 -16.16
N VAL A 113 -20.72 -10.86 -16.29
CA VAL A 113 -21.63 -9.95 -15.64
C VAL A 113 -22.40 -9.24 -16.73
N VAL A 114 -23.73 -9.29 -16.63
CA VAL A 114 -24.64 -8.73 -17.61
C VAL A 114 -25.10 -7.33 -17.16
N SER A 115 -25.40 -6.44 -18.10
CA SER A 115 -25.68 -5.05 -17.74
C SER A 115 -26.93 -4.90 -16.86
N ASP A 116 -27.78 -5.91 -16.80
CA ASP A 116 -28.92 -5.84 -15.87
C ASP A 116 -28.58 -6.37 -14.47
N GLY A 117 -27.32 -6.75 -14.27
CA GLY A 117 -26.88 -7.22 -12.96
C GLY A 117 -26.88 -8.73 -12.79
N GLU A 118 -27.27 -9.45 -13.83
CA GLU A 118 -27.21 -10.90 -13.75
C GLU A 118 -25.74 -11.34 -13.79
N VAL A 119 -25.41 -12.35 -12.99
CA VAL A 119 -24.07 -12.93 -13.02
C VAL A 119 -24.17 -14.37 -13.49
N LEU A 120 -23.33 -14.73 -14.45
CA LEU A 120 -23.33 -16.09 -14.99
C LEU A 120 -21.97 -16.74 -14.76
N TYR A 121 -21.97 -17.84 -14.02
CA TYR A 121 -20.77 -18.59 -13.74
C TYR A 121 -20.97 -20.05 -14.11
N MET A 122 -20.10 -20.59 -14.97
CA MET A 122 -20.29 -21.97 -15.41
C MET A 122 -18.96 -22.72 -15.55
N PRO A 123 -18.38 -23.11 -14.40
CA PRO A 123 -17.15 -23.88 -14.39
C PRO A 123 -17.39 -25.31 -14.87
N SER A 124 -16.41 -25.88 -15.55
CA SER A 124 -16.37 -27.33 -15.71
C SER A 124 -15.66 -27.93 -14.50
N ILE A 125 -16.29 -28.91 -13.88
CA ILE A 125 -15.84 -29.48 -12.61
C ILE A 125 -15.70 -30.99 -12.70
N ARG A 126 -14.58 -31.50 -12.21
CA ARG A 126 -14.46 -32.93 -12.01
C ARG A 126 -14.53 -33.21 -10.53
N GLN A 127 -15.40 -34.13 -10.14
CA GLN A 127 -15.59 -34.40 -8.71
C GLN A 127 -16.07 -35.82 -8.50
N ARG A 128 -15.78 -36.38 -7.34
CA ARG A 128 -16.24 -37.72 -6.97
C ARG A 128 -17.33 -37.64 -5.91
N PHE A 129 -18.30 -38.55 -6.01
CA PHE A 129 -19.43 -38.59 -5.09
C PHE A 129 -19.75 -39.99 -4.57
N SER A 130 -20.31 -40.02 -3.37
CA SER A 130 -20.91 -41.22 -2.81
C SER A 130 -22.40 -41.26 -3.15
N CYS A 131 -22.79 -42.22 -3.98
CA CYS A 131 -24.19 -42.32 -4.37
C CYS A 131 -24.56 -43.75 -4.80
N ASP A 132 -25.83 -43.97 -5.13
CA ASP A 132 -26.30 -45.32 -5.45
C ASP A 132 -25.96 -45.69 -6.87
N VAL A 133 -24.97 -46.57 -7.02
CA VAL A 133 -24.53 -47.06 -8.30
C VAL A 133 -25.22 -48.40 -8.65
N SER A 134 -26.01 -48.93 -7.72
CA SER A 134 -26.67 -50.22 -7.95
C SER A 134 -27.54 -50.17 -9.21
N GLY A 135 -27.34 -51.16 -10.08
CA GLY A 135 -28.16 -51.29 -11.26
C GLY A 135 -27.56 -50.65 -12.51
N VAL A 136 -26.33 -50.17 -12.39
CA VAL A 136 -25.67 -49.52 -13.52
C VAL A 136 -25.55 -50.45 -14.73
N ASP A 137 -25.48 -51.76 -14.51
CA ASP A 137 -25.32 -52.70 -15.64
C ASP A 137 -26.64 -53.26 -16.13
N THR A 138 -27.73 -52.56 -15.82
CA THR A 138 -29.06 -53.02 -16.21
C THR A 138 -29.73 -52.01 -17.12
N GLU A 139 -30.75 -52.43 -17.86
CA GLU A 139 -31.44 -51.55 -18.80
C GLU A 139 -32.03 -50.34 -18.08
N SER A 140 -32.53 -50.56 -16.87
CA SER A 140 -33.09 -49.48 -16.07
C SER A 140 -32.00 -48.55 -15.56
N GLY A 141 -30.80 -49.09 -15.40
CA GLY A 141 -29.64 -48.31 -15.00
C GLY A 141 -29.63 -47.92 -13.53
N ALA A 142 -28.57 -47.22 -13.13
CA ALA A 142 -28.45 -46.74 -11.76
C ALA A 142 -28.96 -45.32 -11.67
N THR A 143 -29.38 -44.91 -10.48
CA THR A 143 -29.74 -43.50 -10.28
C THR A 143 -28.91 -42.91 -9.14
N CYS A 144 -27.96 -42.07 -9.52
CA CYS A 144 -27.04 -41.40 -8.59
C CYS A 144 -27.56 -40.00 -8.27
N ARG A 145 -27.83 -39.73 -7.00
CA ARG A 145 -28.36 -38.43 -6.61
C ARG A 145 -27.28 -37.57 -5.98
N ILE A 146 -27.16 -36.35 -6.47
CA ILE A 146 -26.18 -35.38 -5.98
C ILE A 146 -26.95 -34.20 -5.41
N LYS A 147 -26.67 -33.85 -4.16
CA LYS A 147 -27.36 -32.74 -3.52
C LYS A 147 -26.42 -31.55 -3.36
N ILE A 148 -26.81 -30.42 -3.93
CA ILE A 148 -25.95 -29.24 -3.93
C ILE A 148 -26.68 -28.03 -3.40
N GLY A 149 -26.06 -27.33 -2.45
CA GLY A 149 -26.63 -26.10 -1.96
C GLY A 149 -25.60 -25.25 -1.23
N SER A 150 -26.04 -24.14 -0.67
CA SER A 150 -25.18 -23.28 0.12
C SER A 150 -24.73 -24.02 1.36
N TRP A 151 -23.43 -24.00 1.60
CA TRP A 151 -22.90 -24.64 2.81
C TRP A 151 -23.29 -23.87 4.08
N THR A 152 -23.24 -22.54 4.05
CA THR A 152 -23.42 -21.78 5.28
C THR A 152 -24.60 -20.83 5.32
N HIS A 153 -25.30 -20.64 4.21
CA HIS A 153 -26.43 -19.72 4.19
C HIS A 153 -27.75 -20.49 4.20
N HIS A 154 -28.61 -20.22 5.18
CA HIS A 154 -29.88 -20.94 5.23
C HIS A 154 -30.93 -20.32 4.30
N SER A 155 -32.12 -20.91 4.25
CA SER A 155 -33.10 -20.59 3.22
C SER A 155 -33.53 -19.13 3.23
N ARG A 156 -33.40 -18.44 4.35
CA ARG A 156 -33.79 -17.04 4.38
C ARG A 156 -32.75 -16.14 3.71
N GLU A 157 -31.54 -16.66 3.51
CA GLU A 157 -30.44 -15.89 2.91
C GLU A 157 -30.18 -16.28 1.45
N ILE A 158 -30.19 -17.57 1.18
CA ILE A 158 -30.04 -18.09 -0.18
C ILE A 158 -31.10 -19.14 -0.49
N SER A 159 -31.79 -18.98 -1.61
CA SER A 159 -32.66 -20.04 -2.12
C SER A 159 -32.00 -20.60 -3.37
N VAL A 160 -32.17 -21.90 -3.61
CA VAL A 160 -31.60 -22.50 -4.80
C VAL A 160 -32.68 -23.15 -5.64
N ASP A 161 -32.61 -22.89 -6.93
CA ASP A 161 -33.65 -23.29 -7.85
C ASP A 161 -33.02 -23.97 -9.05
N PRO A 162 -33.53 -25.16 -9.42
CA PRO A 162 -33.03 -25.82 -10.62
C PRO A 162 -33.40 -25.03 -11.87
N THR A 163 -32.53 -25.01 -12.88
CA THR A 163 -32.81 -24.27 -14.12
C THR A 163 -33.76 -25.11 -14.98
N GLU A 165 -35.51 -28.81 -15.88
CA GLU A 165 -35.48 -29.79 -14.79
C GLU A 165 -35.51 -31.23 -15.32
N ASN A 166 -35.65 -31.39 -16.64
CA ASN A 166 -35.54 -32.71 -17.26
C ASN A 166 -34.88 -32.65 -18.64
N SER A 167 -33.79 -33.41 -18.80
CA SER A 167 -33.05 -33.51 -20.05
C SER A 167 -32.29 -34.83 -20.08
N ASP A 168 -31.88 -35.28 -21.26
CA ASP A 168 -30.95 -36.41 -21.32
C ASP A 168 -29.52 -35.90 -21.53
N ASP A 169 -29.37 -34.58 -21.54
CA ASP A 169 -28.06 -33.94 -21.62
C ASP A 169 -27.34 -34.30 -22.91
N SER A 170 -28.09 -34.80 -23.89
CA SER A 170 -27.44 -35.39 -25.05
C SER A 170 -26.61 -34.36 -25.82
N GLU A 171 -26.95 -33.09 -25.66
CA GLU A 171 -26.19 -32.01 -26.27
C GLU A 171 -24.78 -31.92 -25.67
N TYR A 172 -24.64 -32.34 -24.42
CA TYR A 172 -23.44 -32.08 -23.63
C TYR A 172 -22.58 -33.34 -23.42
N PHE A 173 -23.23 -34.49 -23.28
CA PHE A 173 -22.54 -35.69 -22.85
C PHE A 173 -21.67 -36.27 -23.94
N SER A 174 -20.45 -36.65 -23.54
CA SER A 174 -19.50 -37.22 -24.48
C SER A 174 -20.04 -38.48 -25.13
N GLN A 175 -20.01 -38.50 -26.46
CA GLN A 175 -20.44 -39.68 -27.20
C GLN A 175 -19.44 -40.82 -26.98
N TYR A 176 -18.29 -40.51 -26.41
CA TYR A 176 -17.22 -41.50 -26.27
C TYR A 176 -17.16 -42.12 -24.88
N SER A 177 -18.06 -41.71 -24.00
CA SER A 177 -18.09 -42.29 -22.66
C SER A 177 -18.43 -43.77 -22.70
N ARG A 178 -18.03 -44.44 -21.63
CA ARG A 178 -18.31 -45.84 -21.36
C ARG A 178 -19.77 -46.01 -20.94
N PHE A 179 -20.39 -44.92 -20.51
CA PHE A 179 -21.76 -44.94 -20.04
C PHE A 179 -22.65 -44.07 -20.90
N GLU A 180 -23.95 -44.27 -20.77
CA GLU A 180 -24.90 -43.39 -21.43
C GLU A 180 -25.89 -42.85 -20.41
N ILE A 181 -26.33 -41.62 -20.64
CA ILE A 181 -27.29 -41.01 -19.74
C ILE A 181 -28.71 -41.30 -20.20
N LEU A 182 -29.50 -41.84 -19.29
CA LEU A 182 -30.91 -42.11 -19.58
C LEU A 182 -31.75 -40.88 -19.26
N ASP A 183 -31.43 -40.21 -18.16
CA ASP A 183 -32.22 -39.06 -17.76
C ASP A 183 -31.55 -38.28 -16.65
N VAL A 184 -31.74 -36.97 -16.67
CA VAL A 184 -31.25 -36.12 -15.59
C VAL A 184 -32.40 -35.24 -15.12
N THR A 185 -32.87 -35.48 -13.89
CA THR A 185 -33.86 -34.59 -13.28
C THR A 185 -33.23 -33.80 -12.12
N GLN A 186 -33.65 -32.56 -11.99
CA GLN A 186 -33.06 -31.68 -10.99
C GLN A 186 -34.22 -30.98 -10.27
N LYS A 187 -34.37 -31.22 -8.97
CA LYS A 187 -35.52 -30.72 -8.22
C LYS A 187 -35.13 -29.97 -6.95
N LYS A 188 -35.90 -28.94 -6.61
CA LYS A 188 -35.72 -28.26 -5.34
C LYS A 188 -35.89 -29.26 -4.21
N ASN A 189 -35.14 -29.03 -3.14
CA ASN A 189 -35.18 -29.88 -1.97
C ASN A 189 -34.69 -29.06 -0.78
N SER A 190 -34.85 -29.60 0.41
CA SER A 190 -34.44 -28.89 1.60
C SER A 190 -33.89 -29.89 2.62
N VAL A 191 -32.83 -29.50 3.32
CA VAL A 191 -32.27 -30.39 4.34
C VAL A 191 -32.11 -29.63 5.64
N THR A 192 -32.14 -30.39 6.72
CA THR A 192 -31.87 -29.83 8.04
C THR A 192 -31.29 -30.95 8.90
N TYR A 193 -30.32 -30.60 9.74
CA TYR A 193 -29.64 -31.56 10.59
C TYR A 193 -29.67 -31.04 12.01
N SER A 194 -29.49 -31.93 12.98
CA SER A 194 -29.55 -31.49 14.38
C SER A 194 -28.35 -30.60 14.75
N CYS A 195 -27.28 -30.68 13.97
CA CYS A 195 -26.12 -29.79 14.17
C CYS A 195 -26.52 -28.35 13.89
N CYS A 196 -27.46 -28.20 12.98
CA CYS A 196 -27.71 -26.92 12.31
C CYS A 196 -29.20 -26.71 12.10
N PRO A 197 -29.83 -26.01 13.04
CA PRO A 197 -31.29 -25.90 13.24
C PRO A 197 -32.07 -25.13 12.15
N GLU A 198 -31.40 -24.47 11.22
CA GLU A 198 -32.12 -23.76 10.17
C GLU A 198 -32.39 -24.73 9.02
N ALA A 199 -33.23 -24.32 8.07
CA ALA A 199 -33.40 -25.12 6.86
C ALA A 199 -32.48 -24.61 5.77
N TYR A 200 -31.91 -25.52 5.01
CA TYR A 200 -31.01 -25.17 3.90
C TYR A 200 -31.58 -25.68 2.59
N GLU A 201 -31.64 -24.83 1.57
CA GLU A 201 -32.14 -25.28 0.27
C GLU A 201 -31.05 -25.99 -0.52
N ASP A 202 -31.47 -26.95 -1.34
CA ASP A 202 -30.54 -27.60 -2.25
C ASP A 202 -31.25 -27.99 -3.52
N VAL A 203 -30.48 -28.22 -4.56
CA VAL A 203 -30.98 -28.89 -5.75
C VAL A 203 -30.52 -30.34 -5.67
N GLU A 204 -31.48 -31.25 -5.74
CA GLU A 204 -31.19 -32.67 -5.83
C GLU A 204 -31.15 -33.08 -7.29
N VAL A 205 -29.98 -33.49 -7.76
CA VAL A 205 -29.76 -33.84 -9.16
C VAL A 205 -29.75 -35.37 -9.29
N SER A 206 -30.77 -35.92 -9.93
CA SER A 206 -30.86 -37.37 -10.11
C SER A 206 -30.33 -37.75 -11.48
N LEU A 207 -29.17 -38.41 -11.47
CA LEU A 207 -28.50 -38.87 -12.67
C LEU A 207 -28.81 -40.34 -12.94
N ASN A 208 -29.69 -40.60 -13.90
CA ASN A 208 -30.01 -41.97 -14.29
C ASN A 208 -29.13 -42.38 -15.47
N PHE A 209 -28.23 -43.33 -15.23
CA PHE A 209 -27.26 -43.70 -16.25
C PHE A 209 -27.02 -45.21 -16.21
N ARG A 210 -26.43 -45.75 -17.28
CA ARG A 210 -26.10 -47.18 -17.35
C ARG A 210 -24.85 -47.44 -18.18
N LYS A 211 -24.20 -48.59 -17.98
CA LYS A 211 -23.10 -48.93 -18.87
C LYS A 211 -23.64 -49.22 -20.26
N LYS A 212 -22.88 -48.82 -21.29
CA LYS A 212 -23.27 -49.12 -22.67
C LYS A 212 -23.15 -50.62 -22.96
N ASP B 5 -32.34 -9.57 8.88
CA ASP B 5 -31.33 -10.54 8.45
C ASP B 5 -30.81 -10.24 7.04
N ASP B 6 -31.70 -9.88 6.14
CA ASP B 6 -31.32 -9.64 4.75
C ASP B 6 -31.12 -8.15 4.43
N ASP B 7 -30.85 -7.36 5.45
CA ASP B 7 -30.49 -5.96 5.24
C ASP B 7 -29.05 -5.94 4.77
N LYS B 8 -28.81 -5.72 3.47
CA LYS B 8 -27.46 -5.90 2.95
C LYS B 8 -26.44 -4.98 3.59
N LEU B 9 -26.79 -3.70 3.70
CA LEU B 9 -25.85 -2.71 4.21
C LEU B 9 -25.47 -3.08 5.63
N ASP B 10 -26.46 -3.57 6.38
CA ASP B 10 -26.22 -4.09 7.72
C ASP B 10 -25.17 -5.20 7.70
N ARG B 11 -25.28 -6.13 6.76
CA ARG B 11 -24.33 -7.24 6.69
C ARG B 11 -22.91 -6.75 6.34
N ALA B 12 -22.82 -5.81 5.40
CA ALA B 12 -21.53 -5.26 5.02
C ALA B 12 -20.87 -4.58 6.21
N ASP B 13 -21.69 -3.89 7.00
CA ASP B 13 -21.17 -3.19 8.17
C ASP B 13 -20.74 -4.14 9.26
N ILE B 14 -21.50 -5.22 9.45
CA ILE B 14 -21.11 -6.23 10.44
C ILE B 14 -19.77 -6.86 10.04
N LEU B 15 -19.59 -7.14 8.76
CA LEU B 15 -18.34 -7.73 8.29
C LEU B 15 -17.19 -6.74 8.46
N TYR B 16 -17.45 -5.48 8.19
CA TYR B 16 -16.47 -4.43 8.46
C TYR B 16 -16.09 -4.38 9.95
N ASN B 17 -17.09 -4.40 10.84
CA ASN B 17 -16.83 -4.39 12.28
C ASN B 17 -15.98 -5.59 12.72
N ILE B 18 -16.33 -6.77 12.22
CA ILE B 18 -15.61 -7.99 12.58
C ILE B 18 -14.16 -7.88 12.13
N ARG B 19 -13.93 -7.39 10.92
CA ARG B 19 -12.58 -7.27 10.42
C ARG B 19 -11.75 -6.22 11.16
N GLN B 20 -12.40 -5.19 11.67
CA GLN B 20 -11.71 -4.17 12.47
C GLN B 20 -11.28 -4.71 13.83
N THR B 21 -12.07 -5.64 14.36
CA THR B 21 -11.83 -6.10 15.73
CA THR B 21 -11.88 -6.14 15.73
C THR B 21 -11.11 -7.44 15.75
N SER B 22 -11.33 -8.27 14.74
CA SER B 22 -10.73 -9.59 14.70
C SER B 22 -9.21 -9.52 14.53
N ARG B 23 -8.52 -10.39 15.23
CA ARG B 23 -7.07 -10.50 15.11
C ARG B 23 -6.77 -11.96 14.84
N PRO B 24 -6.67 -12.32 13.54
CA PRO B 24 -6.62 -13.72 13.15
C PRO B 24 -5.48 -14.53 13.76
N ASP B 25 -4.41 -13.89 14.21
CA ASP B 25 -3.28 -14.66 14.72
C ASP B 25 -3.21 -14.67 16.24
N VAL B 26 -4.17 -14.01 16.89
CA VAL B 26 -4.16 -13.91 18.35
C VAL B 26 -5.34 -14.67 18.97
N ILE B 27 -5.07 -15.57 19.93
CA ILE B 27 -6.17 -16.28 20.57
C ILE B 27 -7.03 -15.29 21.37
N PRO B 28 -8.36 -15.42 21.25
CA PRO B 28 -9.27 -14.45 21.86
C PRO B 28 -9.50 -14.73 23.34
N THR B 29 -8.41 -14.75 24.11
CA THR B 29 -8.51 -15.02 25.55
C THR B 29 -8.91 -13.75 26.28
N GLN B 30 -9.62 -13.93 27.39
CA GLN B 30 -9.88 -12.84 28.34
C GLN B 30 -9.28 -13.20 29.69
N ARG B 31 -8.53 -12.28 30.28
CA ARG B 31 -7.99 -12.43 31.63
C ARG B 31 -7.30 -13.76 31.89
N ASP B 32 -6.51 -14.22 30.91
CA ASP B 32 -5.70 -15.43 31.06
C ASP B 32 -6.51 -16.73 31.22
N ARG B 33 -7.78 -16.72 30.80
CA ARG B 33 -8.57 -17.95 30.77
C ARG B 33 -8.39 -18.65 29.43
N PRO B 34 -8.50 -19.98 29.42
CA PRO B 34 -8.40 -20.70 28.14
C PRO B 34 -9.58 -20.37 27.25
N VAL B 35 -9.37 -20.43 25.95
CA VAL B 35 -10.48 -20.38 24.99
C VAL B 35 -11.13 -21.74 24.92
N ALA B 36 -12.43 -21.82 25.24
CA ALA B 36 -13.14 -23.09 25.17
C ALA B 36 -13.60 -23.38 23.73
N VAL B 37 -13.06 -24.45 23.17
CA VAL B 37 -13.40 -24.87 21.82
C VAL B 37 -14.24 -26.13 21.85
N SER B 38 -15.47 -26.05 21.37
CA SER B 38 -16.32 -27.24 21.34
C SER B 38 -16.14 -27.95 20.01
N VAL B 39 -16.05 -29.28 20.08
CA VAL B 39 -15.78 -30.07 18.88
C VAL B 39 -16.66 -31.30 18.82
N SER B 40 -17.23 -31.55 17.65
CA SER B 40 -17.96 -32.79 17.43
C SER B 40 -17.79 -33.25 15.99
N LEU B 41 -17.32 -34.46 15.78
CA LEU B 41 -17.20 -34.98 14.41
C LEU B 41 -18.46 -35.72 14.02
N LYS B 42 -19.01 -35.38 12.85
CA LYS B 42 -20.12 -36.11 12.29
C LYS B 42 -19.59 -36.94 11.12
N PHE B 43 -19.49 -38.27 11.27
CA PHE B 43 -18.94 -39.06 10.17
C PHE B 43 -19.94 -39.20 9.02
N ILE B 44 -19.46 -38.94 7.80
CA ILE B 44 -20.29 -39.00 6.60
C ILE B 44 -19.97 -40.25 5.80
N ASN B 45 -18.70 -40.62 5.75
CA ASN B 45 -18.33 -41.80 5.00
C ASN B 45 -17.01 -42.41 5.44
N ILE B 46 -16.89 -43.71 5.14
CA ILE B 46 -15.66 -44.44 5.35
C ILE B 46 -15.30 -44.99 3.98
N LEU B 47 -14.25 -44.44 3.38
CA LEU B 47 -14.00 -44.65 1.96
C LEU B 47 -13.10 -45.86 1.68
N GLU B 48 -12.05 -45.98 2.49
CA GLU B 48 -11.14 -47.09 2.32
C GLU B 48 -10.65 -47.50 3.68
N VAL B 49 -10.50 -48.80 3.85
CA VAL B 49 -10.02 -49.39 5.07
C VAL B 49 -8.98 -50.42 4.70
N ASN B 50 -7.84 -50.41 5.37
CA ASN B 50 -6.84 -51.46 5.14
C ASN B 50 -6.50 -52.14 6.45
N GLU B 51 -6.89 -53.42 6.57
CA GLU B 51 -6.70 -54.16 7.81
C GLU B 51 -5.25 -54.64 7.96
N ILE B 52 -4.53 -54.70 6.85
CA ILE B 52 -3.11 -55.04 6.90
C ILE B 52 -2.27 -53.87 7.43
N THR B 53 -2.55 -52.67 6.93
CA THR B 53 -1.74 -51.51 7.25
C THR B 53 -2.33 -50.69 8.40
N ASN B 54 -3.53 -51.05 8.83
CA ASN B 54 -4.23 -50.31 9.88
C ASN B 54 -4.38 -48.84 9.50
N GLU B 55 -4.97 -48.61 8.33
CA GLU B 55 -5.24 -47.26 7.85
C GLU B 55 -6.69 -47.12 7.42
N VAL B 56 -7.24 -45.94 7.61
CA VAL B 56 -8.59 -45.65 7.15
C VAL B 56 -8.59 -44.30 6.46
N ASP B 57 -9.51 -44.14 5.53
CA ASP B 57 -9.70 -42.93 4.76
C ASP B 57 -11.16 -42.56 4.96
N VAL B 58 -11.43 -41.43 5.63
CA VAL B 58 -12.79 -41.07 6.05
C VAL B 58 -13.17 -39.64 5.70
N VAL B 59 -14.48 -39.38 5.66
CA VAL B 59 -15.03 -38.04 5.48
C VAL B 59 -15.91 -37.71 6.69
N PHE B 60 -15.71 -36.53 7.26
CA PHE B 60 -16.50 -36.11 8.42
C PHE B 60 -16.71 -34.59 8.42
N TRP B 61 -17.80 -34.16 9.04
CA TRP B 61 -18.02 -32.73 9.29
C TRP B 61 -17.46 -32.46 10.68
N GLN B 62 -16.60 -31.45 10.77
CA GLN B 62 -16.00 -31.14 12.05
C GLN B 62 -16.67 -29.89 12.63
N GLN B 63 -17.73 -30.11 13.39
CA GLN B 63 -18.45 -28.99 13.98
C GLN B 63 -17.66 -28.42 15.13
N THR B 64 -17.26 -27.16 14.98
CA THR B 64 -16.33 -26.49 15.85
C THR B 64 -16.95 -25.17 16.24
N THR B 65 -16.97 -24.86 17.53
CA THR B 65 -17.50 -23.57 17.91
C THR B 65 -16.68 -23.02 19.04
N TRP B 66 -16.63 -21.70 19.12
CA TRP B 66 -15.96 -21.04 20.23
C TRP B 66 -16.54 -19.64 20.32
N SER B 67 -16.05 -18.86 21.28
CA SER B 67 -16.55 -17.50 21.41
C SER B 67 -15.44 -16.47 21.34
N ASP B 68 -15.73 -15.35 20.71
CA ASP B 68 -14.92 -14.15 20.85
C ASP B 68 -15.86 -12.99 21.08
N ARG B 69 -16.06 -12.62 22.35
CA ARG B 69 -17.11 -11.69 22.72
C ARG B 69 -16.85 -10.27 22.19
N THR B 70 -15.62 -9.98 21.79
CA THR B 70 -15.30 -8.67 21.21
C THR B 70 -15.95 -8.51 19.84
N LEU B 71 -16.36 -9.62 19.23
CA LEU B 71 -17.00 -9.57 17.93
C LEU B 71 -18.50 -9.26 18.01
N ALA B 72 -19.04 -9.26 19.23
CA ALA B 72 -20.48 -9.18 19.44
C ALA B 72 -21.05 -7.84 18.98
N TRP B 73 -22.31 -7.84 18.57
CA TRP B 73 -23.00 -6.60 18.23
C TRP B 73 -24.46 -6.69 18.65
N ASN B 74 -25.14 -5.56 18.70
CA ASN B 74 -26.55 -5.54 19.06
C ASN B 74 -27.38 -5.85 17.82
N SER B 75 -28.10 -6.97 17.84
CA SER B 75 -28.86 -7.37 16.66
C SER B 75 -30.37 -7.21 16.85
N SER B 76 -30.77 -6.29 17.73
CA SER B 76 -32.21 -6.04 17.91
C SER B 76 -32.83 -5.58 16.60
N HIS B 77 -32.05 -4.88 15.79
CA HIS B 77 -32.54 -4.37 14.52
C HIS B 77 -31.56 -4.61 13.39
N SER B 78 -30.86 -5.75 13.44
CA SER B 78 -29.91 -6.11 12.40
C SER B 78 -29.71 -7.63 12.35
N PRO B 79 -28.97 -8.11 11.34
CA PRO B 79 -28.79 -9.56 11.18
C PRO B 79 -28.26 -10.23 12.45
N ASP B 80 -28.73 -11.45 12.73
CA ASP B 80 -28.29 -12.21 13.89
C ASP B 80 -26.97 -12.93 13.64
N GLN B 81 -26.67 -13.16 12.36
CA GLN B 81 -25.50 -13.92 11.95
C GLN B 81 -25.05 -13.49 10.57
N VAL B 82 -23.76 -13.64 10.29
CA VAL B 82 -23.25 -13.48 8.93
C VAL B 82 -22.21 -14.56 8.64
N SER B 83 -22.00 -14.86 7.36
CA SER B 83 -20.93 -15.77 6.97
C SER B 83 -19.66 -14.95 6.78
N VAL B 84 -18.52 -15.50 7.19
CA VAL B 84 -17.26 -14.76 7.15
C VAL B 84 -16.13 -15.70 6.71
N PRO B 85 -15.27 -15.27 5.76
CA PRO B 85 -14.12 -16.10 5.39
C PRO B 85 -13.23 -16.37 6.61
N ILE B 86 -12.80 -17.62 6.81
CA ILE B 86 -12.04 -17.90 8.02
C ILE B 86 -10.69 -17.15 8.01
N SER B 87 -10.25 -16.69 6.84
CA SER B 87 -9.00 -15.93 6.80
C SER B 87 -9.15 -14.58 7.52
N SER B 88 -10.38 -14.15 7.78
CA SER B 88 -10.61 -12.91 8.53
C SER B 88 -10.73 -13.15 10.03
N LEU B 89 -10.67 -14.40 10.45
CA LEU B 89 -10.93 -14.78 11.85
C LEU B 89 -9.78 -15.56 12.47
N TRP B 90 -9.63 -15.47 13.79
CA TRP B 90 -8.84 -16.47 14.50
C TRP B 90 -9.63 -17.76 14.46
N VAL B 91 -8.94 -18.87 14.19
CA VAL B 91 -9.53 -20.20 14.16
C VAL B 91 -8.58 -21.10 14.96
N PRO B 92 -9.13 -22.00 15.79
CA PRO B 92 -8.19 -22.83 16.55
C PRO B 92 -7.32 -23.72 15.67
N ASP B 93 -6.07 -23.94 16.10
CA ASP B 93 -5.11 -24.69 15.29
C ASP B 93 -5.24 -26.18 15.58
N LEU B 94 -6.43 -26.72 15.34
CA LEU B 94 -6.67 -28.14 15.62
C LEU B 94 -5.94 -29.05 14.62
N ALA B 95 -5.51 -30.20 15.11
CA ALA B 95 -4.90 -31.23 14.29
C ALA B 95 -5.20 -32.60 14.90
N ALA B 96 -5.17 -33.64 14.08
CA ALA B 96 -5.36 -35.01 14.55
C ALA B 96 -4.01 -35.63 14.81
N TYR B 97 -3.81 -36.16 16.01
CA TYR B 97 -2.51 -36.67 16.42
C TYR B 97 -2.08 -37.91 15.63
N ASN B 98 -3.03 -38.61 15.02
CA ASN B 98 -2.69 -39.82 14.26
C ASN B 98 -3.08 -39.72 12.78
N ALA B 99 -3.16 -38.49 12.29
CA ALA B 99 -3.39 -38.27 10.87
C ALA B 99 -2.15 -38.68 10.08
N ILE B 100 -2.35 -39.29 8.91
CA ILE B 100 -1.23 -39.59 8.02
C ILE B 100 -1.39 -38.96 6.64
N SER B 101 -2.36 -38.07 6.49
CA SER B 101 -2.46 -37.22 5.31
C SER B 101 -2.93 -35.84 5.75
N LYS B 102 -2.73 -34.84 4.91
CA LYS B 102 -3.27 -33.51 5.20
C LYS B 102 -4.78 -33.56 5.24
N PRO B 103 -5.39 -32.75 6.11
CA PRO B 103 -6.85 -32.68 6.02
C PRO B 103 -7.25 -32.00 4.71
N GLU B 104 -8.12 -32.65 3.94
CA GLU B 104 -8.59 -32.12 2.68
C GLU B 104 -9.95 -31.46 2.93
N VAL B 105 -9.98 -30.12 2.92
CA VAL B 105 -11.24 -29.40 3.17
C VAL B 105 -12.11 -29.38 1.92
N LEU B 106 -13.28 -30.00 2.00
CA LEU B 106 -14.13 -30.16 0.80
C LEU B 106 -15.15 -29.04 0.58
N THR B 107 -15.28 -28.17 1.55
CA THR B 107 -16.34 -27.17 1.55
C THR B 107 -15.78 -25.75 1.57
N PRO B 108 -16.61 -24.75 1.21
CA PRO B 108 -16.18 -23.35 1.28
C PRO B 108 -15.68 -22.97 2.68
N GLN B 109 -14.54 -22.31 2.74
CA GLN B 109 -13.91 -22.03 4.03
C GLN B 109 -14.50 -20.75 4.64
N LEU B 110 -15.78 -20.85 5.00
CA LEU B 110 -16.53 -19.79 5.68
C LEU B 110 -16.99 -20.28 7.05
N ALA B 111 -16.98 -19.38 8.03
CA ALA B 111 -17.59 -19.61 9.33
C ALA B 111 -18.82 -18.71 9.50
N ARG B 112 -19.68 -19.04 10.46
CA ARG B 112 -20.75 -18.14 10.87
C ARG B 112 -20.31 -17.37 12.10
N VAL B 113 -20.50 -16.05 12.12
CA VAL B 113 -20.31 -15.30 13.35
C VAL B 113 -21.67 -14.84 13.84
N VAL B 114 -21.98 -15.18 15.09
CA VAL B 114 -23.26 -14.87 15.70
C VAL B 114 -23.14 -13.56 16.48
N SER B 115 -24.23 -12.80 16.58
CA SER B 115 -24.15 -11.48 17.17
C SER B 115 -23.77 -11.50 18.65
N ASP B 116 -23.80 -12.66 19.29
CA ASP B 116 -23.32 -12.74 20.67
C ASP B 116 -21.82 -13.06 20.72
N GLY B 117 -21.21 -13.17 19.55
CA GLY B 117 -19.78 -13.40 19.47
C GLY B 117 -19.38 -14.85 19.29
N GLU B 118 -20.37 -15.74 19.20
CA GLU B 118 -20.07 -17.14 18.92
C GLU B 118 -19.60 -17.29 17.47
N VAL B 119 -18.59 -18.12 17.27
CA VAL B 119 -18.15 -18.45 15.92
C VAL B 119 -18.42 -19.92 15.67
N LEU B 120 -19.03 -20.23 14.53
CA LEU B 120 -19.38 -21.60 14.16
C LEU B 120 -18.70 -21.95 12.86
N TYR B 121 -17.86 -22.97 12.88
CA TYR B 121 -17.12 -23.38 11.68
C TYR B 121 -17.27 -24.88 11.54
N MET B 122 -17.75 -25.32 10.39
CA MET B 122 -17.97 -26.76 10.22
C MET B 122 -17.58 -27.23 8.81
N PRO B 123 -16.28 -27.41 8.57
CA PRO B 123 -15.79 -27.94 7.30
C PRO B 123 -16.10 -29.42 7.15
N SER B 124 -16.34 -29.84 5.92
CA SER B 124 -16.32 -31.26 5.60
C SER B 124 -14.88 -31.60 5.24
N ILE B 125 -14.34 -32.63 5.88
CA ILE B 125 -12.93 -32.97 5.76
C ILE B 125 -12.76 -34.42 5.34
N ARG B 126 -11.89 -34.64 4.36
CA ARG B 126 -11.44 -35.97 4.02
C ARG B 126 -10.01 -36.12 4.52
N GLN B 127 -9.72 -37.21 5.22
CA GLN B 127 -8.40 -37.38 5.83
C GLN B 127 -8.13 -38.85 6.12
N ARG B 128 -6.85 -39.21 6.12
CA ARG B 128 -6.45 -40.59 6.39
C ARG B 128 -5.79 -40.72 7.75
N PHE B 129 -6.03 -41.85 8.42
CA PHE B 129 -5.54 -42.04 9.77
C PHE B 129 -4.92 -43.41 9.97
N SER B 130 -3.98 -43.48 10.90
CA SER B 130 -3.46 -44.72 11.43
C SER B 130 -4.23 -45.09 12.69
N CYS B 131 -4.95 -46.19 12.65
CA CYS B 131 -5.73 -46.63 13.81
C CYS B 131 -6.04 -48.11 13.70
N ASP B 132 -6.64 -48.66 14.75
CA ASP B 132 -6.91 -50.10 14.82
C ASP B 132 -8.07 -50.52 13.93
N VAL B 133 -7.76 -51.21 12.84
CA VAL B 133 -8.77 -51.65 11.87
C VAL B 133 -9.12 -53.13 12.08
N SER B 134 -8.49 -53.77 13.06
CA SER B 134 -8.73 -55.20 13.28
C SER B 134 -10.18 -55.42 13.69
N GLY B 135 -10.81 -56.44 13.10
CA GLY B 135 -12.16 -56.82 13.45
C GLY B 135 -13.21 -56.21 12.55
N VAL B 136 -12.78 -55.41 11.57
CA VAL B 136 -13.71 -54.65 10.75
C VAL B 136 -14.70 -55.56 10.01
N ASP B 137 -14.28 -56.80 9.73
CA ASP B 137 -15.15 -57.76 9.06
C ASP B 137 -15.90 -58.68 10.02
N THR B 138 -15.93 -58.33 11.30
CA THR B 138 -16.68 -59.11 12.27
C THR B 138 -17.95 -58.38 12.70
N GLU B 139 -18.86 -59.12 13.31
CA GLU B 139 -20.07 -58.54 13.87
C GLU B 139 -19.75 -57.39 14.83
N SER B 140 -18.69 -57.55 15.62
CA SER B 140 -18.38 -56.57 16.64
C SER B 140 -17.62 -55.35 16.06
N GLY B 141 -17.04 -55.52 14.88
CA GLY B 141 -16.44 -54.41 14.14
C GLY B 141 -15.07 -53.99 14.63
N ALA B 142 -14.52 -52.97 13.98
CA ALA B 142 -13.25 -52.38 14.40
C ALA B 142 -13.54 -51.15 15.26
N THR B 143 -12.58 -50.76 16.09
CA THR B 143 -12.69 -49.48 16.80
C THR B 143 -11.46 -48.62 16.53
N CYS B 144 -11.63 -47.66 15.64
CA CYS B 144 -10.58 -46.73 15.24
C CYS B 144 -10.67 -45.43 16.06
N ARG B 145 -9.63 -45.10 16.78
CA ARG B 145 -9.64 -43.92 17.61
C ARG B 145 -8.82 -42.81 17.00
N ILE B 146 -9.38 -41.60 17.05
CA ILE B 146 -8.74 -40.40 16.50
C ILE B 146 -8.70 -39.33 17.56
N LYS B 147 -7.52 -38.78 17.85
CA LYS B 147 -7.41 -37.69 18.81
C LYS B 147 -7.18 -36.37 18.11
N ILE B 148 -8.02 -35.38 18.43
CA ILE B 148 -7.93 -34.05 17.83
C ILE B 148 -7.84 -32.97 18.91
N GLY B 149 -6.85 -32.09 18.78
CA GLY B 149 -6.70 -31.00 19.71
C GLY B 149 -5.82 -29.90 19.12
N SER B 150 -5.63 -28.83 19.88
CA SER B 150 -4.74 -27.75 19.44
C SER B 150 -3.33 -28.27 19.30
N TRP B 151 -2.68 -27.92 18.19
CA TRP B 151 -1.31 -28.36 17.97
C TRP B 151 -0.31 -27.61 18.85
N THR B 152 -0.52 -26.31 19.03
CA THR B 152 0.49 -25.50 19.71
C THR B 152 0.03 -24.84 21.01
N HIS B 153 -1.26 -24.90 21.33
CA HIS B 153 -1.79 -24.25 22.55
C HIS B 153 -2.10 -25.26 23.65
N HIS B 154 -1.43 -25.13 24.79
CA HIS B 154 -1.64 -26.09 25.87
C HIS B 154 -2.94 -25.77 26.64
N SER B 155 -3.23 -26.57 27.67
CA SER B 155 -4.53 -26.51 28.33
CA SER B 155 -4.50 -26.52 28.38
C SER B 155 -4.86 -25.17 28.98
N ARG B 156 -3.88 -24.35 29.30
CA ARG B 156 -4.18 -23.05 29.91
C ARG B 156 -4.58 -22.02 28.86
N GLU B 157 -4.39 -22.37 27.58
CA GLU B 157 -4.72 -21.45 26.50
C GLU B 157 -5.96 -21.89 25.70
N ILE B 158 -6.05 -23.19 25.42
CA ILE B 158 -7.21 -23.75 24.74
C ILE B 158 -7.71 -25.00 25.45
N SER B 159 -9.00 -25.05 25.73
CA SER B 159 -9.59 -26.30 26.19
C SER B 159 -10.52 -26.85 25.10
N VAL B 160 -10.62 -28.17 25.05
CA VAL B 160 -11.45 -28.82 24.04
C VAL B 160 -12.62 -29.56 24.72
N ASP B 161 -13.83 -29.22 24.31
CA ASP B 161 -15.05 -29.75 24.90
C ASP B 161 -15.85 -30.52 23.87
N PRO B 162 -16.02 -31.83 24.07
CA PRO B 162 -16.95 -32.54 23.18
C PRO B 162 -18.41 -32.14 23.46
N THR B 163 -19.28 -32.23 22.46
CA THR B 163 -20.67 -31.83 22.63
C THR B 163 -21.67 -32.97 22.43
N THR B 164 -21.19 -34.06 21.84
CA THR B 164 -22.03 -35.22 21.58
C THR B 164 -21.23 -36.46 21.93
N GLU B 165 -21.29 -36.85 23.20
CA GLU B 165 -20.41 -37.91 23.66
C GLU B 165 -20.69 -39.28 23.04
N ASN B 166 -21.95 -39.58 22.74
CA ASN B 166 -22.29 -40.91 22.28
C ASN B 166 -23.37 -40.90 21.20
N SER B 167 -23.14 -41.61 20.11
CA SER B 167 -24.07 -41.57 18.99
C SER B 167 -23.81 -42.72 18.03
N ASP B 168 -24.79 -43.05 17.19
CA ASP B 168 -24.51 -44.01 16.14
C ASP B 168 -24.39 -43.28 14.81
N ASP B 169 -24.62 -41.98 14.85
CA ASP B 169 -24.39 -41.13 13.69
C ASP B 169 -25.33 -41.47 12.51
N SER B 170 -26.46 -42.08 12.80
CA SER B 170 -27.36 -42.51 11.72
C SER B 170 -27.91 -41.31 10.97
N GLU B 171 -27.94 -40.15 11.61
CA GLU B 171 -28.43 -38.95 10.93
C GLU B 171 -27.49 -38.47 9.81
N TYR B 172 -26.20 -38.80 9.89
CA TYR B 172 -25.21 -38.20 8.98
C TYR B 172 -24.52 -39.18 8.04
N PHE B 173 -24.36 -40.42 8.47
CA PHE B 173 -23.55 -41.38 7.73
C PHE B 173 -24.24 -41.83 6.43
N SER B 174 -23.47 -41.87 5.34
CA SER B 174 -24.01 -42.27 4.05
C SER B 174 -24.60 -43.68 4.06
N GLN B 175 -25.83 -43.81 3.59
CA GLN B 175 -26.48 -45.11 3.50
C GLN B 175 -25.81 -45.96 2.43
N TYR B 176 -25.05 -45.32 1.55
CA TYR B 176 -24.48 -46.02 0.40
C TYR B 176 -23.07 -46.50 0.67
N SER B 177 -22.55 -46.22 1.86
CA SER B 177 -21.22 -46.69 2.22
C SER B 177 -21.18 -48.22 2.28
N ARG B 178 -19.99 -48.75 2.06
CA ARG B 178 -19.65 -50.17 2.20
C ARG B 178 -19.74 -50.60 3.67
N PHE B 179 -19.60 -49.62 4.55
CA PHE B 179 -19.50 -49.84 5.98
C PHE B 179 -20.72 -49.29 6.72
N GLU B 180 -20.90 -49.70 7.97
CA GLU B 180 -21.93 -49.13 8.83
C GLU B 180 -21.34 -48.78 10.17
N ILE B 181 -21.85 -47.72 10.78
CA ILE B 181 -21.37 -47.30 12.08
C ILE B 181 -22.17 -47.94 13.21
N LEU B 182 -21.46 -48.53 14.16
CA LEU B 182 -22.10 -49.16 15.32
C LEU B 182 -22.22 -48.19 16.48
N ASP B 183 -21.15 -47.45 16.71
CA ASP B 183 -21.11 -46.50 17.80
C ASP B 183 -20.00 -45.48 17.57
N VAL B 184 -20.24 -44.24 17.96
CA VAL B 184 -19.20 -43.23 18.00
C VAL B 184 -19.19 -42.58 19.37
N THR B 185 -18.05 -42.62 20.06
CA THR B 185 -17.94 -41.89 21.30
C THR B 185 -16.89 -40.79 21.15
N GLN B 186 -17.12 -39.70 21.85
CA GLN B 186 -16.25 -38.54 21.78
C GLN B 186 -16.04 -38.03 23.19
N LYS B 187 -14.82 -38.21 23.70
CA LYS B 187 -14.54 -37.92 25.11
C LYS B 187 -13.33 -37.04 25.31
N LYS B 188 -13.34 -36.28 26.41
CA LYS B 188 -12.21 -35.46 26.78
C LYS B 188 -10.99 -36.33 27.09
N ASN B 189 -9.83 -35.84 26.69
CA ASN B 189 -8.58 -36.54 26.95
C ASN B 189 -7.51 -35.46 26.95
N SER B 190 -6.34 -35.77 27.49
CA SER B 190 -5.22 -34.84 27.38
CA SER B 190 -5.21 -34.84 27.45
C SER B 190 -3.94 -35.62 27.14
N VAL B 191 -3.02 -35.01 26.41
CA VAL B 191 -1.77 -35.67 26.11
C VAL B 191 -0.61 -34.82 26.61
N THR B 192 0.46 -35.50 26.95
CA THR B 192 1.72 -34.82 27.24
C THR B 192 2.86 -35.70 26.75
N TYR B 193 3.95 -35.09 26.33
CA TYR B 193 5.12 -35.80 25.79
C TYR B 193 6.40 -35.18 26.32
N SER B 194 7.46 -35.97 26.30
CA SER B 194 8.78 -35.52 26.73
C SER B 194 9.20 -34.24 25.99
N CYS B 195 8.84 -34.16 24.71
CA CYS B 195 9.22 -33.03 23.87
C CYS B 195 8.57 -31.75 24.39
N CYS B 196 7.36 -31.91 24.92
CA CYS B 196 6.44 -30.82 25.15
C CYS B 196 5.64 -31.10 26.43
N PRO B 197 6.19 -30.69 27.58
CA PRO B 197 5.80 -31.07 28.94
C PRO B 197 4.48 -30.48 29.43
N GLU B 198 3.95 -29.49 28.72
CA GLU B 198 2.62 -28.97 29.00
C GLU B 198 1.59 -30.06 28.75
N ALA B 199 0.39 -29.87 29.28
CA ALA B 199 -0.73 -30.74 28.93
C ALA B 199 -1.50 -30.13 27.77
N TYR B 200 -1.89 -30.96 26.82
CA TYR B 200 -2.67 -30.53 25.66
C TYR B 200 -4.00 -31.27 25.66
N GLU B 201 -5.10 -30.53 25.61
CA GLU B 201 -6.42 -31.16 25.60
C GLU B 201 -6.74 -31.66 24.20
N ASP B 202 -7.55 -32.71 24.14
CA ASP B 202 -8.03 -33.22 22.86
C ASP B 202 -9.40 -33.83 23.03
N VAL B 203 -10.09 -34.04 21.92
CA VAL B 203 -11.24 -34.90 21.98
C VAL B 203 -10.82 -36.23 21.41
N GLU B 204 -11.05 -37.30 22.16
CA GLU B 204 -10.77 -38.63 21.63
C GLU B 204 -12.04 -39.21 21.02
N VAL B 205 -11.96 -39.52 19.72
CA VAL B 205 -13.12 -39.95 18.96
C VAL B 205 -12.95 -41.43 18.64
N SER B 206 -13.83 -42.26 19.18
CA SER B 206 -13.73 -43.70 18.97
C SER B 206 -14.81 -44.15 18.02
N LEU B 207 -14.39 -44.55 16.82
CA LEU B 207 -15.30 -44.95 15.74
C LEU B 207 -15.42 -46.46 15.66
N ASN B 208 -16.55 -47.00 16.13
CA ASN B 208 -16.80 -48.43 16.03
C ASN B 208 -17.67 -48.69 14.79
N PHE B 209 -17.12 -49.43 13.84
CA PHE B 209 -17.78 -49.64 12.55
C PHE B 209 -17.43 -51.03 12.02
N ARG B 210 -18.20 -51.49 11.04
CA ARG B 210 -17.94 -52.79 10.42
C ARG B 210 -18.37 -52.79 8.95
N LYS B 211 -17.82 -53.73 8.18
CA LYS B 211 -18.29 -53.93 6.82
C LYS B 211 -19.72 -54.46 6.85
N LYS B 212 -20.59 -53.92 6.01
CA LYS B 212 -21.96 -54.39 5.93
C LYS B 212 -22.03 -55.81 5.40
N GLY B 213 -22.99 -56.59 5.91
CA GLY B 213 -23.22 -57.94 5.44
C GLY B 213 -24.48 -57.99 4.59
N ASP C 10 -2.55 -7.94 25.41
CA ASP C 10 -1.17 -8.30 25.74
C ASP C 10 -0.56 -9.21 24.66
N ARG C 11 -1.30 -10.23 24.24
CA ARG C 11 -0.78 -11.15 23.23
C ARG C 11 -0.65 -10.44 21.88
N ALA C 12 -1.64 -9.60 21.55
CA ALA C 12 -1.56 -8.83 20.31
C ALA C 12 -0.31 -7.95 20.32
N ASP C 13 0.01 -7.38 21.48
CA ASP C 13 1.17 -6.50 21.57
C ASP C 13 2.47 -7.29 21.37
N ILE C 14 2.51 -8.51 21.89
CA ILE C 14 3.71 -9.34 21.72
C ILE C 14 3.89 -9.70 20.24
N LEU C 15 2.80 -10.08 19.58
CA LEU C 15 2.84 -10.39 18.15
C LEU C 15 3.28 -9.18 17.32
N TYR C 16 2.77 -8.00 17.67
CA TYR C 16 3.19 -6.75 17.03
C TYR C 16 4.69 -6.52 17.20
N ASN C 17 5.18 -6.68 18.42
CA ASN C 17 6.61 -6.52 18.70
C ASN C 17 7.44 -7.49 17.86
N ILE C 18 7.05 -8.75 17.85
CA ILE C 18 7.76 -9.78 17.08
C ILE C 18 7.83 -9.39 15.60
N ARG C 19 6.69 -8.97 15.05
CA ARG C 19 6.64 -8.56 13.65
C ARG C 19 7.43 -7.30 13.33
N GLN C 20 7.50 -6.36 14.27
CA GLN C 20 8.34 -5.18 14.06
C GLN C 20 9.82 -5.58 13.98
N THR C 21 10.19 -6.62 14.73
CA THR C 21 11.60 -6.96 14.94
C THR C 21 12.09 -8.09 14.06
N SER C 22 11.18 -9.01 13.74
CA SER C 22 11.53 -10.20 12.99
C SER C 22 11.99 -9.85 11.58
N ARG C 23 13.02 -10.54 11.14
CA ARG C 23 13.49 -10.47 9.77
C ARG C 23 13.47 -11.88 9.23
N PRO C 24 12.37 -12.27 8.59
CA PRO C 24 12.16 -13.66 8.22
C PRO C 24 13.19 -14.20 7.24
N ASP C 25 13.89 -13.34 6.51
CA ASP C 25 14.85 -13.87 5.53
C ASP C 25 16.30 -13.82 6.01
N VAL C 26 16.53 -13.33 7.23
CA VAL C 26 17.90 -13.15 7.72
C VAL C 26 18.21 -14.07 8.91
N ILE C 27 19.33 -14.81 8.85
CA ILE C 27 19.66 -15.73 9.95
C ILE C 27 19.91 -14.89 11.19
N PRO C 28 19.42 -15.35 12.36
CA PRO C 28 19.51 -14.53 13.58
C PRO C 28 20.86 -14.70 14.28
N THR C 29 21.95 -14.38 13.58
CA THR C 29 23.27 -14.59 14.16
C THR C 29 23.55 -13.56 15.26
N GLN C 30 24.11 -14.03 16.37
CA GLN C 30 24.52 -13.14 17.45
C GLN C 30 26.05 -13.03 17.41
N ARG C 31 26.56 -11.80 17.37
CA ARG C 31 28.00 -11.55 17.32
C ARG C 31 28.77 -12.42 16.30
N ASP C 32 28.20 -12.62 15.11
CA ASP C 32 28.90 -13.33 14.04
C ASP C 32 29.06 -14.82 14.34
N ARG C 33 28.35 -15.31 15.35
CA ARG C 33 28.43 -16.73 15.70
C ARG C 33 27.45 -17.56 14.89
N PRO C 34 27.73 -18.86 14.74
CA PRO C 34 26.78 -19.75 14.07
C PRO C 34 25.46 -19.74 14.81
N VAL C 35 24.35 -19.84 14.08
CA VAL C 35 23.06 -20.06 14.73
C VAL C 35 22.90 -21.53 15.07
N ALA C 36 22.72 -21.84 16.36
CA ALA C 36 22.56 -23.21 16.80
C ALA C 36 21.13 -23.68 16.61
N VAL C 37 20.96 -24.68 15.76
CA VAL C 37 19.62 -25.22 15.52
C VAL C 37 19.55 -26.65 16.06
N SER C 38 18.69 -26.87 17.04
CA SER C 38 18.57 -28.21 17.61
C SER C 38 17.48 -28.96 16.88
N VAL C 39 17.74 -30.20 16.48
CA VAL C 39 16.75 -30.94 15.69
C VAL C 39 16.64 -32.37 16.21
N SER C 40 15.41 -32.85 16.32
CA SER C 40 15.16 -34.21 16.75
C SER C 40 13.89 -34.74 16.09
N LEU C 41 14.02 -35.83 15.34
CA LEU C 41 12.87 -36.46 14.71
C LEU C 41 12.24 -37.44 15.67
N LYS C 42 10.93 -37.31 15.90
CA LYS C 42 10.18 -38.28 16.67
C LYS C 42 9.32 -39.10 15.74
N PHE C 43 9.67 -40.35 15.48
CA PHE C 43 8.94 -41.08 14.45
C PHE C 43 7.58 -41.49 14.98
N ILE C 44 6.55 -41.30 14.16
CA ILE C 44 5.19 -41.63 14.53
C ILE C 44 4.72 -42.87 13.79
N ASN C 45 5.08 -42.97 12.53
CA ASN C 45 4.67 -44.14 11.75
C ASN C 45 5.62 -44.46 10.64
N ILE C 46 5.62 -45.73 10.25
CA ILE C 46 6.32 -46.18 9.06
C ILE C 46 5.23 -46.80 8.19
N LEU C 47 4.91 -46.12 7.10
CA LEU C 47 3.69 -46.41 6.38
C LEU C 47 3.90 -47.39 5.26
N GLU C 48 4.99 -47.21 4.55
CA GLU C 48 5.30 -48.10 3.43
C GLU C 48 6.80 -48.33 3.38
N VAL C 49 7.18 -49.56 3.09
CA VAL C 49 8.58 -49.92 2.96
C VAL C 49 8.70 -50.82 1.76
N ASN C 50 9.72 -50.60 0.95
CA ASN C 50 9.91 -51.42 -0.25
C ASN C 50 11.34 -51.93 -0.29
N GLU C 51 11.49 -53.24 -0.15
CA GLU C 51 12.82 -53.83 -0.02
C GLU C 51 13.50 -53.93 -1.39
N ILE C 52 12.69 -53.97 -2.45
CA ILE C 52 13.22 -53.97 -3.82
C ILE C 52 13.80 -52.62 -4.25
N THR C 53 13.10 -51.53 -3.93
CA THR C 53 13.51 -50.19 -4.37
C THR C 53 14.29 -49.43 -3.29
N ASN C 54 14.32 -49.99 -2.08
CA ASN C 54 14.98 -49.34 -0.96
C ASN C 54 14.36 -47.96 -0.70
N GLU C 55 13.04 -47.93 -0.49
CA GLU C 55 12.37 -46.68 -0.17
C GLU C 55 11.47 -46.86 1.04
N VAL C 56 11.32 -45.81 1.84
CA VAL C 56 10.38 -45.84 2.95
C VAL C 56 9.51 -44.58 2.91
N ASP C 57 8.35 -44.70 3.54
CA ASP C 57 7.35 -43.62 3.61
C ASP C 57 7.06 -43.49 5.09
N VAL C 58 7.42 -42.36 5.71
CA VAL C 58 7.34 -42.23 7.16
C VAL C 58 6.67 -40.93 7.57
N VAL C 59 6.20 -40.90 8.81
CA VAL C 59 5.66 -39.71 9.46
C VAL C 59 6.45 -39.48 10.72
N PHE C 60 6.92 -38.26 10.92
CA PHE C 60 7.67 -37.92 12.12
C PHE C 60 7.34 -36.51 12.56
N TRP C 61 7.48 -36.24 13.86
CA TRP C 61 7.43 -34.86 14.34
C TRP C 61 8.86 -34.34 14.34
N GLN C 62 9.08 -33.21 13.68
CA GLN C 62 10.42 -32.67 13.59
C GLN C 62 10.61 -31.59 14.65
N GLN C 63 11.06 -31.99 15.83
CA GLN C 63 11.22 -31.05 16.91
C GLN C 63 12.43 -30.16 16.59
N THR C 64 12.16 -28.88 16.40
CA THR C 64 13.19 -27.93 15.97
C THR C 64 13.23 -26.71 16.88
N THR C 65 14.41 -26.35 17.39
CA THR C 65 14.49 -25.14 18.20
C THR C 65 15.73 -24.32 17.89
N TRP C 66 15.64 -23.02 18.11
CA TRP C 66 16.75 -22.09 17.92
C TRP C 66 16.42 -20.82 18.69
N SER C 67 17.33 -19.86 18.72
CA SER C 67 17.07 -18.60 19.42
CA SER C 67 17.01 -18.61 19.40
C SER C 67 17.23 -17.38 18.51
N ASP C 68 16.38 -16.39 18.74
CA ASP C 68 16.57 -15.09 18.15
C ASP C 68 16.34 -14.12 19.29
N ARG C 69 17.44 -13.72 19.92
CA ARG C 69 17.37 -12.95 21.15
C ARG C 69 16.72 -11.61 20.93
N THR C 70 16.68 -11.13 19.69
CA THR C 70 16.06 -9.84 19.41
C THR C 70 14.55 -9.90 19.58
N LEU C 71 14.00 -11.11 19.68
CA LEU C 71 12.56 -11.27 19.86
C LEU C 71 12.14 -11.26 21.33
N ALA C 72 13.10 -11.32 22.24
CA ALA C 72 12.79 -11.51 23.65
C ALA C 72 12.01 -10.32 24.22
N TRP C 73 11.20 -10.56 25.26
CA TRP C 73 10.50 -9.46 25.94
C TRP C 73 10.46 -9.75 27.44
N ASN C 74 10.17 -8.72 28.23
CA ASN C 74 10.03 -8.92 29.68
C ASN C 74 8.66 -9.50 30.01
N SER C 75 8.63 -10.73 30.49
CA SER C 75 7.34 -11.40 30.72
C SER C 75 7.00 -11.51 32.21
N SER C 76 7.52 -10.61 33.03
CA SER C 76 7.25 -10.66 34.46
C SER C 76 5.76 -10.42 34.72
N HIS C 77 5.09 -9.71 33.82
CA HIS C 77 3.65 -9.51 33.95
C HIS C 77 2.97 -9.59 32.59
N SER C 78 3.42 -10.55 31.79
CA SER C 78 2.76 -10.82 30.52
C SER C 78 3.03 -12.27 30.13
N PRO C 79 2.35 -12.74 29.07
CA PRO C 79 2.55 -14.11 28.61
C PRO C 79 4.03 -14.38 28.34
N ASP C 80 4.54 -15.56 28.67
CA ASP C 80 5.94 -15.85 28.36
C ASP C 80 6.10 -16.70 27.10
N GLN C 81 4.99 -17.03 26.43
CA GLN C 81 5.02 -17.69 25.12
C GLN C 81 3.81 -17.30 24.31
N VAL C 82 3.96 -17.19 23.00
CA VAL C 82 2.80 -17.05 22.11
C VAL C 82 3.00 -17.94 20.87
N SER C 83 1.90 -18.33 20.24
CA SER C 83 1.98 -19.03 18.94
C SER C 83 2.06 -18.01 17.80
N VAL C 84 2.91 -18.29 16.82
CA VAL C 84 3.19 -17.34 15.74
C VAL C 84 3.25 -18.07 14.40
N PRO C 85 2.55 -17.55 13.38
CA PRO C 85 2.68 -18.15 12.05
C PRO C 85 4.15 -18.15 11.62
N ILE C 86 4.65 -19.25 11.08
CA ILE C 86 6.09 -19.26 10.77
C ILE C 86 6.40 -18.30 9.63
N SER C 87 5.38 -17.89 8.87
CA SER C 87 5.60 -16.87 7.82
C SER C 87 6.11 -15.55 8.40
N SER C 88 5.87 -15.32 9.69
CA SER C 88 6.36 -14.13 10.37
C SER C 88 7.79 -14.26 10.91
N LEU C 89 8.35 -15.47 10.84
CA LEU C 89 9.63 -15.78 11.48
C LEU C 89 10.70 -16.26 10.50
N TRP C 90 11.97 -16.03 10.84
CA TRP C 90 13.02 -16.77 10.19
C TRP C 90 12.90 -18.23 10.65
N VAL C 91 13.05 -19.16 9.72
CA VAL C 91 13.04 -20.58 10.05
CA VAL C 91 13.08 -20.57 10.10
C VAL C 91 14.21 -21.22 9.32
N PRO C 92 14.91 -22.16 9.97
CA PRO C 92 16.06 -22.75 9.30
C PRO C 92 15.65 -23.50 8.03
N ASP C 93 16.51 -23.43 7.00
CA ASP C 93 16.20 -24.02 5.71
C ASP C 93 16.63 -25.48 5.67
N LEU C 94 16.05 -26.29 6.56
CA LEU C 94 16.44 -27.68 6.67
C LEU C 94 15.91 -28.49 5.51
N ALA C 95 16.67 -29.50 5.12
CA ALA C 95 16.24 -30.45 4.09
C ALA C 95 16.91 -31.79 4.33
N ALA C 96 16.27 -32.86 3.89
CA ALA C 96 16.87 -34.19 3.97
C ALA C 96 17.59 -34.49 2.68
N TYR C 97 18.85 -34.88 2.80
CA TYR C 97 19.70 -35.15 1.65
C TYR C 97 19.25 -36.36 0.83
N ASN C 98 18.47 -37.25 1.43
CA ASN C 98 18.02 -38.44 0.71
C ASN C 98 16.50 -38.52 0.58
N ALA C 99 15.84 -37.38 0.71
CA ALA C 99 14.40 -37.31 0.43
C ALA C 99 14.14 -37.49 -1.06
N ILE C 100 13.10 -38.26 -1.36
CA ILE C 100 12.65 -38.45 -2.74
C ILE C 100 11.20 -37.96 -2.94
N SER C 101 10.67 -37.23 -1.95
CA SER C 101 9.40 -36.54 -2.10
C SER C 101 9.46 -35.25 -1.29
N LYS C 102 8.57 -34.32 -1.57
CA LYS C 102 8.48 -33.09 -0.82
C LYS C 102 8.04 -33.41 0.60
N PRO C 103 8.51 -32.64 1.58
CA PRO C 103 7.94 -32.85 2.91
C PRO C 103 6.50 -32.35 2.97
N GLU C 104 5.57 -33.23 3.34
CA GLU C 104 4.18 -32.84 3.48
C GLU C 104 3.91 -32.50 4.93
N VAL C 105 3.64 -31.22 5.20
CA VAL C 105 3.41 -30.79 6.56
C VAL C 105 1.94 -31.02 6.91
N LEU C 106 1.70 -31.85 7.92
CA LEU C 106 0.36 -32.30 8.26
C LEU C 106 -0.33 -31.43 9.30
N THR C 107 0.40 -30.48 9.87
CA THR C 107 -0.08 -29.72 11.02
C THR C 107 -0.05 -28.23 10.76
N PRO C 108 -0.74 -27.45 11.60
CA PRO C 108 -0.76 -25.99 11.46
C PRO C 108 0.64 -25.42 11.50
N GLN C 109 0.97 -24.53 10.56
CA GLN C 109 2.31 -24.01 10.45
C GLN C 109 2.52 -22.84 11.41
N LEU C 110 2.55 -23.17 12.68
CA LEU C 110 2.75 -22.18 13.74
C LEU C 110 3.93 -22.63 14.59
N ALA C 111 4.70 -21.67 15.08
CA ALA C 111 5.79 -21.93 16.02
C ALA C 111 5.43 -21.27 17.35
N ARG C 112 6.09 -21.67 18.42
CA ARG C 112 5.98 -20.94 19.68
C ARG C 112 7.19 -20.03 19.84
N VAL C 113 6.96 -18.77 20.19
CA VAL C 113 8.06 -17.89 20.56
C VAL C 113 8.01 -17.70 22.08
N VAL C 114 9.14 -17.94 22.73
CA VAL C 114 9.27 -17.80 24.17
C VAL C 114 9.84 -16.42 24.49
N SER C 115 9.49 -15.86 25.64
CA SER C 115 9.88 -14.49 25.93
C SER C 115 11.39 -14.31 26.06
N ASP C 116 12.15 -15.39 26.17
CA ASP C 116 13.61 -15.28 26.17
C ASP C 116 14.16 -15.35 24.76
N GLY C 117 13.29 -15.47 23.77
CA GLY C 117 13.71 -15.47 22.38
C GLY C 117 13.89 -16.84 21.74
N GLU C 118 13.69 -17.91 22.49
CA GLU C 118 13.73 -19.24 21.90
C GLU C 118 12.52 -19.41 20.97
N VAL C 119 12.73 -20.11 19.85
CA VAL C 119 11.62 -20.39 18.95
C VAL C 119 11.47 -21.90 18.87
N LEU C 120 10.24 -22.38 19.01
CA LEU C 120 9.99 -23.82 18.99
C LEU C 120 9.06 -24.15 17.84
N TYR C 121 9.53 -25.00 16.93
CA TYR C 121 8.73 -25.36 15.76
C TYR C 121 8.73 -26.88 15.61
N MET C 122 7.54 -27.48 15.55
CA MET C 122 7.50 -28.93 15.49
C MET C 122 6.37 -29.44 14.59
N PRO C 123 6.58 -29.38 13.27
CA PRO C 123 5.61 -29.90 12.32
C PRO C 123 5.59 -31.42 12.32
N SER C 124 4.41 -31.98 12.07
CA SER C 124 4.33 -33.38 11.72
C SER C 124 4.51 -33.45 10.22
N ILE C 125 5.44 -34.28 9.76
CA ILE C 125 5.80 -34.33 8.36
C ILE C 125 5.70 -35.76 7.84
N ARG C 126 5.10 -35.92 6.67
CA ARG C 126 5.13 -37.19 5.97
C ARG C 126 6.06 -37.05 4.77
N GLN C 127 6.99 -37.99 4.60
CA GLN C 127 8.00 -37.84 3.55
C GLN C 127 8.56 -39.20 3.17
N ARG C 128 9.02 -39.31 1.93
CA ARG C 128 9.62 -40.54 1.43
C ARG C 128 11.13 -40.38 1.27
N PHE C 129 11.85 -41.46 1.54
CA PHE C 129 13.30 -41.45 1.53
C PHE C 129 13.87 -42.66 0.80
N SER C 130 15.06 -42.45 0.22
CA SER C 130 15.87 -43.54 -0.31
C SER C 130 16.88 -43.97 0.75
N CYS C 131 16.75 -45.20 1.24
CA CYS C 131 17.66 -45.68 2.28
C CYS C 131 17.69 -47.21 2.31
N ASP C 132 18.56 -47.77 3.13
CA ASP C 132 18.74 -49.21 3.16
C ASP C 132 17.62 -49.89 3.95
N VAL C 133 16.77 -50.60 3.23
CA VAL C 133 15.64 -51.32 3.80
C VAL C 133 15.95 -52.83 3.93
N SER C 134 17.16 -53.23 3.55
CA SER C 134 17.53 -54.66 3.67
C SER C 134 17.49 -55.10 5.13
N GLY C 135 16.91 -56.27 5.37
CA GLY C 135 16.87 -56.82 6.71
C GLY C 135 15.60 -56.50 7.48
N VAL C 136 14.66 -55.80 6.84
CA VAL C 136 13.47 -55.32 7.53
C VAL C 136 12.63 -56.49 8.05
N ASP C 137 12.68 -57.63 7.37
CA ASP C 137 11.92 -58.80 7.79
C ASP C 137 12.75 -59.76 8.65
N THR C 138 13.84 -59.26 9.25
CA THR C 138 14.67 -60.07 10.13
C THR C 138 14.64 -59.54 11.56
N GLU C 139 15.08 -60.35 12.53
CA GLU C 139 15.05 -59.96 13.93
C GLU C 139 15.87 -58.71 14.23
N SER C 140 16.99 -58.54 13.53
CA SER C 140 17.85 -57.39 13.81
C SER C 140 17.40 -56.16 13.04
N GLY C 141 16.56 -56.37 12.03
CA GLY C 141 15.87 -55.30 11.34
C GLY C 141 16.64 -54.56 10.28
N ALA C 142 16.00 -53.52 9.73
CA ALA C 142 16.66 -52.65 8.75
C ALA C 142 17.19 -51.43 9.47
N THR C 143 18.21 -50.79 8.90
CA THR C 143 18.68 -49.51 9.44
C THR C 143 18.68 -48.46 8.34
N CYS C 144 17.64 -47.63 8.36
CA CYS C 144 17.42 -46.58 7.35
C CYS C 144 18.00 -45.25 7.86
N ARG C 145 19.00 -44.72 7.17
CA ARG C 145 19.63 -43.48 7.62
C ARG C 145 19.12 -42.27 6.86
N ILE C 146 18.72 -41.24 7.60
CA ILE C 146 18.22 -40.01 7.02
C ILE C 146 19.11 -38.86 7.46
N LYS C 147 19.65 -38.12 6.49
CA LYS C 147 20.53 -37.00 6.82
C LYS C 147 19.82 -35.66 6.62
N ILE C 148 19.79 -34.84 7.67
CA ILE C 148 19.09 -33.57 7.61
C ILE C 148 19.98 -32.41 8.04
N GLY C 149 20.00 -31.36 7.22
CA GLY C 149 20.84 -30.22 7.53
C GLY C 149 20.36 -28.98 6.78
N SER C 150 21.02 -27.86 7.03
CA SER C 150 20.70 -26.64 6.28
C SER C 150 21.05 -26.83 4.81
N TRP C 151 20.15 -26.46 3.90
CA TRP C 151 20.46 -26.66 2.48
C TRP C 151 21.53 -25.68 1.99
N THR C 152 21.45 -24.42 2.42
CA THR C 152 22.28 -23.36 1.84
C THR C 152 23.26 -22.71 2.82
N HIS C 153 23.11 -22.96 4.11
CA HIS C 153 24.00 -22.27 5.07
C HIS C 153 25.09 -23.21 5.56
N HIS C 154 26.34 -22.82 5.39
CA HIS C 154 27.41 -23.73 5.81
C HIS C 154 27.64 -23.62 7.32
N SER C 155 28.56 -24.43 7.84
CA SER C 155 28.74 -24.60 9.29
CA SER C 155 28.72 -24.60 9.29
C SER C 155 29.02 -23.30 10.04
N ARG C 156 29.68 -22.34 9.39
CA ARG C 156 29.94 -21.03 10.02
C ARG C 156 28.66 -20.23 10.28
N GLU C 157 27.59 -20.55 9.56
CA GLU C 157 26.35 -19.78 9.64
C GLU C 157 25.31 -20.50 10.48
N ILE C 158 25.16 -21.80 10.25
CA ILE C 158 24.22 -22.62 11.00
C ILE C 158 24.86 -23.91 11.47
N SER C 159 24.73 -24.19 12.76
CA SER C 159 25.16 -25.49 13.25
CA SER C 159 25.16 -25.46 13.31
C SER C 159 23.94 -26.30 13.67
N VAL C 160 23.89 -27.55 13.26
CA VAL C 160 22.75 -28.38 13.64
C VAL C 160 23.18 -29.39 14.71
N ASP C 161 22.40 -29.45 15.77
CA ASP C 161 22.68 -30.31 16.92
C ASP C 161 21.50 -31.24 17.17
N PRO C 162 21.76 -32.54 17.31
CA PRO C 162 20.69 -33.43 17.76
C PRO C 162 20.38 -33.18 19.24
N THR C 163 19.15 -33.47 19.67
CA THR C 163 18.79 -33.23 21.07
C THR C 163 18.84 -34.51 21.88
N THR C 164 18.36 -35.60 21.30
CA THR C 164 18.34 -36.91 21.94
C THR C 164 19.12 -37.90 21.08
N GLU C 165 20.33 -38.27 21.51
CA GLU C 165 21.18 -39.11 20.67
C GLU C 165 20.65 -40.53 20.50
N ASN C 166 19.92 -41.02 21.49
CA ASN C 166 19.42 -42.39 21.45
C ASN C 166 18.04 -42.54 22.06
N SER C 167 17.19 -43.35 21.44
CA SER C 167 15.82 -43.60 21.94
C SER C 167 15.16 -44.75 21.17
N ASP C 168 14.23 -45.44 21.82
CA ASP C 168 13.45 -46.45 21.09
C ASP C 168 12.13 -45.85 20.62
N ASP C 169 11.89 -44.59 21.00
CA ASP C 169 10.78 -43.86 20.44
C ASP C 169 9.41 -44.41 20.88
N SER C 170 9.40 -45.16 21.97
CA SER C 170 8.19 -45.84 22.41
C SER C 170 7.09 -44.85 22.80
N GLU C 171 7.49 -43.63 23.12
CA GLU C 171 6.53 -42.63 23.56
C GLU C 171 5.70 -42.09 22.39
N TYR C 172 6.26 -42.16 21.19
CA TYR C 172 5.66 -41.47 20.04
C TYR C 172 5.10 -42.42 18.98
N PHE C 173 5.77 -43.54 18.77
CA PHE C 173 5.48 -44.42 17.66
C PHE C 173 4.10 -45.10 17.77
N SER C 174 3.35 -45.08 16.68
CA SER C 174 2.04 -45.72 16.62
C SER C 174 2.10 -47.23 16.94
N GLN C 175 1.24 -47.66 17.86
CA GLN C 175 1.15 -49.09 18.18
C GLN C 175 0.49 -49.88 17.05
N TYR C 176 -0.15 -49.18 16.12
CA TYR C 176 -0.86 -49.89 15.05
C TYR C 176 -0.07 -50.03 13.76
N SER C 177 1.16 -49.51 13.74
CA SER C 177 2.03 -49.74 12.59
C SER C 177 2.28 -51.24 12.43
N ARG C 178 2.53 -51.71 11.22
CA ARG C 178 2.95 -53.09 11.10
C ARG C 178 4.45 -53.25 11.36
N PHE C 179 5.13 -52.12 11.56
CA PHE C 179 6.54 -52.16 11.91
C PHE C 179 6.74 -51.78 13.36
N GLU C 180 7.87 -52.15 13.93
CA GLU C 180 8.22 -51.68 15.25
C GLU C 180 9.63 -51.10 15.23
N ILE C 181 9.85 -50.10 16.06
CA ILE C 181 11.16 -49.48 16.12
C ILE C 181 12.02 -50.14 17.20
N LEU C 182 13.23 -50.53 16.81
CA LEU C 182 14.21 -51.10 17.74
C LEU C 182 15.05 -50.02 18.38
N ASP C 183 15.53 -49.09 17.55
CA ASP C 183 16.36 -48.02 18.05
C ASP C 183 16.45 -46.87 17.05
N VAL C 184 16.52 -45.64 17.56
CA VAL C 184 16.77 -44.48 16.70
C VAL C 184 17.95 -43.71 17.26
N THR C 185 19.04 -43.64 16.50
CA THR C 185 20.17 -42.81 16.95
C THR C 185 20.24 -41.53 16.11
N GLN C 186 20.57 -40.42 16.76
CA GLN C 186 20.65 -39.17 16.05
C GLN C 186 21.97 -38.52 16.42
N LYS C 187 22.84 -38.41 15.42
CA LYS C 187 24.22 -37.98 15.63
C LYS C 187 24.64 -36.89 14.67
N LYS C 188 25.44 -35.95 15.18
CA LYS C 188 26.06 -34.93 14.34
C LYS C 188 26.93 -35.56 13.26
N ASN C 189 26.93 -34.95 12.09
CA ASN C 189 27.69 -35.47 10.96
C ASN C 189 27.97 -34.26 10.04
N SER C 190 28.81 -34.42 9.04
CA SER C 190 29.15 -33.28 8.21
C SER C 190 29.29 -33.79 6.80
N VAL C 191 28.80 -33.02 5.83
CA VAL C 191 28.98 -33.41 4.44
C VAL C 191 29.65 -32.29 3.65
N THR C 192 30.38 -32.70 2.64
CA THR C 192 30.94 -31.74 1.71
C THR C 192 30.98 -32.42 0.35
N TYR C 193 30.73 -31.64 -0.70
CA TYR C 193 30.63 -32.17 -2.06
C TYR C 193 31.46 -31.28 -2.97
N SER C 194 31.90 -31.80 -4.11
CA SER C 194 32.75 -31.02 -5.02
C SER C 194 31.99 -29.84 -5.62
N CYS C 195 30.66 -29.91 -5.60
CA CYS C 195 29.83 -28.81 -6.09
C CYS C 195 29.97 -27.59 -5.19
N CYS C 196 30.25 -27.85 -3.92
CA CYS C 196 30.02 -26.89 -2.86
C CYS C 196 31.12 -27.01 -1.80
N PRO C 197 32.14 -26.15 -1.91
CA PRO C 197 33.40 -26.35 -1.16
C PRO C 197 33.24 -26.37 0.35
N GLU C 198 32.26 -25.62 0.87
CA GLU C 198 32.13 -25.45 2.31
C GLU C 198 31.66 -26.72 3.02
N ALA C 199 31.87 -26.78 4.32
CA ALA C 199 31.34 -27.91 5.10
C ALA C 199 29.95 -27.56 5.53
N TYR C 200 29.08 -28.58 5.51
CA TYR C 200 27.70 -28.45 5.92
C TYR C 200 27.39 -29.44 7.01
N GLU C 201 26.86 -28.96 8.13
CA GLU C 201 26.51 -29.86 9.20
C GLU C 201 25.19 -30.54 8.91
N ASP C 202 25.07 -31.78 9.34
CA ASP C 202 23.79 -32.44 9.32
C ASP C 202 23.62 -33.27 10.60
N VAL C 203 22.39 -33.65 10.86
CA VAL C 203 22.09 -34.67 11.85
C VAL C 203 21.75 -35.93 11.09
N GLU C 204 22.46 -37.01 11.40
CA GLU C 204 22.21 -38.30 10.78
C GLU C 204 21.30 -39.10 11.68
N VAL C 205 20.11 -39.39 11.17
CA VAL C 205 19.09 -40.12 11.92
C VAL C 205 19.07 -41.56 11.45
N SER C 206 19.47 -42.48 12.31
CA SER C 206 19.54 -43.88 11.92
C SER C 206 18.36 -44.62 12.56
N LEU C 207 17.42 -45.00 11.70
CA LEU C 207 16.17 -45.61 12.13
C LEU C 207 16.27 -47.11 11.98
N ASN C 208 16.37 -47.82 13.10
CA ASN C 208 16.50 -49.29 13.10
C ASN C 208 15.12 -49.87 13.41
N PHE C 209 14.51 -50.52 12.43
CA PHE C 209 13.13 -50.99 12.57
C PHE C 209 12.95 -52.35 11.91
N ARG C 210 11.88 -53.05 12.26
CA ARG C 210 11.61 -54.35 11.65
C ARG C 210 10.10 -54.58 11.55
N LYS C 211 9.70 -55.46 10.64
CA LYS C 211 8.29 -55.84 10.54
C LYS C 211 7.91 -56.61 11.80
N LYS C 212 6.73 -56.32 12.35
CA LYS C 212 6.26 -57.05 13.52
C LYS C 212 6.04 -58.51 13.18
N LYS D 8 24.59 -9.34 12.06
CA LYS D 8 23.27 -9.64 11.50
C LYS D 8 22.69 -8.45 10.74
N LEU D 9 23.00 -7.25 11.19
CA LEU D 9 22.48 -6.05 10.57
C LEU D 9 23.20 -5.85 9.25
N ASP D 10 24.47 -6.29 9.22
CA ASP D 10 25.20 -6.36 7.98
C ASP D 10 24.47 -7.24 6.99
N ARG D 11 23.98 -8.40 7.44
CA ARG D 11 23.31 -9.31 6.52
C ARG D 11 21.96 -8.72 6.09
N ALA D 12 21.24 -8.12 7.02
CA ALA D 12 19.96 -7.52 6.65
C ALA D 12 20.18 -6.38 5.67
N ASP D 13 21.30 -5.66 5.82
CA ASP D 13 21.61 -4.57 4.90
C ASP D 13 21.94 -5.09 3.51
N ILE D 14 22.66 -6.19 3.47
CA ILE D 14 22.98 -6.83 2.19
C ILE D 14 21.70 -7.25 1.46
N LEU D 15 20.79 -7.88 2.19
CA LEU D 15 19.52 -8.30 1.62
C LEU D 15 18.72 -7.08 1.12
N TYR D 16 18.69 -6.01 1.90
CA TYR D 16 18.08 -4.75 1.47
C TYR D 16 18.69 -4.22 0.16
N ASN D 17 20.03 -4.20 0.09
CA ASN D 17 20.71 -3.72 -1.12
C ASN D 17 20.35 -4.56 -2.35
N ILE D 18 20.39 -5.88 -2.18
CA ILE D 18 20.02 -6.80 -3.25
C ILE D 18 18.60 -6.52 -3.74
N ARG D 19 17.68 -6.30 -2.81
CA ARG D 19 16.28 -6.09 -3.16
C ARG D 19 16.04 -4.73 -3.81
N GLN D 20 16.86 -3.74 -3.49
CA GLN D 20 16.73 -2.45 -4.14
C GLN D 20 17.27 -2.50 -5.58
N THR D 21 18.15 -3.45 -5.84
CA THR D 21 18.86 -3.51 -7.10
C THR D 21 18.30 -4.60 -8.01
N SER D 22 17.77 -5.64 -7.37
CA SER D 22 17.30 -6.80 -8.10
C SER D 22 16.01 -6.48 -8.85
N ARG D 23 15.95 -6.95 -10.08
CA ARG D 23 14.76 -6.84 -10.89
C ARG D 23 14.41 -8.26 -11.31
N PRO D 24 13.54 -8.92 -10.55
CA PRO D 24 13.34 -10.35 -10.74
C PRO D 24 12.81 -10.72 -12.12
N ASP D 25 12.22 -9.78 -12.83
CA ASP D 25 11.61 -10.11 -14.12
C ASP D 25 12.47 -9.64 -15.30
N VAL D 26 13.63 -9.07 -15.01
CA VAL D 26 14.51 -8.56 -16.08
C VAL D 26 15.81 -9.34 -16.15
N ILE D 27 16.17 -9.89 -17.31
CA ILE D 27 17.44 -10.61 -17.43
C ILE D 27 18.57 -9.63 -17.19
N PRO D 28 19.59 -10.06 -16.43
CA PRO D 28 20.68 -9.15 -16.05
C PRO D 28 21.80 -9.10 -17.11
N THR D 29 21.45 -8.68 -18.34
CA THR D 29 22.44 -8.61 -19.42
C THR D 29 23.42 -7.49 -19.17
N GLN D 30 24.68 -7.73 -19.49
CA GLN D 30 25.69 -6.70 -19.41
C GLN D 30 26.20 -6.38 -20.80
N ARG D 31 26.12 -5.12 -21.19
CA ARG D 31 26.69 -4.64 -22.46
C ARG D 31 26.28 -5.49 -23.66
N ASP D 32 24.98 -5.69 -23.82
CA ASP D 32 24.44 -6.43 -24.97
C ASP D 32 24.97 -7.86 -25.11
N ARG D 33 25.48 -8.45 -24.02
CA ARG D 33 25.93 -9.84 -24.03
C ARG D 33 24.87 -10.77 -23.46
N PRO D 34 24.83 -12.04 -23.90
CA PRO D 34 23.90 -12.99 -23.28
C PRO D 34 24.25 -13.16 -21.82
N VAL D 35 23.28 -13.53 -21.01
CA VAL D 35 23.57 -13.93 -19.64
C VAL D 35 24.10 -15.35 -19.69
N ALA D 36 25.32 -15.54 -19.19
CA ALA D 36 25.95 -16.86 -19.26
C ALA D 36 25.49 -17.68 -18.07
N VAL D 37 24.71 -18.71 -18.34
CA VAL D 37 24.19 -19.57 -17.27
C VAL D 37 24.90 -20.91 -17.27
N SER D 38 25.51 -21.27 -16.14
CA SER D 38 26.13 -22.58 -16.05
C SER D 38 25.14 -23.54 -15.42
N VAL D 39 25.03 -24.72 -15.99
CA VAL D 39 24.10 -25.72 -15.49
C VAL D 39 24.78 -27.08 -15.44
N SER D 40 24.64 -27.78 -14.32
CA SER D 40 25.18 -29.13 -14.19
C SER D 40 24.26 -29.99 -13.32
N LEU D 41 23.76 -31.10 -13.89
CA LEU D 41 22.90 -31.99 -13.13
C LEU D 41 23.70 -33.03 -12.34
N LYS D 42 23.48 -33.08 -11.03
CA LYS D 42 24.06 -34.14 -10.20
C LYS D 42 22.95 -35.13 -9.87
N PHE D 43 22.97 -36.28 -10.53
CA PHE D 43 21.92 -37.26 -10.31
C PHE D 43 22.09 -37.91 -8.94
N ILE D 44 20.98 -38.02 -8.21
CA ILE D 44 20.98 -38.60 -6.86
C ILE D 44 20.26 -39.96 -6.83
N ASN D 45 19.20 -40.08 -7.61
CA ASN D 45 18.32 -41.26 -7.55
CA ASN D 45 18.46 -41.33 -7.65
C ASN D 45 17.66 -41.49 -8.92
N ILE D 46 17.46 -42.75 -9.27
CA ILE D 46 16.61 -43.15 -10.38
C ILE D 46 15.54 -44.03 -9.77
N LEU D 47 14.33 -43.50 -9.66
CA LEU D 47 13.27 -44.12 -8.85
C LEU D 47 12.40 -45.10 -9.62
N GLU D 48 12.09 -44.76 -10.86
CA GLU D 48 11.28 -45.62 -11.70
C GLU D 48 11.78 -45.55 -13.13
N VAL D 49 11.76 -46.70 -13.79
CA VAL D 49 12.10 -46.81 -15.19
C VAL D 49 11.08 -47.74 -15.85
N ASN D 50 10.62 -47.38 -17.04
CA ASN D 50 9.68 -48.21 -17.78
C ASN D 50 10.19 -48.37 -19.20
N GLU D 51 10.56 -49.60 -19.55
CA GLU D 51 11.15 -49.88 -20.86
C GLU D 51 10.06 -49.98 -21.92
N ILE D 52 8.82 -50.20 -21.48
CA ILE D 52 7.70 -50.22 -22.41
C ILE D 52 7.31 -48.81 -22.87
N THR D 53 7.19 -47.89 -21.92
CA THR D 53 6.76 -46.53 -22.25
C THR D 53 7.94 -45.59 -22.52
N ASN D 54 9.14 -46.04 -22.19
CA ASN D 54 10.32 -45.19 -22.29
C ASN D 54 10.18 -43.95 -21.43
N GLU D 55 9.94 -44.16 -20.15
CA GLU D 55 9.81 -43.06 -19.19
C GLU D 55 10.73 -43.34 -18.02
N VAL D 56 11.31 -42.28 -17.46
CA VAL D 56 12.09 -42.41 -16.25
C VAL D 56 11.66 -41.36 -15.22
N ASP D 57 11.86 -41.68 -13.95
CA ASP D 57 11.51 -40.81 -12.83
C ASP D 57 12.81 -40.66 -12.02
N VAL D 58 13.38 -39.46 -12.01
CA VAL D 58 14.70 -39.28 -11.40
C VAL D 58 14.74 -38.12 -10.42
N VAL D 59 15.73 -38.14 -9.54
CA VAL D 59 16.01 -37.02 -8.64
C VAL D 59 17.41 -36.50 -8.93
N PHE D 60 17.56 -35.20 -9.07
CA PHE D 60 18.87 -34.61 -9.34
C PHE D 60 19.00 -33.25 -8.69
N TRP D 61 20.22 -32.88 -8.35
CA TRP D 61 20.49 -31.51 -7.92
C TRP D 61 20.84 -30.73 -9.18
N GLN D 62 20.12 -29.64 -9.41
CA GLN D 62 20.40 -28.84 -10.58
C GLN D 62 21.32 -27.66 -10.21
N GLN D 63 22.63 -27.89 -10.26
CA GLN D 63 23.56 -26.81 -9.93
C GLN D 63 23.53 -25.75 -11.02
N THR D 64 23.10 -24.54 -10.64
CA THR D 64 22.86 -23.47 -11.60
C THR D 64 23.58 -22.21 -11.13
N THR D 65 24.38 -21.58 -11.98
CA THR D 65 25.02 -20.34 -11.56
C THR D 65 25.07 -19.32 -12.69
N TRP D 66 25.12 -18.06 -12.30
CA TRP D 66 25.23 -16.95 -13.26
C TRP D 66 25.65 -15.72 -12.48
N SER D 67 25.90 -14.63 -13.18
CA SER D 67 26.36 -13.41 -12.53
C SER D 67 25.39 -12.25 -12.76
N ASP D 68 25.16 -11.45 -11.72
CA ASP D 68 24.53 -10.13 -11.89
C ASP D 68 25.41 -9.16 -11.14
N ARG D 69 26.31 -8.51 -11.88
CA ARG D 69 27.35 -7.71 -11.25
C ARG D 69 26.76 -6.49 -10.55
N THR D 70 25.49 -6.16 -10.84
CA THR D 70 24.87 -5.03 -10.15
C THR D 70 24.58 -5.38 -8.69
N LEU D 71 24.61 -6.67 -8.35
CA LEU D 71 24.33 -7.08 -6.98
C LEU D 71 25.58 -7.05 -6.10
N ALA D 72 26.74 -6.85 -6.70
CA ALA D 72 28.00 -6.99 -6.00
C ALA D 72 28.14 -5.93 -4.90
N TRP D 73 28.90 -6.27 -3.86
CA TRP D 73 29.20 -5.31 -2.79
C TRP D 73 30.62 -5.54 -2.27
N ASN D 74 31.18 -4.51 -1.63
CA ASN D 74 32.48 -4.64 -0.98
C ASN D 74 32.34 -5.44 0.30
N SER D 75 32.92 -6.63 0.34
CA SER D 75 32.81 -7.53 1.49
C SER D 75 34.11 -7.63 2.28
N SER D 76 34.95 -6.60 2.21
CA SER D 76 36.21 -6.58 2.94
C SER D 76 35.94 -6.62 4.44
N HIS D 77 34.81 -6.06 4.86
CA HIS D 77 34.42 -6.06 6.27
C HIS D 77 32.96 -6.46 6.51
N SER D 78 32.44 -7.32 5.65
CA SER D 78 31.09 -7.86 5.81
C SER D 78 31.02 -9.24 5.18
N PRO D 79 29.92 -9.96 5.39
CA PRO D 79 29.73 -11.31 4.85
C PRO D 79 30.02 -11.40 3.34
N ASP D 80 30.65 -12.50 2.92
CA ASP D 80 31.02 -12.79 1.52
C ASP D 80 29.83 -13.29 0.69
N GLN D 81 28.86 -13.88 1.39
CA GLN D 81 27.70 -14.51 0.77
C GLN D 81 26.51 -14.46 1.73
N VAL D 82 25.30 -14.48 1.17
CA VAL D 82 24.07 -14.59 1.95
C VAL D 82 23.09 -15.46 1.20
N SER D 83 22.18 -16.09 1.91
CA SER D 83 21.09 -16.81 1.27
C SER D 83 19.94 -15.85 1.03
N VAL D 84 19.26 -16.02 -0.11
CA VAL D 84 18.20 -15.12 -0.55
C VAL D 84 17.07 -15.93 -1.18
N PRO D 85 15.80 -15.62 -0.84
CA PRO D 85 14.68 -16.31 -1.48
C PRO D 85 14.72 -16.04 -2.98
N ILE D 86 14.48 -17.04 -3.81
CA ILE D 86 14.62 -16.81 -5.24
C ILE D 86 13.53 -15.84 -5.72
N SER D 87 12.45 -15.68 -4.97
CA SER D 87 11.43 -14.71 -5.33
C SER D 87 11.97 -13.28 -5.31
N SER D 88 13.10 -13.06 -4.66
CA SER D 88 13.72 -11.74 -4.65
C SER D 88 14.72 -11.50 -5.80
N LEU D 89 14.98 -12.55 -6.59
CA LEU D 89 16.02 -12.51 -7.62
C LEU D 89 15.49 -12.84 -9.02
N TRP D 90 16.19 -12.36 -10.05
CA TRP D 90 15.95 -12.96 -11.36
C TRP D 90 16.57 -14.35 -11.37
N VAL D 91 15.85 -15.31 -11.92
CA VAL D 91 16.36 -16.67 -12.07
C VAL D 91 16.05 -17.10 -13.50
N PRO D 92 16.97 -17.82 -14.15
CA PRO D 92 16.73 -18.22 -15.55
C PRO D 92 15.50 -19.12 -15.67
N ASP D 93 14.74 -18.96 -16.74
CA ASP D 93 13.51 -19.73 -16.93
C ASP D 93 13.81 -21.10 -17.56
N LEU D 94 14.66 -21.88 -16.90
CA LEU D 94 15.04 -23.20 -17.42
C LEU D 94 13.88 -24.19 -17.43
N ALA D 95 13.87 -25.05 -18.43
CA ALA D 95 12.89 -26.12 -18.55
C ALA D 95 13.52 -27.27 -19.32
N ALA D 96 13.07 -28.48 -19.02
CA ALA D 96 13.50 -29.67 -19.77
C ALA D 96 12.57 -29.89 -20.94
N TYR D 97 13.15 -29.98 -22.14
CA TYR D 97 12.38 -30.13 -23.37
C TYR D 97 11.63 -31.44 -23.45
N ASN D 98 12.10 -32.47 -22.74
CA ASN D 98 11.43 -33.76 -22.79
C ASN D 98 10.86 -34.16 -21.42
N ALA D 99 10.61 -33.16 -20.57
CA ALA D 99 9.88 -33.42 -19.30
C ALA D 99 8.42 -33.80 -19.56
N ILE D 100 7.90 -34.76 -18.80
CA ILE D 100 6.50 -35.10 -18.90
C ILE D 100 5.79 -34.95 -17.55
N SER D 101 6.46 -34.35 -16.58
CA SER D 101 5.79 -33.90 -15.36
C SER D 101 6.39 -32.57 -14.92
N LYS D 102 5.71 -31.87 -14.03
CA LYS D 102 6.25 -30.63 -13.48
C LYS D 102 7.50 -30.93 -12.67
N PRO D 103 8.46 -30.01 -12.64
CA PRO D 103 9.57 -30.29 -11.74
C PRO D 103 9.13 -30.12 -10.29
N GLU D 104 9.40 -31.10 -9.44
CA GLU D 104 9.05 -30.97 -8.03
C GLU D 104 10.31 -30.61 -7.25
N VAL D 105 10.34 -29.39 -6.72
CA VAL D 105 11.48 -28.93 -5.94
C VAL D 105 11.35 -29.44 -4.51
N LEU D 106 12.35 -30.19 -4.07
CA LEU D 106 12.29 -30.90 -2.79
C LEU D 106 13.02 -30.13 -1.69
N THR D 107 13.61 -29.00 -2.04
CA THR D 107 14.47 -28.25 -1.13
C THR D 107 13.99 -26.79 -1.00
N PRO D 108 14.48 -26.10 0.03
CA PRO D 108 14.08 -24.70 0.24
C PRO D 108 14.47 -23.84 -0.96
N GLN D 109 13.58 -22.95 -1.39
CA GLN D 109 13.85 -22.19 -2.61
C GLN D 109 14.65 -20.94 -2.33
N LEU D 110 15.91 -21.16 -1.94
CA LEU D 110 16.86 -20.13 -1.61
C LEU D 110 18.05 -20.22 -2.56
N ALA D 111 18.60 -19.07 -2.93
CA ALA D 111 19.86 -19.07 -3.68
C ALA D 111 20.93 -18.43 -2.80
N ARG D 112 22.20 -18.61 -3.16
CA ARG D 112 23.28 -17.87 -2.51
C ARG D 112 23.68 -16.71 -3.41
N VAL D 113 23.87 -15.53 -2.83
CA VAL D 113 24.43 -14.43 -3.60
C VAL D 113 25.80 -14.11 -3.03
N VAL D 114 26.79 -14.10 -3.91
CA VAL D 114 28.20 -13.86 -3.57
C VAL D 114 28.54 -12.38 -3.76
N SER D 115 29.49 -11.86 -2.98
CA SER D 115 29.70 -10.41 -2.98
C SER D 115 30.25 -9.90 -4.32
N ASP D 116 30.72 -10.81 -5.18
CA ASP D 116 31.15 -10.40 -6.52
C ASP D 116 29.98 -10.43 -7.51
N GLY D 117 28.78 -10.76 -7.05
CA GLY D 117 27.61 -10.75 -7.92
C GLY D 117 27.22 -12.10 -8.50
N GLU D 118 27.98 -13.13 -8.18
CA GLU D 118 27.61 -14.48 -8.58
C GLU D 118 26.40 -14.94 -7.80
N VAL D 119 25.46 -15.55 -8.50
CA VAL D 119 24.30 -16.19 -7.86
C VAL D 119 24.40 -17.70 -8.04
N LEU D 120 24.19 -18.43 -6.95
CA LEU D 120 24.24 -19.89 -6.97
C LEU D 120 22.89 -20.47 -6.52
N TYR D 121 22.27 -21.25 -7.39
CA TYR D 121 20.98 -21.86 -7.09
C TYR D 121 21.06 -23.35 -7.38
N MET D 122 20.77 -24.18 -6.38
CA MET D 122 20.87 -25.61 -6.60
C MET D 122 19.74 -26.39 -5.93
N PRO D 123 18.55 -26.39 -6.54
CA PRO D 123 17.42 -27.18 -6.04
C PRO D 123 17.64 -28.67 -6.26
N SER D 124 17.13 -29.48 -5.35
CA SER D 124 16.95 -30.90 -5.62
C SER D 124 15.60 -31.06 -6.31
N ILE D 125 15.59 -31.67 -7.49
CA ILE D 125 14.37 -31.78 -8.28
C ILE D 125 14.02 -33.24 -8.54
N ARG D 126 12.76 -33.58 -8.35
CA ARG D 126 12.23 -34.87 -8.84
C ARG D 126 11.37 -34.60 -10.07
N GLN D 127 11.65 -35.33 -11.15
CA GLN D 127 10.91 -35.08 -12.38
C GLN D 127 10.88 -36.31 -13.29
N ARG D 128 9.88 -36.40 -14.13
CA ARG D 128 9.77 -37.52 -15.07
C ARG D 128 10.03 -37.06 -16.49
N PHE D 129 10.64 -37.94 -17.28
CA PHE D 129 11.08 -37.63 -18.63
C PHE D 129 10.72 -38.75 -19.60
N SER D 130 10.51 -38.37 -20.86
CA SER D 130 10.48 -39.31 -21.97
C SER D 130 11.86 -39.39 -22.62
N CYS D 131 12.48 -40.57 -22.56
CA CYS D 131 13.79 -40.79 -23.13
C CYS D 131 13.99 -42.28 -23.40
N ASP D 132 15.09 -42.60 -24.07
CA ASP D 132 15.39 -43.97 -24.48
C ASP D 132 15.82 -44.82 -23.31
N VAL D 133 14.94 -45.72 -22.89
CA VAL D 133 15.25 -46.58 -21.76
C VAL D 133 15.76 -47.95 -22.23
N SER D 134 15.71 -48.17 -23.54
CA SER D 134 16.12 -49.45 -24.12
C SER D 134 17.56 -49.80 -23.73
N GLY D 135 17.76 -51.03 -23.27
CA GLY D 135 19.09 -51.52 -22.95
C GLY D 135 19.42 -51.41 -21.46
N VAL D 136 18.42 -51.06 -20.67
CA VAL D 136 18.64 -50.77 -19.25
C VAL D 136 19.02 -52.03 -18.46
N ASP D 137 18.56 -53.19 -18.91
CA ASP D 137 18.88 -54.45 -18.22
C ASP D 137 20.07 -55.17 -18.85
N THR D 138 20.90 -54.42 -19.56
CA THR D 138 22.07 -54.99 -20.19
C THR D 138 23.32 -54.37 -19.61
N GLU D 139 24.47 -54.97 -19.89
CA GLU D 139 25.74 -54.49 -19.33
C GLU D 139 26.10 -53.10 -19.82
N SER D 140 25.72 -52.78 -21.05
CA SER D 140 26.06 -51.49 -21.62
C SER D 140 25.07 -50.42 -21.21
N GLY D 141 23.90 -50.84 -20.74
CA GLY D 141 22.92 -49.95 -20.14
C GLY D 141 22.06 -49.17 -21.12
N ALA D 142 21.19 -48.33 -20.57
CA ALA D 142 20.40 -47.39 -21.36
C ALA D 142 21.11 -46.05 -21.39
N THR D 143 20.82 -45.25 -22.41
CA THR D 143 21.30 -43.87 -22.43
C THR D 143 20.10 -42.96 -22.59
N CYS D 144 19.74 -42.30 -21.49
CA CYS D 144 18.62 -41.37 -21.43
C CYS D 144 19.12 -39.93 -21.60
N ARG D 145 18.64 -39.22 -22.62
CA ARG D 145 19.12 -37.86 -22.84
C ARG D 145 18.05 -36.84 -22.46
N ILE D 146 18.50 -35.83 -21.73
CA ILE D 146 17.63 -34.78 -21.21
C ILE D 146 18.14 -33.43 -21.67
N LYS D 147 17.30 -32.63 -22.33
CA LYS D 147 17.72 -31.32 -22.79
C LYS D 147 17.09 -30.24 -21.91
N ILE D 148 17.93 -29.35 -21.38
CA ILE D 148 17.49 -28.28 -20.48
C ILE D 148 18.04 -26.94 -20.94
N GLY D 149 17.15 -25.97 -21.11
CA GLY D 149 17.55 -24.63 -21.53
C GLY D 149 16.48 -23.62 -21.21
N SER D 150 16.75 -22.35 -21.46
CA SER D 150 15.76 -21.31 -21.28
C SER D 150 14.53 -21.59 -22.15
N TRP D 151 13.34 -21.50 -21.57
CA TRP D 151 12.12 -21.72 -22.35
C TRP D 151 11.85 -20.59 -23.36
N THR D 152 12.07 -19.34 -22.94
CA THR D 152 11.69 -18.17 -23.74
C THR D 152 12.83 -17.27 -24.19
N HIS D 153 14.03 -17.46 -23.66
CA HIS D 153 15.12 -16.56 -24.06
C HIS D 153 16.03 -17.27 -25.03
N HIS D 154 16.24 -16.68 -26.21
CA HIS D 154 17.07 -17.29 -27.24
C HIS D 154 18.54 -17.00 -26.96
N SER D 155 19.44 -17.49 -27.82
CA SER D 155 20.86 -17.46 -27.53
C SER D 155 21.50 -16.06 -27.44
N ARG D 156 20.85 -15.02 -27.98
CA ARG D 156 21.39 -13.66 -27.79
C ARG D 156 21.14 -13.17 -26.37
N GLU D 157 20.25 -13.85 -25.66
CA GLU D 157 19.81 -13.37 -24.34
C GLU D 157 20.32 -14.26 -23.19
N ILE D 158 20.27 -15.58 -23.37
CA ILE D 158 20.85 -16.53 -22.42
C ILE D 158 21.69 -17.55 -23.15
N SER D 159 22.91 -17.78 -22.65
CA SER D 159 23.71 -18.90 -23.13
C SER D 159 23.81 -19.93 -22.01
N VAL D 160 23.84 -21.21 -22.34
CA VAL D 160 23.99 -22.21 -21.28
C VAL D 160 25.27 -22.99 -21.50
N ASP D 161 26.05 -23.13 -20.43
CA ASP D 161 27.29 -23.89 -20.49
C ASP D 161 27.28 -24.99 -19.44
N PRO D 162 27.63 -26.21 -19.84
CA PRO D 162 27.79 -27.25 -18.82
C PRO D 162 29.08 -27.02 -18.06
N THR D 163 29.18 -27.47 -16.83
CA THR D 163 30.39 -27.24 -16.03
C THR D 163 31.25 -28.50 -15.88
N THR D 164 30.60 -29.67 -15.86
CA THR D 164 31.29 -30.95 -15.72
C THR D 164 30.84 -31.89 -16.85
N GLU D 165 31.65 -31.97 -17.91
CA GLU D 165 31.18 -32.61 -19.14
C GLU D 165 31.07 -34.13 -19.04
N ASN D 166 31.87 -34.73 -18.15
CA ASN D 166 31.89 -36.20 -17.99
C ASN D 166 32.21 -36.66 -16.56
N SER D 167 31.42 -37.62 -16.05
CA SER D 167 31.54 -38.12 -14.68
C SER D 167 30.67 -39.36 -14.48
N ASP D 168 31.08 -40.27 -13.59
CA ASP D 168 30.22 -41.42 -13.28
C ASP D 168 29.31 -41.08 -12.10
N ASP D 169 29.47 -39.87 -11.57
CA ASP D 169 28.53 -39.36 -10.58
C ASP D 169 28.56 -40.11 -9.25
N SER D 170 29.64 -40.84 -8.98
CA SER D 170 29.72 -41.67 -7.78
C SER D 170 29.66 -40.87 -6.48
N GLU D 171 30.02 -39.60 -6.56
CA GLU D 171 30.01 -38.76 -5.37
C GLU D 171 28.57 -38.46 -4.91
N TYR D 172 27.63 -38.48 -5.85
CA TYR D 172 26.27 -38.01 -5.58
C TYR D 172 25.20 -39.08 -5.57
N PHE D 173 25.38 -40.12 -6.38
CA PHE D 173 24.33 -41.10 -6.63
C PHE D 173 24.11 -42.04 -5.46
N SER D 174 22.85 -42.29 -5.15
CA SER D 174 22.49 -43.16 -4.03
C SER D 174 23.01 -44.58 -4.18
N GLN D 175 23.71 -45.06 -3.15
CA GLN D 175 24.20 -46.43 -3.19
C GLN D 175 23.04 -47.41 -3.01
N TYR D 176 21.85 -46.92 -2.66
CA TYR D 176 20.70 -47.80 -2.43
C TYR D 176 19.74 -47.91 -3.60
N SER D 177 19.95 -47.13 -4.65
CA SER D 177 19.16 -47.28 -5.88
C SER D 177 19.29 -48.72 -6.39
N ARG D 178 18.31 -49.19 -7.14
CA ARG D 178 18.46 -50.48 -7.79
C ARG D 178 19.13 -50.30 -9.15
N PHE D 179 19.46 -49.05 -9.48
CA PHE D 179 20.23 -48.78 -10.70
C PHE D 179 21.61 -48.25 -10.33
N GLU D 180 22.51 -48.26 -11.30
CA GLU D 180 23.81 -47.67 -11.11
C GLU D 180 24.19 -46.88 -12.35
N ILE D 181 24.95 -45.82 -12.16
CA ILE D 181 25.30 -44.93 -13.24
C ILE D 181 26.64 -45.32 -13.87
N LEU D 182 26.64 -45.45 -15.19
CA LEU D 182 27.88 -45.78 -15.90
C LEU D 182 28.62 -44.49 -16.22
N ASP D 183 27.89 -43.51 -16.73
CA ASP D 183 28.52 -42.27 -17.15
C ASP D 183 27.44 -41.21 -17.29
N VAL D 184 27.79 -39.97 -17.00
CA VAL D 184 26.92 -38.84 -17.31
C VAL D 184 27.70 -37.81 -18.09
N THR D 185 27.28 -37.54 -19.32
CA THR D 185 27.95 -36.51 -20.10
C THR D 185 27.01 -35.33 -20.28
N GLN D 186 27.58 -34.14 -20.28
CA GLN D 186 26.78 -32.92 -20.36
C GLN D 186 27.45 -31.98 -21.35
N LYS D 187 26.73 -31.65 -22.41
CA LYS D 187 27.31 -30.91 -23.52
C LYS D 187 26.38 -29.80 -24.02
N LYS D 188 26.96 -28.71 -24.52
CA LYS D 188 26.22 -27.62 -25.15
C LYS D 188 25.52 -28.13 -26.39
N ASN D 189 24.35 -27.58 -26.65
CA ASN D 189 23.55 -27.95 -27.81
C ASN D 189 22.67 -26.75 -28.08
N SER D 190 22.09 -26.66 -29.27
CA SER D 190 21.10 -25.61 -29.51
C SER D 190 19.98 -26.18 -30.37
N VAL D 191 18.79 -25.61 -30.25
CA VAL D 191 17.64 -26.10 -30.99
C VAL D 191 16.90 -24.94 -31.63
N THR D 192 16.25 -25.21 -32.75
CA THR D 192 15.38 -24.26 -33.41
C THR D 192 14.21 -25.06 -33.96
N TYR D 193 13.00 -24.52 -33.86
CA TYR D 193 11.79 -25.14 -34.43
C TYR D 193 11.10 -24.11 -35.33
N SER D 194 10.23 -24.58 -36.21
CA SER D 194 9.58 -23.65 -37.12
C SER D 194 8.60 -22.76 -36.35
N CYS D 195 8.16 -23.20 -35.17
CA CYS D 195 7.29 -22.38 -34.33
C CYS D 195 8.02 -21.15 -33.81
N CYS D 196 9.33 -21.31 -33.65
CA CYS D 196 10.13 -20.43 -32.80
C CYS D 196 11.50 -20.22 -33.44
N PRO D 197 11.58 -19.28 -34.40
CA PRO D 197 12.71 -19.15 -35.33
C PRO D 197 13.90 -18.39 -34.77
N GLU D 198 14.30 -18.73 -33.54
CA GLU D 198 15.57 -18.29 -32.99
C GLU D 198 16.32 -19.54 -32.58
N ALA D 199 17.63 -19.42 -32.35
CA ALA D 199 18.38 -20.52 -31.78
C ALA D 199 18.25 -20.44 -30.26
N TYR D 200 17.96 -21.57 -29.64
CA TYR D 200 17.87 -21.65 -28.18
C TYR D 200 18.96 -22.58 -27.71
N GLU D 201 19.73 -22.14 -26.72
CA GLU D 201 20.80 -22.98 -26.20
C GLU D 201 20.25 -23.93 -25.14
N ASP D 202 20.86 -25.10 -25.05
CA ASP D 202 20.53 -26.01 -23.99
C ASP D 202 21.74 -26.82 -23.58
N VAL D 203 21.64 -27.47 -22.44
CA VAL D 203 22.60 -28.48 -22.06
CA VAL D 203 22.61 -28.48 -22.08
C VAL D 203 21.97 -29.84 -22.33
N GLU D 204 22.66 -30.68 -23.08
CA GLU D 204 22.17 -32.01 -23.34
C GLU D 204 22.84 -32.97 -22.35
N VAL D 205 22.05 -33.59 -21.49
CA VAL D 205 22.57 -34.46 -20.43
C VAL D 205 22.32 -35.91 -20.79
N SER D 206 23.39 -36.67 -21.00
CA SER D 206 23.27 -38.07 -21.37
C SER D 206 23.56 -38.97 -20.18
N LEU D 207 22.49 -39.56 -19.67
CA LEU D 207 22.54 -40.40 -18.49
C LEU D 207 22.59 -41.87 -18.92
N ASN D 208 23.77 -42.46 -18.78
CA ASN D 208 24.02 -43.86 -19.15
C ASN D 208 24.05 -44.64 -17.86
N PHE D 209 23.03 -45.49 -17.68
CA PHE D 209 22.79 -46.21 -16.44
C PHE D 209 22.21 -47.58 -16.74
N ARG D 210 22.21 -48.46 -15.73
CA ARG D 210 21.71 -49.82 -15.90
C ARG D 210 21.19 -50.35 -14.58
N LYS D 211 20.33 -51.36 -14.64
CA LYS D 211 19.91 -52.03 -13.42
C LYS D 211 21.09 -52.80 -12.85
N LYS D 212 21.21 -52.77 -11.52
CA LYS D 212 22.18 -53.58 -10.80
C LYS D 212 21.83 -55.07 -10.85
N GLY D 213 22.85 -55.92 -10.77
CA GLY D 213 22.64 -57.35 -10.62
C GLY D 213 22.07 -57.98 -11.86
N LEU E 9 18.79 -1.74 -18.57
CA LEU E 9 17.96 -0.57 -18.27
C LEU E 9 16.88 -0.40 -19.31
N ASP E 10 17.22 -0.67 -20.57
CA ASP E 10 16.23 -0.63 -21.65
C ASP E 10 15.16 -1.69 -21.44
N ARG E 11 15.55 -2.88 -20.96
CA ARG E 11 14.57 -3.95 -20.79
C ARG E 11 13.67 -3.63 -19.59
N ALA E 12 14.25 -3.11 -18.52
CA ALA E 12 13.47 -2.71 -17.37
C ALA E 12 12.45 -1.66 -17.79
N ASP E 13 12.85 -0.73 -18.65
CA ASP E 13 11.92 0.32 -19.08
C ASP E 13 10.80 -0.24 -19.94
N ILE E 14 11.10 -1.22 -20.79
CA ILE E 14 10.05 -1.83 -21.62
C ILE E 14 9.06 -2.56 -20.71
N LEU E 15 9.57 -3.24 -19.69
CA LEU E 15 8.68 -3.94 -18.77
C LEU E 15 7.80 -2.96 -18.01
N TYR E 16 8.37 -1.84 -17.58
CA TYR E 16 7.59 -0.79 -16.91
C TYR E 16 6.51 -0.23 -17.85
N ASN E 17 6.88 0.03 -19.09
CA ASN E 17 5.89 0.48 -20.08
C ASN E 17 4.73 -0.50 -20.27
N ILE E 18 5.05 -1.78 -20.40
CA ILE E 18 4.03 -2.81 -20.60
C ILE E 18 3.10 -2.85 -19.38
N ARG E 19 3.69 -2.72 -18.19
CA ARG E 19 2.88 -2.76 -16.98
C ARG E 19 2.06 -1.49 -16.79
N GLN E 20 2.52 -0.39 -17.35
CA GLN E 20 1.74 0.85 -17.30
C GLN E 20 0.51 0.78 -18.21
N THR E 21 0.62 0.05 -19.32
CA THR E 21 -0.42 0.09 -20.34
C THR E 21 -1.26 -1.18 -20.35
N SER E 22 -0.69 -2.27 -19.85
CA SER E 22 -1.40 -3.54 -19.88
C SER E 22 -2.65 -3.53 -19.01
N ARG E 23 -3.76 -4.04 -19.54
CA ARG E 23 -4.94 -4.30 -18.72
C ARG E 23 -5.18 -5.79 -18.69
N PRO E 24 -4.66 -6.47 -17.66
CA PRO E 24 -4.66 -7.94 -17.71
C PRO E 24 -6.05 -8.58 -17.73
N ASP E 25 -7.09 -7.86 -17.30
CA ASP E 25 -8.41 -8.49 -17.23
C ASP E 25 -9.36 -8.03 -18.34
N VAL E 26 -8.90 -7.17 -19.24
CA VAL E 26 -9.76 -6.63 -20.30
C VAL E 26 -9.33 -7.18 -21.68
N ILE E 27 -10.26 -7.68 -22.50
CA ILE E 27 -9.84 -8.18 -23.82
C ILE E 27 -9.32 -7.02 -24.67
N PRO E 28 -8.22 -7.25 -25.38
CA PRO E 28 -7.60 -6.14 -26.11
C PRO E 28 -8.22 -5.94 -27.48
N THR E 29 -9.52 -5.63 -27.50
CA THR E 29 -10.22 -5.41 -28.77
C THR E 29 -9.72 -4.11 -29.38
N GLN E 30 -9.35 -4.16 -30.66
CA GLN E 30 -8.91 -2.99 -31.41
C GLN E 30 -9.91 -2.72 -32.51
N ARG E 31 -10.31 -1.46 -32.65
CA ARG E 31 -11.22 -1.03 -33.71
C ARG E 31 -12.52 -1.85 -33.72
N ASP E 32 -13.13 -2.00 -32.55
CA ASP E 32 -14.37 -2.75 -32.36
C ASP E 32 -14.45 -4.06 -33.15
N ARG E 33 -13.32 -4.77 -33.22
CA ARG E 33 -13.28 -6.10 -33.82
C ARG E 33 -12.92 -7.10 -32.74
N PRO E 34 -13.30 -8.37 -32.91
CA PRO E 34 -12.88 -9.40 -31.95
C PRO E 34 -11.37 -9.51 -31.89
N VAL E 35 -10.87 -9.97 -30.75
CA VAL E 35 -9.44 -10.25 -30.64
C VAL E 35 -9.14 -11.49 -31.45
N ALA E 36 -8.27 -11.38 -32.45
CA ALA E 36 -7.92 -12.54 -33.25
C ALA E 36 -6.82 -13.35 -32.56
N VAL E 37 -7.18 -14.54 -32.07
CA VAL E 37 -6.24 -15.40 -31.38
C VAL E 37 -5.84 -16.57 -32.28
N SER E 38 -4.54 -16.77 -32.45
CA SER E 38 -4.08 -17.92 -33.21
C SER E 38 -3.65 -19.00 -32.24
N VAL E 39 -4.06 -20.22 -32.52
CA VAL E 39 -3.76 -21.36 -31.66
C VAL E 39 -3.30 -22.55 -32.49
N SER E 40 -2.20 -23.15 -32.08
CA SER E 40 -1.68 -24.31 -32.78
C SER E 40 -1.03 -25.25 -31.76
N LEU E 41 -1.52 -26.48 -31.68
CA LEU E 41 -0.91 -27.46 -30.80
C LEU E 41 0.22 -28.23 -31.51
N LYS E 42 1.36 -28.33 -30.85
CA LYS E 42 2.44 -29.18 -31.32
C LYS E 42 2.55 -30.36 -30.38
N PHE E 43 2.19 -31.56 -30.86
CA PHE E 43 2.20 -32.71 -29.95
C PHE E 43 3.62 -33.19 -29.72
N ILE E 44 3.96 -33.35 -28.44
CA ILE E 44 5.28 -33.83 -28.03
C ILE E 44 5.23 -35.30 -27.64
N ASN E 45 4.13 -35.70 -27.00
CA ASN E 45 4.03 -37.08 -26.59
C ASN E 45 2.59 -37.54 -26.38
N ILE E 46 2.40 -38.84 -26.53
CA ILE E 46 1.15 -39.50 -26.21
C ILE E 46 1.53 -40.52 -25.17
N LEU E 47 1.11 -40.28 -23.93
CA LEU E 47 1.66 -40.98 -22.78
C LEU E 47 0.84 -42.21 -22.40
N GLU E 48 -0.46 -42.06 -22.38
CA GLU E 48 -1.34 -43.18 -22.10
C GLU E 48 -2.53 -43.13 -23.03
N VAL E 49 -3.06 -44.30 -23.33
CA VAL E 49 -4.19 -44.41 -24.23
C VAL E 49 -5.03 -45.58 -23.69
N ASN E 50 -6.33 -45.35 -23.49
CA ASN E 50 -7.22 -46.41 -23.00
C ASN E 50 -8.36 -46.63 -24.00
N GLU E 51 -8.34 -47.78 -24.68
CA GLU E 51 -9.34 -48.07 -25.70
C GLU E 51 -10.70 -48.44 -25.08
N ILE E 52 -10.68 -48.89 -23.83
CA ILE E 52 -11.93 -49.22 -23.13
C ILE E 52 -12.68 -47.96 -22.70
N THR E 53 -11.96 -47.03 -22.10
CA THR E 53 -12.55 -45.81 -21.56
C THR E 53 -12.55 -44.64 -22.55
N ASN E 54 -11.81 -44.78 -23.65
CA ASN E 54 -11.69 -43.73 -24.66
C ASN E 54 -11.10 -42.48 -24.05
N GLU E 55 -9.96 -42.63 -23.39
CA GLU E 55 -9.25 -41.50 -22.80
C GLU E 55 -7.79 -41.48 -23.28
N VAL E 56 -7.22 -40.29 -23.46
CA VAL E 56 -5.80 -40.19 -23.77
C VAL E 56 -5.14 -39.19 -22.83
N ASP E 57 -3.86 -39.42 -22.57
CA ASP E 57 -3.03 -38.54 -21.76
C ASP E 57 -1.95 -38.02 -22.73
N VAL E 58 -1.94 -36.72 -23.02
CA VAL E 58 -0.99 -36.20 -24.01
C VAL E 58 -0.18 -34.99 -23.49
N VAL E 59 0.93 -34.70 -24.17
CA VAL E 59 1.72 -33.50 -23.89
C VAL E 59 1.85 -32.71 -25.19
N PHE E 60 1.57 -31.41 -25.13
CA PHE E 60 1.65 -30.59 -26.32
C PHE E 60 2.14 -29.19 -25.97
N TRP E 61 2.76 -28.53 -26.93
CA TRP E 61 3.08 -27.12 -26.83
C TRP E 61 1.93 -26.35 -27.43
N GLN E 62 1.33 -25.46 -26.64
CA GLN E 62 0.17 -24.71 -27.12
C GLN E 62 0.62 -23.35 -27.61
N GLN E 63 0.99 -23.27 -28.88
CA GLN E 63 1.45 -22.02 -29.45
C GLN E 63 0.27 -21.07 -29.60
N THR E 64 0.34 -19.94 -28.90
CA THR E 64 -0.78 -19.01 -28.83
C THR E 64 -0.30 -17.60 -29.12
N THR E 65 -0.89 -16.93 -30.11
CA THR E 65 -0.47 -15.56 -30.36
C THR E 65 -1.66 -14.66 -30.60
N TRP E 66 -1.46 -13.38 -30.33
CA TRP E 66 -2.49 -12.36 -30.52
C TRP E 66 -1.80 -11.00 -30.47
N SER E 67 -2.55 -9.94 -30.75
CA SER E 67 -1.95 -8.62 -30.77
C SER E 67 -2.58 -7.71 -29.74
N ASP E 68 -1.77 -6.89 -29.07
CA ASP E 68 -2.29 -5.73 -28.34
C ASP E 68 -1.39 -4.56 -28.67
N ARG E 69 -1.83 -3.74 -29.63
CA ARG E 69 -1.04 -2.63 -30.14
C ARG E 69 -0.72 -1.56 -29.10
N THR E 70 -1.50 -1.50 -28.03
CA THR E 70 -1.19 -0.52 -26.97
C THR E 70 0.13 -0.86 -26.27
N LEU E 71 0.63 -2.09 -26.46
CA LEU E 71 1.90 -2.50 -25.85
C LEU E 71 3.12 -2.21 -26.73
N ALA E 72 2.90 -1.78 -27.96
CA ALA E 72 3.99 -1.60 -28.90
C ALA E 72 4.92 -0.45 -28.48
N TRP E 73 6.16 -0.51 -28.94
CA TRP E 73 7.13 0.56 -28.73
C TRP E 73 8.09 0.62 -29.92
N ASN E 74 8.86 1.71 -29.98
CA ASN E 74 9.84 1.91 -31.04
C ASN E 74 11.11 1.20 -30.67
N SER E 75 11.44 0.15 -31.42
CA SER E 75 12.62 -0.66 -31.08
C SER E 75 13.79 -0.40 -32.04
N SER E 76 13.83 0.78 -32.64
CA SER E 76 14.97 1.19 -33.48
C SER E 76 16.30 1.02 -32.77
N HIS E 77 16.32 1.31 -31.48
CA HIS E 77 17.55 1.22 -30.68
C HIS E 77 17.27 0.64 -29.31
N SER E 78 16.46 -0.40 -29.29
CA SER E 78 16.16 -1.12 -28.07
C SER E 78 15.73 -2.51 -28.49
N PRO E 79 15.63 -3.44 -27.54
CA PRO E 79 15.30 -4.84 -27.86
C PRO E 79 13.96 -4.96 -28.59
N ASP E 80 13.84 -5.92 -29.51
CA ASP E 80 12.62 -6.11 -30.29
C ASP E 80 11.55 -6.90 -29.51
N GLN E 81 11.99 -7.63 -28.48
CA GLN E 81 11.11 -8.50 -27.69
C GLN E 81 11.63 -8.60 -26.27
N VAL E 82 10.72 -8.81 -25.33
CA VAL E 82 11.11 -9.16 -23.96
C VAL E 82 10.22 -10.30 -23.44
N SER E 83 10.70 -11.05 -22.45
CA SER E 83 9.88 -12.02 -21.76
C SER E 83 9.17 -11.35 -20.60
N VAL E 84 7.91 -11.72 -20.37
CA VAL E 84 7.08 -11.05 -19.38
C VAL E 84 6.25 -12.11 -18.67
N PRO E 85 6.14 -12.03 -17.33
CA PRO E 85 5.26 -12.99 -16.66
C PRO E 85 3.84 -12.83 -17.15
N ILE E 86 3.12 -13.91 -17.39
CA ILE E 86 1.78 -13.74 -17.95
C ILE E 86 0.83 -13.09 -16.94
N SER E 87 1.22 -13.06 -15.66
CA SER E 87 0.40 -12.35 -14.66
C SER E 87 0.33 -10.86 -14.96
N SER E 88 1.28 -10.33 -15.74
CA SER E 88 1.25 -8.92 -16.12
C SER E 88 0.41 -8.62 -17.36
N LEU E 89 -0.09 -9.68 -18.00
CA LEU E 89 -0.71 -9.55 -19.33
C LEU E 89 -2.10 -10.12 -19.34
N TRP E 90 -2.93 -9.60 -20.24
CA TRP E 90 -4.13 -10.34 -20.60
C TRP E 90 -3.71 -11.54 -21.43
N VAL E 91 -4.30 -12.69 -21.14
CA VAL E 91 -4.12 -13.92 -21.91
CA VAL E 91 -4.13 -13.87 -21.98
C VAL E 91 -5.50 -14.48 -22.22
N PRO E 92 -5.71 -15.06 -23.41
CA PRO E 92 -7.04 -15.60 -23.68
C PRO E 92 -7.40 -16.74 -22.72
N ASP E 93 -8.67 -16.81 -22.34
CA ASP E 93 -9.15 -17.79 -21.39
C ASP E 93 -9.53 -19.07 -22.10
N LEU E 94 -8.53 -19.68 -22.72
CA LEU E 94 -8.75 -20.89 -23.53
C LEU E 94 -8.98 -22.11 -22.66
N ALA E 95 -9.82 -23.03 -23.16
CA ALA E 95 -10.06 -24.30 -22.46
C ALA E 95 -10.40 -25.33 -23.52
N ALA E 96 -10.12 -26.59 -23.21
CA ALA E 96 -10.53 -27.70 -24.06
C ALA E 96 -11.91 -28.22 -23.66
N TYR E 97 -12.82 -28.33 -24.63
CA TYR E 97 -14.20 -28.74 -24.35
C TYR E 97 -14.31 -30.17 -23.87
N ASN E 98 -13.33 -30.99 -24.22
CA ASN E 98 -13.35 -32.39 -23.83
C ASN E 98 -12.20 -32.81 -22.90
N ALA E 99 -11.60 -31.84 -22.22
CA ALA E 99 -10.61 -32.13 -21.19
C ALA E 99 -11.28 -32.80 -19.99
N ILE E 100 -10.61 -33.79 -19.42
CA ILE E 100 -11.11 -34.45 -18.21
C ILE E 100 -10.11 -34.36 -17.05
N SER E 101 -9.09 -33.51 -17.20
CA SER E 101 -8.18 -33.16 -16.12
C SER E 101 -7.76 -31.71 -16.27
N LYS E 102 -7.21 -31.11 -15.23
CA LYS E 102 -6.67 -29.75 -15.32
C LYS E 102 -5.49 -29.74 -16.28
N PRO E 103 -5.32 -28.65 -17.03
CA PRO E 103 -4.09 -28.55 -17.82
C PRO E 103 -2.89 -28.38 -16.89
N GLU E 104 -1.90 -29.26 -16.96
CA GLU E 104 -0.74 -29.12 -16.11
C GLU E 104 0.35 -28.41 -16.91
N VAL E 105 0.65 -27.18 -16.52
CA VAL E 105 1.64 -26.38 -17.24
C VAL E 105 3.03 -26.75 -16.76
N LEU E 106 3.86 -27.26 -17.68
CA LEU E 106 5.14 -27.86 -17.36
C LEU E 106 6.27 -26.85 -17.47
N THR E 107 5.99 -25.67 -18.01
CA THR E 107 7.05 -24.70 -18.31
C THR E 107 6.83 -23.39 -17.59
N PRO E 108 7.86 -22.54 -17.56
CA PRO E 108 7.76 -21.22 -16.91
C PRO E 108 6.66 -20.39 -17.53
N GLN E 109 5.84 -19.74 -16.71
CA GLN E 109 4.67 -19.04 -17.23
C GLN E 109 5.05 -17.61 -17.66
N LEU E 110 5.81 -17.56 -18.75
CA LEU E 110 6.26 -16.32 -19.35
C LEU E 110 5.78 -16.27 -20.80
N ALA E 111 5.45 -15.07 -21.26
CA ALA E 111 5.14 -14.86 -22.68
C ALA E 111 6.21 -13.97 -23.28
N ARG E 112 6.29 -13.91 -24.60
CA ARG E 112 7.12 -12.91 -25.26
C ARG E 112 6.25 -11.75 -25.70
N VAL E 113 6.68 -10.52 -25.45
CA VAL E 113 6.00 -9.38 -26.06
C VAL E 113 6.91 -8.74 -27.11
N VAL E 114 6.38 -8.57 -28.32
CA VAL E 114 7.15 -8.07 -29.46
C VAL E 114 6.88 -6.58 -29.58
N SER E 115 7.84 -5.81 -30.11
CA SER E 115 7.70 -4.35 -30.05
C SER E 115 6.59 -3.85 -30.96
N ASP E 116 6.05 -4.70 -31.83
CA ASP E 116 4.86 -4.30 -32.62
C ASP E 116 3.56 -4.64 -31.90
N GLY E 117 3.67 -5.11 -30.66
CA GLY E 117 2.50 -5.45 -29.88
C GLY E 117 2.03 -6.90 -29.95
N GLU E 118 2.71 -7.75 -30.72
CA GLU E 118 2.34 -9.16 -30.74
C GLU E 118 2.72 -9.79 -29.42
N VAL E 119 1.85 -10.66 -28.90
CA VAL E 119 2.16 -11.42 -27.70
C VAL E 119 2.25 -12.90 -28.08
N LEU E 120 3.31 -13.57 -27.65
CA LEU E 120 3.54 -14.98 -27.95
C LEU E 120 3.61 -15.79 -26.66
N TYR E 121 2.71 -16.76 -26.51
CA TYR E 121 2.65 -17.57 -25.28
C TYR E 121 2.59 -19.04 -25.69
N MET E 122 3.54 -19.84 -25.21
CA MET E 122 3.56 -21.23 -25.63
C MET E 122 3.97 -22.15 -24.49
N PRO E 123 3.02 -22.42 -23.58
CA PRO E 123 3.29 -23.38 -22.51
C PRO E 123 3.34 -24.81 -23.05
N SER E 124 4.16 -25.64 -22.42
CA SER E 124 4.00 -27.08 -22.58
C SER E 124 2.98 -27.56 -21.56
N ILE E 125 1.98 -28.29 -22.04
CA ILE E 125 0.86 -28.72 -21.21
C ILE E 125 0.70 -30.24 -21.27
N ARG E 126 0.55 -30.86 -20.11
CA ARG E 126 0.09 -32.24 -20.04
C ARG E 126 -1.37 -32.25 -19.62
N GLN E 127 -2.20 -33.00 -20.35
CA GLN E 127 -3.62 -32.98 -20.04
C GLN E 127 -4.28 -34.24 -20.54
N ARG E 128 -5.39 -34.63 -19.91
CA ARG E 128 -6.14 -35.82 -20.32
C ARG E 128 -7.45 -35.44 -20.98
N PHE E 129 -7.86 -36.24 -21.98
CA PHE E 129 -9.04 -35.94 -22.78
C PHE E 129 -9.95 -37.15 -23.00
N SER E 130 -11.23 -36.85 -23.22
CA SER E 130 -12.19 -37.85 -23.67
C SER E 130 -12.32 -37.74 -25.19
N CYS E 131 -11.91 -38.79 -25.91
CA CYS E 131 -11.97 -38.78 -27.37
C CYS E 131 -11.92 -40.21 -27.94
N ASP E 132 -12.11 -40.33 -29.26
CA ASP E 132 -12.20 -41.63 -29.92
C ASP E 132 -10.82 -42.29 -30.06
N VAL E 133 -10.59 -43.31 -29.23
CA VAL E 133 -9.34 -44.06 -29.25
C VAL E 133 -9.47 -45.33 -30.10
N SER E 134 -10.65 -45.55 -30.67
CA SER E 134 -10.88 -46.74 -31.50
C SER E 134 -9.99 -46.76 -32.75
N GLY E 135 -9.34 -47.91 -32.97
CA GLY E 135 -8.52 -48.10 -34.15
C GLY E 135 -7.05 -47.79 -33.90
N VAL E 136 -6.72 -47.45 -32.65
CA VAL E 136 -5.35 -47.08 -32.30
C VAL E 136 -4.35 -48.20 -32.67
N ASP E 137 -4.80 -49.45 -32.63
CA ASP E 137 -3.91 -50.58 -32.90
C ASP E 137 -3.93 -51.03 -34.36
N THR E 138 -4.38 -50.17 -35.26
CA THR E 138 -4.49 -50.53 -36.67
C THR E 138 -3.66 -49.60 -37.53
N GLU E 139 -3.49 -49.96 -38.80
CA GLU E 139 -2.68 -49.20 -39.73
C GLU E 139 -3.20 -47.77 -39.90
N SER E 140 -4.52 -47.61 -39.89
CA SER E 140 -5.10 -46.29 -40.13
CA SER E 140 -5.16 -46.32 -40.10
C SER E 140 -5.16 -45.49 -38.82
N GLY E 141 -5.02 -46.17 -37.68
CA GLY E 141 -4.93 -45.50 -36.38
C GLY E 141 -6.22 -44.91 -35.86
N ALA E 142 -6.14 -44.27 -34.70
CA ALA E 142 -7.27 -43.57 -34.12
C ALA E 142 -7.26 -42.11 -34.56
N THR E 143 -8.41 -41.48 -34.42
CA THR E 143 -8.50 -40.06 -34.60
C THR E 143 -9.18 -39.48 -33.35
N CYS E 144 -8.36 -38.86 -32.51
CA CYS E 144 -8.78 -38.18 -31.30
C CYS E 144 -8.95 -36.69 -31.59
N ARG E 145 -10.18 -36.18 -31.42
CA ARG E 145 -10.44 -34.78 -31.72
C ARG E 145 -10.57 -33.97 -30.44
N ILE E 146 -9.90 -32.82 -30.42
CA ILE E 146 -9.83 -31.93 -29.26
C ILE E 146 -10.23 -30.53 -29.71
N LYS E 147 -11.22 -29.95 -29.04
CA LYS E 147 -11.69 -28.60 -29.37
C LYS E 147 -11.25 -27.62 -28.28
N ILE E 148 -10.53 -26.58 -28.68
CA ILE E 148 -10.04 -25.58 -27.73
C ILE E 148 -10.47 -24.20 -28.14
N GLY E 149 -11.04 -23.43 -27.22
CA GLY E 149 -11.43 -22.08 -27.54
C GLY E 149 -11.63 -21.29 -26.26
N SER E 150 -11.99 -20.02 -26.39
CA SER E 150 -12.29 -19.19 -25.22
C SER E 150 -13.44 -19.79 -24.43
N TRP E 151 -13.29 -19.88 -23.10
CA TRP E 151 -14.38 -20.40 -22.27
C TRP E 151 -15.55 -19.41 -22.16
N THR E 152 -15.25 -18.13 -22.00
CA THR E 152 -16.31 -17.17 -21.69
C THR E 152 -16.49 -16.07 -22.73
N HIS E 153 -15.63 -16.01 -23.75
CA HIS E 153 -15.79 -14.95 -24.75
C HIS E 153 -16.28 -15.55 -26.07
N HIS E 154 -17.46 -15.11 -26.51
CA HIS E 154 -18.08 -15.62 -27.75
C HIS E 154 -17.48 -14.97 -29.00
N SER E 155 -17.99 -15.31 -30.18
CA SER E 155 -17.26 -15.01 -31.42
C SER E 155 -17.13 -13.52 -31.71
N ARG E 156 -18.03 -12.72 -31.15
CA ARG E 156 -17.95 -11.28 -31.35
C ARG E 156 -16.76 -10.69 -30.59
N GLU E 157 -16.30 -11.41 -29.57
CA GLU E 157 -15.25 -10.92 -28.67
C GLU E 157 -13.88 -11.53 -28.95
N ILE E 158 -13.87 -12.83 -29.21
CA ILE E 158 -12.64 -13.55 -29.55
C ILE E 158 -12.88 -14.47 -30.75
N SER E 159 -12.01 -14.35 -31.75
CA SER E 159 -11.99 -15.35 -32.81
C SER E 159 -10.70 -16.16 -32.68
N VAL E 160 -10.75 -17.42 -33.12
CA VAL E 160 -9.59 -18.29 -33.03
C VAL E 160 -9.26 -18.90 -34.38
N ASP E 161 -8.01 -18.77 -34.77
CA ASP E 161 -7.52 -19.28 -36.05
C ASP E 161 -6.37 -20.29 -35.86
N PRO E 162 -6.43 -21.42 -36.57
CA PRO E 162 -5.30 -22.35 -36.66
C PRO E 162 -4.18 -21.77 -37.53
N THR E 163 -2.92 -22.14 -37.28
CA THR E 163 -1.79 -21.61 -38.07
C THR E 163 -1.28 -22.62 -39.11
N THR E 164 -1.16 -23.87 -38.70
CA THR E 164 -0.81 -24.95 -39.61
C THR E 164 -1.94 -25.98 -39.62
N GLU E 165 -2.69 -26.03 -40.71
CA GLU E 165 -3.89 -26.85 -40.73
C GLU E 165 -3.56 -28.33 -40.87
N ASN E 166 -2.39 -28.65 -41.40
CA ASN E 166 -1.99 -30.04 -41.64
C ASN E 166 -0.51 -30.29 -41.39
N SER E 167 -0.18 -31.32 -40.61
CA SER E 167 1.22 -31.65 -40.30
C SER E 167 1.36 -32.99 -39.60
N ASP E 168 2.51 -33.64 -39.75
CA ASP E 168 2.73 -34.87 -38.98
C ASP E 168 3.54 -34.60 -37.71
N ASP E 169 3.86 -33.33 -37.46
CA ASP E 169 4.50 -32.89 -36.23
C ASP E 169 5.84 -33.59 -35.99
N SER E 170 6.53 -33.96 -37.08
CA SER E 170 7.80 -34.67 -36.92
C SER E 170 8.91 -33.79 -36.30
N GLU E 171 8.78 -32.48 -36.38
CA GLU E 171 9.73 -31.60 -35.68
C GLU E 171 9.66 -31.78 -34.18
N TYR E 172 8.50 -32.15 -33.68
CA TYR E 172 8.19 -32.00 -32.25
C TYR E 172 8.01 -33.31 -31.49
N PHE E 173 7.44 -34.30 -32.15
CA PHE E 173 6.95 -35.48 -31.44
C PHE E 173 8.08 -36.40 -31.00
N SER E 174 7.97 -36.87 -29.77
CA SER E 174 9.02 -37.71 -29.19
C SER E 174 9.25 -38.97 -30.00
N GLN E 175 10.52 -39.27 -30.24
CA GLN E 175 10.93 -40.49 -30.91
C GLN E 175 10.68 -41.72 -30.02
N TYR E 176 10.50 -41.49 -28.72
CA TYR E 176 10.47 -42.62 -27.79
C TYR E 176 9.06 -42.96 -27.32
N SER E 177 8.06 -42.27 -27.84
CA SER E 177 6.67 -42.64 -27.55
C SER E 177 6.36 -44.04 -28.09
N ARG E 178 5.38 -44.70 -27.48
CA ARG E 178 4.94 -46.00 -27.96
C ARG E 178 4.06 -45.79 -29.20
N PHE E 179 3.64 -44.55 -29.41
CA PHE E 179 2.75 -44.21 -30.51
C PHE E 179 3.47 -43.36 -31.56
N GLU E 180 2.88 -43.27 -32.74
CA GLU E 180 3.38 -42.38 -33.77
C GLU E 180 2.24 -41.57 -34.33
N ILE E 181 2.56 -40.35 -34.78
CA ILE E 181 1.55 -39.49 -35.36
C ILE E 181 1.48 -39.69 -36.86
N LEU E 182 0.26 -39.97 -37.34
CA LEU E 182 0.02 -40.11 -38.78
C LEU E 182 -0.29 -38.76 -39.38
N ASP E 183 -1.08 -37.96 -38.67
CA ASP E 183 -1.41 -36.64 -39.15
C ASP E 183 -2.11 -35.81 -38.08
N VAL E 184 -1.85 -34.50 -38.09
CA VAL E 184 -2.53 -33.58 -37.18
C VAL E 184 -3.17 -32.48 -38.01
N THR E 185 -4.50 -32.43 -38.00
CA THR E 185 -5.20 -31.36 -38.71
CA THR E 185 -5.22 -31.37 -38.71
C THR E 185 -5.84 -30.43 -37.69
N GLN E 186 -5.79 -29.13 -37.97
CA GLN E 186 -6.32 -28.13 -37.06
C GLN E 186 -7.16 -27.15 -37.86
N LYS E 187 -8.46 -27.11 -37.59
CA LYS E 187 -9.37 -26.29 -38.37
C LYS E 187 -10.24 -25.38 -37.48
N LYS E 188 -10.66 -24.26 -38.06
CA LYS E 188 -11.65 -23.38 -37.43
C LYS E 188 -12.95 -24.11 -37.23
N ASN E 189 -13.60 -23.85 -36.11
CA ASN E 189 -14.91 -24.42 -35.85
C ASN E 189 -15.67 -23.50 -34.87
N SER E 190 -16.99 -23.65 -34.79
CA SER E 190 -17.80 -22.93 -33.81
C SER E 190 -18.74 -23.88 -33.09
N VAL E 191 -18.98 -23.64 -31.80
CA VAL E 191 -19.94 -24.42 -31.05
C VAL E 191 -21.02 -23.51 -30.47
N THR E 192 -22.26 -24.01 -30.43
CA THR E 192 -23.33 -23.34 -29.74
C THR E 192 -24.06 -24.34 -28.86
N TYR E 193 -24.20 -24.02 -27.58
CA TYR E 193 -24.94 -24.87 -26.64
C TYR E 193 -26.19 -24.14 -26.16
N SER E 194 -27.23 -24.88 -25.80
CA SER E 194 -28.49 -24.25 -25.38
C SER E 194 -28.32 -23.39 -24.14
N CYS E 195 -27.31 -23.69 -23.32
CA CYS E 195 -27.07 -22.96 -22.09
C CYS E 195 -26.70 -21.50 -22.39
N CYS E 196 -26.14 -21.29 -23.58
CA CYS E 196 -25.35 -20.09 -23.86
C CYS E 196 -25.61 -19.63 -25.28
N PRO E 197 -26.49 -18.64 -25.43
CA PRO E 197 -27.03 -18.25 -26.74
C PRO E 197 -26.09 -17.39 -27.58
N GLU E 198 -24.85 -17.85 -27.78
CA GLU E 198 -23.96 -17.24 -28.77
C GLU E 198 -23.10 -18.34 -29.33
N ALA E 199 -22.43 -18.09 -30.46
CA ALA E 199 -21.46 -19.04 -30.96
C ALA E 199 -20.12 -18.74 -30.33
N TYR E 200 -19.38 -19.79 -30.02
CA TYR E 200 -18.02 -19.67 -29.49
C TYR E 200 -17.06 -20.32 -30.47
N GLU E 201 -16.01 -19.61 -30.86
CA GLU E 201 -15.05 -20.17 -31.81
C GLU E 201 -14.11 -21.14 -31.14
N ASP E 202 -13.67 -22.14 -31.88
CA ASP E 202 -12.65 -23.03 -31.37
C ASP E 202 -11.73 -23.51 -32.49
N VAL E 203 -10.57 -24.04 -32.11
CA VAL E 203 -9.76 -24.81 -33.05
C VAL E 203 -10.07 -26.27 -32.80
N GLU E 204 -10.53 -26.97 -33.82
CA GLU E 204 -10.74 -28.40 -33.71
C GLU E 204 -9.47 -29.10 -34.14
N VAL E 205 -8.83 -29.80 -33.20
CA VAL E 205 -7.57 -30.47 -33.47
C VAL E 205 -7.85 -31.96 -33.63
N SER E 206 -7.55 -32.51 -34.83
CA SER E 206 -7.74 -33.95 -35.05
C SER E 206 -6.40 -34.66 -35.03
N LEU E 207 -6.19 -35.48 -34.02
CA LEU E 207 -4.93 -36.17 -33.82
C LEU E 207 -5.06 -37.61 -34.30
N ASN E 208 -4.56 -37.87 -35.51
CA ASN E 208 -4.56 -39.22 -36.07
C ASN E 208 -3.24 -39.90 -35.74
N PHE E 209 -3.30 -40.94 -34.91
CA PHE E 209 -2.11 -41.61 -34.40
C PHE E 209 -2.37 -43.11 -34.27
N ARG E 210 -1.28 -43.87 -34.13
CA ARG E 210 -1.41 -45.31 -33.97
C ARG E 210 -0.30 -45.84 -33.07
N LYS E 211 -0.53 -47.02 -32.49
CA LYS E 211 0.50 -47.69 -31.71
C LYS E 211 1.59 -48.20 -32.65
N LYS E 212 2.85 -48.11 -32.24
CA LYS E 212 3.96 -48.56 -33.07
C LYS E 212 3.97 -50.07 -33.23
N LYS F 3 37.84 7.89 6.55
CA LYS F 3 38.04 7.41 5.17
C LYS F 3 36.81 6.66 4.67
N ASP F 4 35.92 6.29 5.60
CA ASP F 4 34.71 5.54 5.27
C ASP F 4 33.47 6.43 5.24
N ASP F 5 33.63 7.67 5.69
CA ASP F 5 32.51 8.60 5.80
C ASP F 5 31.77 8.82 4.46
N ASP F 6 32.49 8.74 3.34
CA ASP F 6 31.88 9.07 2.06
C ASP F 6 31.48 7.83 1.24
N ASP F 7 31.44 6.67 1.89
CA ASP F 7 30.96 5.45 1.25
C ASP F 7 29.45 5.56 1.10
N LYS F 8 28.97 5.83 -0.11
CA LYS F 8 27.55 6.14 -0.28
C LYS F 8 26.62 4.98 0.12
N LEU F 9 26.94 3.77 -0.34
CA LEU F 9 26.10 2.62 -0.02
C LEU F 9 26.01 2.43 1.48
N ASP F 10 27.11 2.67 2.19
CA ASP F 10 27.11 2.62 3.64
C ASP F 10 26.14 3.67 4.22
N ARG F 11 26.15 4.89 3.68
CA ARG F 11 25.26 5.93 4.20
C ARG F 11 23.80 5.55 3.98
N ALA F 12 23.49 5.04 2.79
CA ALA F 12 22.13 4.61 2.46
C ALA F 12 21.68 3.51 3.41
N ASP F 13 22.59 2.58 3.73
CA ASP F 13 22.25 1.49 4.64
C ASP F 13 22.07 1.98 6.07
N ILE F 14 22.85 2.97 6.46
CA ILE F 14 22.68 3.55 7.79
C ILE F 14 21.31 4.22 7.90
N LEU F 15 20.90 4.92 6.85
CA LEU F 15 19.62 5.61 6.86
C LEU F 15 18.48 4.59 6.91
N TYR F 16 18.62 3.50 6.16
CA TYR F 16 17.67 2.41 6.22
C TYR F 16 17.58 1.79 7.63
N ASN F 17 18.73 1.55 8.25
CA ASN F 17 18.79 1.03 9.61
C ASN F 17 18.10 1.96 10.60
N ILE F 18 18.38 3.26 10.50
CA ILE F 18 17.75 4.25 11.39
C ILE F 18 16.24 4.23 11.22
N ARG F 19 15.78 4.15 9.98
CA ARG F 19 14.35 4.17 9.73
C ARG F 19 13.64 2.87 10.14
N GLN F 20 14.38 1.78 10.15
CA GLN F 20 13.80 0.53 10.65
C GLN F 20 13.64 0.58 12.17
N THR F 21 14.53 1.30 12.83
CA THR F 21 14.64 1.23 14.28
C THR F 21 13.95 2.39 14.99
N SER F 22 13.96 3.54 14.33
CA SER F 22 13.47 4.77 14.91
C SER F 22 11.97 4.67 15.19
N ARG F 23 11.57 5.11 16.36
CA ARG F 23 10.15 5.29 16.65
C ARG F 23 9.91 6.77 16.92
N PRO F 24 9.51 7.53 15.88
CA PRO F 24 9.48 8.98 15.99
C PRO F 24 8.48 9.52 17.00
N ASP F 25 7.52 8.71 17.46
CA ASP F 25 6.51 9.23 18.37
C ASP F 25 6.71 8.73 19.80
N VAL F 26 7.77 7.97 20.03
CA VAL F 26 7.99 7.38 21.34
C VAL F 26 9.27 7.91 21.96
N ILE F 27 9.22 8.38 23.20
CA ILE F 27 10.41 8.94 23.82
C ILE F 27 11.44 7.82 23.99
N PRO F 28 12.70 8.11 23.66
CA PRO F 28 13.73 7.06 23.66
C PRO F 28 14.33 6.85 25.04
N THR F 29 13.49 6.49 26.02
CA THR F 29 13.95 6.26 27.39
C THR F 29 14.83 5.02 27.44
N GLN F 30 15.93 5.12 28.20
CA GLN F 30 16.85 4.00 28.37
C GLN F 30 16.99 3.66 29.84
N ARG F 31 16.54 2.47 30.23
CA ARG F 31 16.70 1.97 31.59
C ARG F 31 15.86 2.75 32.60
N ASP F 32 14.60 3.04 32.24
CA ASP F 32 13.64 3.68 33.14
C ASP F 32 13.95 5.13 33.49
N ARG F 33 15.04 5.67 32.93
CA ARG F 33 15.44 7.05 33.25
C ARG F 33 14.86 8.04 32.23
N PRO F 34 14.71 9.31 32.63
CA PRO F 34 14.21 10.30 31.67
C PRO F 34 15.20 10.53 30.52
N VAL F 35 14.69 10.99 29.39
CA VAL F 35 15.55 11.32 28.26
C VAL F 35 16.29 12.62 28.58
N ALA F 36 17.62 12.57 28.60
CA ALA F 36 18.42 13.75 28.89
C ALA F 36 18.61 14.60 27.64
N VAL F 37 17.90 15.72 27.58
CA VAL F 37 18.02 16.62 26.44
C VAL F 37 18.87 17.83 26.81
N SER F 38 19.94 18.04 26.06
CA SER F 38 20.80 19.21 26.23
C SER F 38 20.38 20.28 25.25
N VAL F 39 20.22 21.49 25.76
CA VAL F 39 19.75 22.61 24.94
C VAL F 39 20.62 23.82 25.18
N SER F 40 21.02 24.50 24.13
CA SER F 40 21.75 25.76 24.29
C SER F 40 21.39 26.71 23.16
N LEU F 41 20.86 27.89 23.50
CA LEU F 41 20.54 28.86 22.46
C LEU F 41 21.76 29.71 22.15
N LYS F 42 22.10 29.81 20.86
CA LYS F 42 23.15 30.72 20.43
C LYS F 42 22.52 31.87 19.68
N PHE F 43 22.51 33.06 20.29
CA PHE F 43 21.81 34.17 19.66
C PHE F 43 22.59 34.73 18.47
N ILE F 44 21.87 34.97 17.38
CA ILE F 44 22.51 35.45 16.16
C ILE F 44 22.14 36.91 15.93
N ASN F 45 20.90 37.23 16.26
CA ASN F 45 20.45 38.59 16.07
C ASN F 45 19.27 38.94 16.93
N ILE F 46 19.17 40.23 17.24
CA ILE F 46 17.98 40.81 17.83
C ILE F 46 17.45 41.79 16.79
N LEU F 47 16.28 41.47 16.24
CA LEU F 47 15.77 42.18 15.06
C LEU F 47 14.89 43.37 15.38
N GLU F 48 14.12 43.24 16.46
CA GLU F 48 13.17 44.27 16.86
C GLU F 48 12.96 44.19 18.35
N VAL F 49 12.85 45.35 18.97
CA VAL F 49 12.59 45.44 20.38
C VAL F 49 11.55 46.52 20.58
N ASN F 50 10.52 46.21 21.37
CA ASN F 50 9.43 47.14 21.62
C ASN F 50 9.34 47.43 23.11
N GLU F 51 9.86 48.59 23.53
CA GLU F 51 9.89 48.94 24.95
C GLU F 51 8.50 49.20 25.53
N ILE F 52 7.54 49.58 24.69
CA ILE F 52 6.16 49.76 25.17
C ILE F 52 5.47 48.43 25.42
N THR F 53 5.52 47.53 24.44
CA THR F 53 4.81 46.26 24.52
C THR F 53 5.62 45.17 25.23
N ASN F 54 6.90 45.44 25.48
CA ASN F 54 7.80 44.43 26.04
C ASN F 54 7.82 43.16 25.17
N GLU F 55 8.15 43.35 23.88
CA GLU F 55 8.30 42.21 22.96
C GLU F 55 9.63 42.28 22.23
N VAL F 56 10.24 41.13 21.98
CA VAL F 56 11.44 41.08 21.16
C VAL F 56 11.26 40.06 20.04
N ASP F 57 11.99 40.29 18.96
CA ASP F 57 12.00 39.46 17.77
C ASP F 57 13.46 39.07 17.55
N VAL F 58 13.77 37.80 17.74
CA VAL F 58 15.16 37.36 17.74
C VAL F 58 15.40 36.14 16.84
N VAL F 59 16.66 35.94 16.48
CA VAL F 59 17.09 34.78 15.73
C VAL F 59 18.16 34.06 16.55
N PHE F 60 18.02 32.76 16.71
CA PHE F 60 19.01 31.99 17.47
C PHE F 60 19.16 30.60 16.88
N TRP F 61 20.34 30.01 17.08
CA TRP F 61 20.54 28.61 16.77
C TRP F 61 20.22 27.82 18.04
N GLN F 62 19.32 26.87 17.92
CA GLN F 62 18.93 26.09 19.08
C GLN F 62 19.67 24.77 19.09
N GLN F 63 20.85 24.75 19.70
CA GLN F 63 21.67 23.55 19.70
C GLN F 63 21.06 22.53 20.64
N THR F 64 20.62 21.42 20.07
CA THR F 64 19.88 20.42 20.83
C THR F 64 20.49 19.06 20.64
N THR F 65 20.73 18.34 21.73
CA THR F 65 21.27 17.01 21.59
C THR F 65 20.64 16.06 22.59
N TRP F 66 20.58 14.79 22.22
CA TRP F 66 20.10 13.75 23.10
C TRP F 66 20.61 12.45 22.52
N SER F 67 20.35 11.32 23.17
CA SER F 67 20.82 10.08 22.59
C SER F 67 19.69 9.07 22.48
N ASP F 68 19.77 8.24 21.44
CA ASP F 68 18.92 7.08 21.31
C ASP F 68 19.84 5.93 20.95
N ARG F 69 20.23 5.14 21.94
CA ARG F 69 21.21 4.10 21.73
C ARG F 69 20.74 3.03 20.75
N THR F 70 19.44 2.94 20.51
CA THR F 70 18.92 1.97 19.55
C THR F 70 19.29 2.35 18.10
N LEU F 71 19.72 3.59 17.89
CA LEU F 71 20.16 4.02 16.56
C LEU F 71 21.64 3.75 16.28
N ALA F 72 22.38 3.37 17.33
CA ALA F 72 23.82 3.22 17.23
C ALA F 72 24.22 2.14 16.21
N TRP F 73 25.39 2.30 15.63
CA TRP F 73 25.95 1.28 14.77
C TRP F 73 27.47 1.25 14.91
N ASN F 74 28.07 0.16 14.46
CA ASN F 74 29.51 -0.02 14.42
C ASN F 74 30.12 0.76 13.26
N SER F 75 30.84 1.83 13.55
CA SER F 75 31.39 2.69 12.51
C SER F 75 32.89 2.47 12.33
N SER F 76 33.40 1.36 12.86
CA SER F 76 34.81 1.00 12.70
C SER F 76 35.23 1.09 11.23
N HIS F 77 34.35 0.66 10.33
CA HIS F 77 34.64 0.72 8.90
C HIS F 77 33.51 1.34 8.08
N SER F 78 32.77 2.25 8.70
CA SER F 78 31.71 2.96 7.99
C SER F 78 31.58 4.40 8.48
N PRO F 79 30.73 5.20 7.82
CA PRO F 79 30.51 6.59 8.24
C PRO F 79 30.15 6.67 9.71
N ASP F 80 30.68 7.64 10.43
CA ASP F 80 30.32 7.75 11.84
C ASP F 80 29.21 8.76 12.08
N GLN F 81 28.80 9.48 11.02
CA GLN F 81 27.64 10.37 11.11
C GLN F 81 26.88 10.44 9.78
N VAL F 82 25.58 10.65 9.85
CA VAL F 82 24.80 10.98 8.66
C VAL F 82 23.79 12.05 8.99
N SER F 83 23.34 12.77 7.97
CA SER F 83 22.23 13.72 8.14
C SER F 83 20.95 12.98 7.86
N VAL F 84 19.93 13.27 8.66
CA VAL F 84 18.66 12.58 8.61
C VAL F 84 17.53 13.60 8.74
N PRO F 85 16.49 13.50 7.88
CA PRO F 85 15.32 14.36 8.04
C PRO F 85 14.68 14.16 9.41
N ILE F 86 14.31 15.23 10.12
CA ILE F 86 13.81 15.01 11.47
C ILE F 86 12.47 14.27 11.48
N SER F 87 11.75 14.27 10.36
CA SER F 87 10.50 13.52 10.30
C SER F 87 10.74 12.02 10.53
N SER F 88 11.98 11.55 10.35
CA SER F 88 12.30 10.13 10.56
C SER F 88 12.70 9.82 12.00
N LEU F 89 12.79 10.85 12.83
CA LEU F 89 13.33 10.75 14.18
C LEU F 89 12.36 11.21 15.26
N TRP F 90 12.50 10.69 16.46
CA TRP F 90 11.87 11.35 17.59
C TRP F 90 12.67 12.60 17.88
N VAL F 91 11.94 13.70 18.13
CA VAL F 91 12.55 14.94 18.54
C VAL F 91 11.79 15.43 19.77
N PRO F 92 12.50 16.02 20.74
CA PRO F 92 11.81 16.51 21.94
C PRO F 92 10.78 17.59 21.58
N ASP F 93 9.64 17.56 22.27
CA ASP F 93 8.58 18.51 22.02
C ASP F 93 8.83 19.84 22.77
N LEU F 94 9.93 20.50 22.46
CA LEU F 94 10.32 21.71 23.17
C LEU F 94 9.44 22.89 22.76
N ALA F 95 9.09 23.75 23.72
CA ALA F 95 8.37 24.99 23.41
C ALA F 95 8.84 26.09 24.35
N ALA F 96 8.73 27.34 23.91
CA ALA F 96 9.03 28.47 24.77
C ALA F 96 7.76 28.91 25.50
N TYR F 97 7.82 28.98 26.82
CA TYR F 97 6.63 29.33 27.61
C TYR F 97 6.15 30.76 27.39
N ASN F 98 7.03 31.65 26.95
CA ASN F 98 6.64 33.03 26.71
C ASN F 98 6.75 33.44 25.23
N ALA F 99 6.70 32.45 24.33
CA ALA F 99 6.62 32.76 22.90
C ALA F 99 5.27 33.37 22.57
N ILE F 100 5.26 34.37 21.70
CA ILE F 100 4.01 34.95 21.22
C ILE F 100 3.90 34.82 19.69
N SER F 101 4.80 34.06 19.09
CA SER F 101 4.66 33.68 17.68
C SER F 101 5.19 32.26 17.48
N LYS F 102 4.88 31.65 16.34
CA LYS F 102 5.36 30.31 16.05
C LYS F 102 6.86 30.38 15.82
N PRO F 103 7.59 29.33 16.20
CA PRO F 103 9.01 29.36 15.82
C PRO F 103 9.14 29.23 14.30
N GLU F 104 9.83 30.16 13.65
CA GLU F 104 10.06 30.05 12.22
C GLU F 104 11.42 29.41 12.00
N VAL F 105 11.44 28.20 11.45
CA VAL F 105 12.69 27.48 11.25
C VAL F 105 13.26 27.92 9.91
N LEU F 106 14.47 28.47 9.94
CA LEU F 106 15.04 29.14 8.78
C LEU F 106 16.00 28.24 8.00
N THR F 107 16.23 27.05 8.53
CA THR F 107 17.23 26.14 7.99
C THR F 107 16.58 24.80 7.62
N PRO F 108 17.26 24.01 6.76
CA PRO F 108 16.80 22.65 6.44
C PRO F 108 16.56 21.82 7.70
N GLN F 109 15.44 21.10 7.74
CA GLN F 109 15.07 20.35 8.93
C GLN F 109 15.70 18.95 8.93
N LEU F 110 17.02 18.95 9.09
CA LEU F 110 17.83 17.75 9.15
C LEU F 110 18.56 17.71 10.49
N ALA F 111 18.69 16.52 11.07
CA ALA F 111 19.56 16.34 12.22
C ALA F 111 20.74 15.46 11.82
N ARG F 112 21.78 15.45 12.66
CA ARG F 112 22.89 14.50 12.48
C ARG F 112 22.69 13.37 13.47
N VAL F 113 22.82 12.14 13.01
CA VAL F 113 22.83 11.01 13.91
C VAL F 113 24.25 10.47 13.91
N VAL F 114 24.82 10.35 15.11
CA VAL F 114 26.18 9.88 15.31
C VAL F 114 26.15 8.38 15.57
N SER F 115 27.22 7.67 15.23
CA SER F 115 27.20 6.21 15.31
C SER F 115 27.06 5.69 16.74
N ASP F 116 27.25 6.55 17.74
CA ASP F 116 27.03 6.09 19.12
C ASP F 116 25.60 6.33 19.57
N GLY F 117 24.74 6.79 18.67
CA GLY F 117 23.35 7.01 19.01
C GLY F 117 22.98 8.43 19.38
N GLU F 118 23.97 9.32 19.41
CA GLU F 118 23.68 10.70 19.73
C GLU F 118 22.99 11.38 18.55
N VAL F 119 22.03 12.23 18.85
CA VAL F 119 21.32 12.96 17.79
C VAL F 119 21.62 14.42 18.02
N LEU F 120 22.01 15.11 16.95
CA LEU F 120 22.32 16.54 17.03
C LEU F 120 21.39 17.31 16.10
N TYR F 121 20.60 18.19 16.68
CA TYR F 121 19.65 18.99 15.89
C TYR F 121 19.83 20.47 16.23
N MET F 122 20.11 21.30 15.23
CA MET F 122 20.37 22.72 15.51
C MET F 122 19.76 23.62 14.45
N PRO F 123 18.45 23.84 14.55
CA PRO F 123 17.78 24.76 13.62
C PRO F 123 18.11 26.19 13.97
N SER F 124 18.13 27.04 12.94
CA SER F 124 18.11 28.49 13.19
C SER F 124 16.64 28.89 13.25
N ILE F 125 16.27 29.55 14.35
CA ILE F 125 14.88 29.89 14.62
C ILE F 125 14.70 31.39 14.75
N ARG F 126 13.68 31.91 14.08
CA ARG F 126 13.25 33.28 14.35
C ARG F 126 11.93 33.22 15.09
N GLN F 127 11.83 33.98 16.18
CA GLN F 127 10.63 33.89 17.02
C GLN F 127 10.45 35.17 17.84
N ARG F 128 9.22 35.46 18.21
CA ARG F 128 8.93 36.63 19.05
C ARG F 128 8.57 36.22 20.47
N PHE F 129 8.97 37.04 21.43
CA PHE F 129 8.75 36.71 22.84
C PHE F 129 8.21 37.88 23.64
N SER F 130 7.48 37.55 24.69
CA SER F 130 7.07 38.49 25.72
C SER F 130 8.08 38.44 26.89
N CYS F 131 8.82 39.52 27.08
CA CYS F 131 9.79 39.60 28.15
C CYS F 131 10.14 41.04 28.51
N ASP F 132 10.84 41.22 29.63
CA ASP F 132 11.24 42.55 30.12
C ASP F 132 12.29 43.22 29.23
N VAL F 133 11.86 44.25 28.51
CA VAL F 133 12.74 45.01 27.63
C VAL F 133 13.22 46.31 28.30
N SER F 134 12.74 46.57 29.51
CA SER F 134 13.11 47.80 30.21
C SER F 134 14.62 47.85 30.46
N GLY F 135 15.23 48.99 30.17
CA GLY F 135 16.65 49.18 30.41
C GLY F 135 17.52 48.99 29.17
N VAL F 136 16.90 48.64 28.04
CA VAL F 136 17.63 48.33 26.81
C VAL F 136 18.55 49.46 26.32
N ASP F 137 18.17 50.70 26.62
CA ASP F 137 18.99 51.84 26.20
C ASP F 137 19.80 52.42 27.36
N THR F 138 20.16 51.56 28.31
CA THR F 138 21.00 51.96 29.43
C THR F 138 22.25 51.07 29.44
N GLU F 139 23.27 51.49 30.17
CA GLU F 139 24.52 50.76 30.21
C GLU F 139 24.29 49.33 30.70
N SER F 140 23.42 49.19 31.71
CA SER F 140 23.15 47.88 32.29
C SER F 140 22.33 46.98 31.37
N GLY F 141 21.64 47.58 30.40
CA GLY F 141 20.90 46.85 29.39
C GLY F 141 19.59 46.26 29.90
N ALA F 142 18.84 45.63 29.01
CA ALA F 142 17.67 44.87 29.39
C ALA F 142 18.05 43.42 29.64
N THR F 143 17.23 42.71 30.42
CA THR F 143 17.38 41.28 30.58
C THR F 143 16.07 40.58 30.26
N CYS F 144 16.04 39.99 29.06
CA CYS F 144 14.89 39.27 28.54
C CYS F 144 15.01 37.78 28.86
N ARG F 145 14.07 37.24 29.63
CA ARG F 145 14.14 35.82 30.00
C ARG F 145 13.19 34.99 29.15
N ILE F 146 13.71 33.88 28.64
CA ILE F 146 12.98 32.96 27.77
C ILE F 146 13.07 31.60 28.43
N LYS F 147 11.91 31.00 28.71
CA LYS F 147 11.88 29.68 29.32
C LYS F 147 11.49 28.66 28.26
N ILE F 148 12.33 27.65 28.09
CA ILE F 148 12.10 26.59 27.11
C ILE F 148 12.15 25.21 27.77
N GLY F 149 11.16 24.38 27.49
CA GLY F 149 11.15 23.01 28.00
C GLY F 149 10.18 22.13 27.23
N SER F 150 10.11 20.86 27.60
CA SER F 150 9.13 19.97 26.99
C SER F 150 7.73 20.47 27.29
N TRP F 151 6.87 20.52 26.26
CA TRP F 151 5.51 20.98 26.48
C TRP F 151 4.68 19.94 27.23
N THR F 152 4.84 18.66 26.88
CA THR F 152 3.94 17.63 27.42
C THR F 152 4.60 16.53 28.26
N HIS F 153 5.93 16.51 28.33
CA HIS F 153 6.62 15.48 29.11
C HIS F 153 7.18 16.06 30.42
N HIS F 154 6.78 15.52 31.55
CA HIS F 154 7.28 16.02 32.84
C HIS F 154 8.66 15.42 33.16
N SER F 155 9.20 15.79 34.32
CA SER F 155 10.61 15.53 34.65
CA SER F 155 10.60 15.52 34.66
C SER F 155 10.98 14.05 34.72
N ARG F 156 10.02 13.17 34.93
CA ARG F 156 10.36 11.75 34.96
C ARG F 156 10.61 11.22 33.55
N GLU F 157 10.12 11.95 32.54
CA GLU F 157 10.21 11.50 31.15
C GLU F 157 11.29 12.21 30.34
N ILE F 158 11.41 13.53 30.54
CA ILE F 158 12.44 14.33 29.87
C ILE F 158 13.07 15.28 30.87
N SER F 159 14.40 15.30 30.93
CA SER F 159 15.08 16.37 31.61
C SER F 159 15.74 17.29 30.59
N VAL F 160 15.85 18.58 30.90
CA VAL F 160 16.55 19.49 30.01
C VAL F 160 17.73 20.13 30.74
N ASP F 161 18.90 20.03 30.12
CA ASP F 161 20.13 20.53 30.70
C ASP F 161 20.78 21.55 29.77
N PRO F 162 21.09 22.74 30.30
CA PRO F 162 21.86 23.71 29.52
C PRO F 162 23.29 23.20 29.43
N THR F 163 24.02 23.53 28.36
CA THR F 163 25.38 23.02 28.24
C THR F 163 26.42 24.09 28.55
N THR F 164 26.05 25.35 28.39
CA THR F 164 26.94 26.48 28.68
C THR F 164 26.18 27.52 29.49
N GLU F 165 26.53 27.67 30.77
CA GLU F 165 25.69 28.50 31.64
C GLU F 165 25.86 30.00 31.36
N ASN F 166 27.07 30.43 31.02
CA ASN F 166 27.32 31.86 30.75
C ASN F 166 28.17 32.04 29.50
N SER F 167 27.87 33.07 28.73
CA SER F 167 28.57 33.35 27.48
C SER F 167 28.26 34.76 27.00
N ASP F 168 29.25 35.47 26.46
CA ASP F 168 28.95 36.79 25.88
C ASP F 168 28.45 36.62 24.46
N ASP F 169 28.53 35.39 23.95
CA ASP F 169 27.99 35.06 22.64
C ASP F 169 28.73 35.73 21.48
N SER F 170 29.95 36.18 21.72
CA SER F 170 30.73 36.92 20.72
C SER F 170 30.92 36.10 19.45
N GLU F 171 31.02 34.79 19.59
CA GLU F 171 31.29 33.93 18.46
C GLU F 171 30.15 33.93 17.43
N TYR F 172 28.93 34.20 17.89
CA TYR F 172 27.73 33.97 17.08
C TYR F 172 26.97 35.23 16.70
N PHE F 173 26.93 36.20 17.60
CA PHE F 173 26.05 37.35 17.42
C PHE F 173 26.50 38.24 16.27
N SER F 174 25.54 38.73 15.50
CA SER F 174 25.86 39.53 14.31
C SER F 174 26.52 40.85 14.69
N GLN F 175 27.65 41.17 14.06
CA GLN F 175 28.28 42.47 14.26
C GLN F 175 27.45 43.60 13.68
N TYR F 176 26.44 43.27 12.88
CA TYR F 176 25.67 44.32 12.21
C TYR F 176 24.37 44.65 12.92
N SER F 177 24.03 43.90 13.96
CA SER F 177 22.86 44.20 14.77
C SER F 177 22.92 45.62 15.36
N ARG F 178 21.76 46.21 15.62
CA ARG F 178 21.69 47.48 16.35
C ARG F 178 22.06 47.28 17.81
N PHE F 179 22.03 46.03 18.23
CA PHE F 179 22.18 45.69 19.63
C PHE F 179 23.49 44.98 19.86
N GLU F 180 23.89 44.91 21.12
CA GLU F 180 25.05 44.11 21.51
C GLU F 180 24.70 43.32 22.76
N ILE F 181 25.26 42.11 22.85
CA ILE F 181 25.00 41.23 23.98
C ILE F 181 26.02 41.43 25.10
N LEU F 182 25.52 41.63 26.31
CA LEU F 182 26.37 41.65 27.50
C LEU F 182 26.64 40.24 28.01
N ASP F 183 25.57 39.48 28.25
CA ASP F 183 25.72 38.11 28.75
C ASP F 183 24.47 37.33 28.44
N VAL F 184 24.65 36.04 28.21
CA VAL F 184 23.55 35.10 28.06
C VAL F 184 23.73 34.02 29.10
N THR F 185 22.82 33.96 30.06
CA THR F 185 22.87 32.92 31.08
C THR F 185 21.79 31.89 30.81
N GLN F 186 22.14 30.62 30.97
CA GLN F 186 21.18 29.56 30.71
C GLN F 186 21.26 28.57 31.86
N LYS F 187 20.18 28.50 32.65
CA LYS F 187 20.18 27.70 33.87
C LYS F 187 18.96 26.78 33.95
N LYS F 188 19.20 25.59 34.47
CA LYS F 188 18.14 24.62 34.77
C LYS F 188 17.08 25.25 35.69
N ASN F 189 15.81 25.06 35.36
CA ASN F 189 14.72 25.48 36.23
C ASN F 189 13.59 24.48 36.11
N SER F 190 12.54 24.67 36.90
CA SER F 190 11.37 23.83 36.76
C SER F 190 10.10 24.65 37.00
N VAL F 191 9.03 24.28 36.33
CA VAL F 191 7.77 24.97 36.51
C VAL F 191 6.69 23.98 36.89
N THR F 192 5.68 24.49 37.56
CA THR F 192 4.51 23.72 37.89
C THR F 192 3.33 24.69 37.87
N TYR F 193 2.19 24.23 37.39
CA TYR F 193 1.02 25.07 37.30
C TYR F 193 -0.14 24.27 37.87
N SER F 194 -1.19 24.95 38.32
CA SER F 194 -2.34 24.27 38.89
C SER F 194 -3.02 23.40 37.85
N CYS F 195 -2.96 23.82 36.59
CA CYS F 195 -3.50 23.03 35.48
C CYS F 195 -2.87 21.65 35.39
N CYS F 196 -1.62 21.55 35.83
CA CYS F 196 -0.77 20.43 35.48
C CYS F 196 0.16 20.08 36.65
N PRO F 197 -0.28 19.12 37.48
CA PRO F 197 0.29 18.69 38.76
C PRO F 197 1.74 18.20 38.70
N GLU F 198 2.18 17.71 37.55
CA GLU F 198 3.56 17.25 37.43
C GLU F 198 4.52 18.43 37.40
N ALA F 199 5.80 18.16 37.63
CA ALA F 199 6.84 19.16 37.48
C ALA F 199 7.48 19.04 36.10
N TYR F 200 7.71 20.19 35.47
CA TYR F 200 8.29 20.22 34.13
C TYR F 200 9.63 20.93 34.19
N GLU F 201 10.66 20.33 33.61
CA GLU F 201 11.96 20.98 33.58
C GLU F 201 11.97 22.03 32.50
N ASP F 202 12.76 23.07 32.70
CA ASP F 202 12.98 24.01 31.62
C ASP F 202 14.40 24.56 31.71
N VAL F 203 14.82 25.21 30.64
CA VAL F 203 16.01 26.02 30.66
C VAL F 203 15.55 27.46 30.67
N GLU F 204 16.02 28.23 31.64
CA GLU F 204 15.72 29.64 31.66
C GLU F 204 16.88 30.38 31.02
N VAL F 205 16.59 31.06 29.92
CA VAL F 205 17.62 31.73 29.16
C VAL F 205 17.52 33.23 29.40
N SER F 206 18.51 33.80 30.07
CA SER F 206 18.49 35.23 30.35
C SER F 206 19.38 35.97 29.36
N LEU F 207 18.74 36.73 28.48
CA LEU F 207 19.44 37.51 27.46
C LEU F 207 19.60 38.95 27.94
N ASN F 208 20.82 39.29 28.33
CA ASN F 208 21.12 40.64 28.81
C ASN F 208 21.78 41.37 27.66
N PHE F 209 21.09 42.38 27.11
CA PHE F 209 21.55 43.09 25.92
C PHE F 209 21.19 44.58 26.00
N ARG F 210 21.78 45.38 25.12
CA ARG F 210 21.50 46.80 25.08
C ARG F 210 21.69 47.37 23.68
N LYS F 211 21.09 48.52 23.42
CA LYS F 211 21.29 49.23 22.16
C LYS F 211 22.71 49.74 22.09
N LYS F 212 23.38 49.54 20.96
CA LYS F 212 24.73 50.09 20.79
C LYS F 212 24.66 51.61 20.86
N GLY F 213 25.55 52.21 21.63
CA GLY F 213 25.57 53.65 21.80
C GLY F 213 26.62 54.31 20.95
N ASP G 5 7.04 3.81 34.02
CA ASP G 5 6.72 4.96 33.20
C ASP G 5 7.72 5.15 32.06
N ASP G 6 8.99 4.84 32.32
CA ASP G 6 10.00 4.99 31.28
C ASP G 6 10.34 3.65 30.60
N ASP G 7 9.41 2.71 30.65
CA ASP G 7 9.55 1.44 29.93
C ASP G 7 9.19 1.71 28.47
N LYS G 8 10.21 1.79 27.61
CA LYS G 8 9.99 2.28 26.25
C LYS G 8 9.07 1.36 25.43
N LEU G 9 9.36 0.06 25.45
CA LEU G 9 8.56 -0.90 24.71
C LEU G 9 7.10 -0.82 25.14
N ASP G 10 6.91 -0.66 26.45
CA ASP G 10 5.58 -0.46 27.00
C ASP G 10 4.95 0.77 26.37
N ARG G 11 5.70 1.86 26.24
CA ARG G 11 5.16 3.09 25.68
C ARG G 11 4.81 2.92 24.20
N ALA G 12 5.68 2.23 23.47
CA ALA G 12 5.47 1.92 22.07
C ALA G 12 4.23 1.07 21.88
N ASP G 13 3.99 0.14 22.79
CA ASP G 13 2.84 -0.74 22.69
C ASP G 13 1.56 -0.03 23.05
N ILE G 14 1.63 0.87 24.02
CA ILE G 14 0.48 1.71 24.35
C ILE G 14 0.07 2.58 23.16
N LEU G 15 1.04 3.23 22.54
CA LEU G 15 0.75 4.04 21.36
C LEU G 15 0.13 3.18 20.24
N TYR G 16 0.66 1.98 20.06
CA TYR G 16 0.11 1.03 19.09
C TYR G 16 -1.35 0.69 19.43
N ASN G 17 -1.62 0.37 20.68
CA ASN G 17 -2.98 0.07 21.12
C ASN G 17 -3.92 1.25 20.89
N ILE G 18 -3.45 2.45 21.21
CA ILE G 18 -4.30 3.63 21.03
C ILE G 18 -4.64 3.81 19.56
N ARG G 19 -3.65 3.63 18.69
CA ARG G 19 -3.88 3.78 17.26
C ARG G 19 -4.74 2.68 16.66
N GLN G 20 -4.72 1.49 17.26
CA GLN G 20 -5.58 0.39 16.83
C GLN G 20 -7.04 0.65 17.19
N THR G 21 -7.24 1.36 18.29
CA THR G 21 -8.54 1.53 18.91
C THR G 21 -9.18 2.87 18.58
N SER G 22 -8.32 3.88 18.44
CA SER G 22 -8.78 5.24 18.23
C SER G 22 -9.44 5.42 16.87
N ARG G 23 -10.54 6.16 16.87
CA ARG G 23 -11.22 6.51 15.63
C ARG G 23 -11.29 8.01 15.58
N PRO G 24 -10.31 8.65 14.93
CA PRO G 24 -10.12 10.10 15.02
C PRO G 24 -11.27 10.91 14.45
N ASP G 25 -12.15 10.31 13.64
CA ASP G 25 -13.24 11.08 13.04
C ASP G 25 -14.59 10.79 13.68
N VAL G 26 -14.63 9.91 14.68
CA VAL G 26 -15.88 9.51 15.33
C VAL G 26 -15.93 9.97 16.80
N ILE G 27 -17.01 10.66 17.19
CA ILE G 27 -17.12 11.11 18.58
C ILE G 27 -17.14 9.89 19.50
N PRO G 28 -16.35 9.92 20.58
CA PRO G 28 -16.26 8.75 21.48
C PRO G 28 -17.42 8.68 22.48
N THR G 29 -18.66 8.63 21.97
CA THR G 29 -19.83 8.62 22.84
C THR G 29 -19.95 7.28 23.55
N GLN G 30 -20.26 7.31 24.84
CA GLN G 30 -20.55 6.09 25.60
C GLN G 30 -21.99 6.15 26.08
N ARG G 31 -22.77 5.13 25.73
CA ARG G 31 -24.23 5.08 25.93
C ARG G 31 -24.94 5.83 24.80
N ARG G 33 -24.83 8.75 25.63
CA ARG G 33 -24.64 10.05 26.28
C ARG G 33 -23.71 10.97 25.47
N PRO G 34 -23.83 12.28 25.68
CA PRO G 34 -22.94 13.25 25.04
C PRO G 34 -21.51 13.01 25.45
N VAL G 35 -20.55 13.33 24.58
CA VAL G 35 -19.15 13.38 25.02
C VAL G 35 -18.98 14.61 25.89
N ALA G 36 -18.50 14.44 27.13
CA ALA G 36 -18.37 15.55 28.05
C ALA G 36 -17.00 16.19 27.92
N VAL G 37 -16.96 17.37 27.32
CA VAL G 37 -15.73 18.08 27.08
C VAL G 37 -15.56 19.21 28.08
N SER G 38 -14.40 19.29 28.72
CA SER G 38 -14.14 20.39 29.64
C SER G 38 -13.16 21.33 28.98
N VAL G 39 -13.41 22.64 29.08
CA VAL G 39 -12.48 23.59 28.50
C VAL G 39 -12.36 24.83 29.38
N SER G 40 -11.13 25.28 29.58
CA SER G 40 -10.92 26.56 30.23
C SER G 40 -9.69 27.24 29.63
N LEU G 41 -9.79 28.55 29.43
CA LEU G 41 -8.71 29.34 28.85
C LEU G 41 -7.84 29.95 29.94
N LYS G 42 -6.55 29.69 29.85
CA LYS G 42 -5.58 30.36 30.72
C LYS G 42 -4.92 31.47 29.92
N PHE G 43 -5.23 32.72 30.22
CA PHE G 43 -4.67 33.79 29.42
C PHE G 43 -3.22 34.05 29.80
N ILE G 44 -2.38 34.16 28.78
CA ILE G 44 -0.96 34.37 28.97
C ILE G 44 -0.58 35.80 28.60
N ASN G 45 -1.17 36.30 27.53
CA ASN G 45 -0.87 37.65 27.08
C ASN G 45 -1.98 38.30 26.29
N ILE G 46 -1.98 39.62 26.32
CA ILE G 46 -2.85 40.44 25.51
C ILE G 46 -1.90 41.32 24.70
N LEU G 47 -1.89 41.13 23.38
CA LEU G 47 -0.83 41.66 22.54
C LEU G 47 -1.19 42.99 21.90
N GLU G 48 -2.25 42.97 21.11
CA GLU G 48 -2.73 44.19 20.47
C GLU G 48 -4.15 44.41 20.90
N VAL G 49 -4.49 45.67 21.08
CA VAL G 49 -5.84 46.06 21.43
C VAL G 49 -6.19 47.25 20.56
N ASN G 50 -7.40 47.25 20.02
CA ASN G 50 -7.85 48.38 19.20
C ASN G 50 -9.24 48.83 19.63
N GLU G 51 -9.28 49.89 20.43
CA GLU G 51 -10.52 50.41 20.96
C GLU G 51 -11.42 51.04 19.88
N ILE G 52 -10.82 51.39 18.74
CA ILE G 52 -11.61 51.91 17.63
C ILE G 52 -12.30 50.79 16.85
N THR G 53 -11.60 49.69 16.62
CA THR G 53 -12.16 48.59 15.83
C THR G 53 -12.76 47.50 16.71
N ASN G 54 -12.61 47.64 18.02
CA ASN G 54 -12.99 46.60 18.97
C ASN G 54 -12.40 45.24 18.56
N GLU G 55 -11.07 45.18 18.50
CA GLU G 55 -10.37 43.92 18.22
C GLU G 55 -9.28 43.70 19.24
N VAL G 56 -9.05 42.44 19.60
CA VAL G 56 -7.94 42.13 20.51
C VAL G 56 -7.19 40.89 20.02
N ASP G 57 -5.89 40.88 20.26
CA ASP G 57 -4.99 39.78 19.94
C ASP G 57 -4.58 39.19 21.29
N VAL G 58 -4.88 37.92 21.52
CA VAL G 58 -4.57 37.30 22.79
C VAL G 58 -3.83 35.98 22.61
N VAL G 59 -3.06 35.60 23.62
CA VAL G 59 -2.43 34.28 23.69
C VAL G 59 -2.99 33.57 24.89
N PHE G 60 -3.50 32.36 24.70
CA PHE G 60 -4.03 31.62 25.84
C PHE G 60 -3.72 30.13 25.72
N TRP G 61 -3.63 29.47 26.86
CA TRP G 61 -3.59 28.02 26.86
C TRP G 61 -5.01 27.50 26.92
N GLN G 62 -5.37 26.66 25.96
CA GLN G 62 -6.72 26.14 25.89
C GLN G 62 -6.75 24.75 26.52
N GLN G 63 -6.95 24.70 27.84
CA GLN G 63 -6.97 23.45 28.58
C GLN G 63 -8.24 22.69 28.28
N THR G 64 -8.09 21.55 27.61
CA THR G 64 -9.20 20.77 27.08
C THR G 64 -9.10 19.34 27.58
N THR G 65 -10.19 18.79 28.10
CA THR G 65 -10.14 17.38 28.49
C THR G 65 -11.46 16.69 28.15
N TRP G 66 -11.36 15.39 27.90
CA TRP G 66 -12.51 14.53 27.67
C TRP G 66 -12.05 13.10 27.90
N SER G 67 -12.95 12.13 27.83
CA SER G 67 -12.49 10.76 27.98
C SER G 67 -12.95 9.90 26.81
N ASP G 68 -12.13 8.91 26.49
CA ASP G 68 -12.51 7.83 25.60
C ASP G 68 -12.10 6.54 26.29
N ARG G 69 -13.06 5.88 26.94
CA ARG G 69 -12.76 4.72 27.76
C ARG G 69 -12.19 3.56 26.95
N THR G 70 -12.42 3.56 25.64
CA THR G 70 -11.90 2.49 24.80
C THR G 70 -10.37 2.55 24.73
N LEU G 71 -9.79 3.70 25.10
CA LEU G 71 -8.33 3.86 25.05
C LEU G 71 -7.66 3.40 26.35
N ALA G 72 -8.46 3.08 27.36
CA ALA G 72 -7.94 2.76 28.68
C ALA G 72 -7.10 1.49 28.67
N TRP G 73 -6.15 1.41 29.59
CA TRP G 73 -5.35 0.22 29.76
C TRP G 73 -4.97 0.04 31.23
N ASN G 74 -4.56 -1.16 31.60
CA ASN G 74 -4.16 -1.42 32.98
C ASN G 74 -2.74 -0.93 33.20
N SER G 75 -2.57 0.05 34.07
CA SER G 75 -1.24 0.63 34.30
C SER G 75 -0.62 0.15 35.61
N SER G 76 -1.09 -0.99 36.10
CA SER G 76 -0.50 -1.60 37.29
C SER G 76 1.00 -1.77 37.13
N HIS G 77 1.44 -2.20 35.95
CA HIS G 77 2.86 -2.36 35.70
C HIS G 77 3.28 -1.74 34.38
N SER G 78 2.76 -0.55 34.10
CA SER G 78 3.13 0.16 32.88
C SER G 78 2.95 1.66 33.06
N PRO G 79 3.40 2.44 32.06
CA PRO G 79 3.25 3.91 32.08
C PRO G 79 1.82 4.35 32.36
N ASP G 80 1.66 5.36 33.22
CA ASP G 80 0.34 5.88 33.54
C ASP G 80 -0.22 6.80 32.45
N GLN G 81 0.67 7.43 31.69
CA GLN G 81 0.28 8.30 30.56
C GLN G 81 1.33 8.24 29.45
N VAL G 82 0.93 8.62 28.25
CA VAL G 82 1.87 8.83 27.14
C VAL G 82 1.43 10.07 26.35
N SER G 83 2.39 10.67 25.65
CA SER G 83 2.06 11.76 24.72
C SER G 83 1.72 11.17 23.36
N VAL G 84 0.70 11.73 22.69
CA VAL G 84 0.19 11.19 21.43
C VAL G 84 -0.08 12.35 20.45
N PRO G 85 0.38 12.22 19.19
CA PRO G 85 0.05 13.23 18.18
C PRO G 85 -1.44 13.33 18.05
N ILE G 86 -2.00 14.54 17.99
CA ILE G 86 -3.46 14.63 18.01
C ILE G 86 -4.05 14.08 16.72
N SER G 87 -3.25 13.97 15.67
CA SER G 87 -3.78 13.38 14.45
C SER G 87 -4.10 11.89 14.65
N SER G 88 -3.60 11.28 15.72
CA SER G 88 -3.96 9.89 16.03
C SER G 88 -5.24 9.77 16.85
N LEU G 89 -5.79 10.89 17.27
CA LEU G 89 -6.93 10.90 18.19
C LEU G 89 -8.12 11.66 17.66
N TRP G 90 -9.31 11.30 18.14
CA TRP G 90 -10.43 12.22 18.03
C TRP G 90 -10.17 13.43 18.92
N VAL G 91 -10.43 14.63 18.42
CA VAL G 91 -10.39 15.84 19.23
C VAL G 91 -11.68 16.64 18.97
N PRO G 92 -12.22 17.29 20.01
CA PRO G 92 -13.46 18.05 19.78
C PRO G 92 -13.25 19.18 18.78
N ASP G 93 -14.23 19.40 17.92
CA ASP G 93 -14.16 20.46 16.89
C ASP G 93 -14.50 21.82 17.49
N LEU G 94 -13.73 22.25 18.48
CA LEU G 94 -14.03 23.52 19.15
C LEU G 94 -13.67 24.72 18.28
N ALA G 95 -14.50 25.74 18.35
CA ALA G 95 -14.25 26.99 17.65
C ALA G 95 -14.72 28.15 18.51
N ALA G 96 -14.09 29.31 18.35
CA ALA G 96 -14.57 30.53 19.00
C ALA G 96 -15.50 31.26 18.05
N TYR G 97 -16.73 31.51 18.50
CA TYR G 97 -17.76 32.14 17.68
C TYR G 97 -17.45 33.56 17.23
N ASN G 98 -16.62 34.26 18.00
CA ASN G 98 -16.33 35.65 17.67
C ASN G 98 -14.88 35.85 17.28
N ALA G 99 -14.22 34.75 16.92
CA ALA G 99 -12.87 34.82 16.39
C ALA G 99 -12.88 35.48 15.02
N ILE G 100 -11.88 36.31 14.76
CA ILE G 100 -11.75 36.94 13.46
C ILE G 100 -10.40 36.60 12.82
N SER G 101 -9.72 35.60 13.36
CA SER G 101 -8.53 35.03 12.70
C SER G 101 -8.47 33.54 13.01
N LYS G 102 -7.71 32.78 12.24
CA LYS G 102 -7.49 31.37 12.53
C LYS G 102 -6.75 31.22 13.85
N PRO G 103 -7.06 30.17 14.61
CA PRO G 103 -6.24 29.91 15.80
C PRO G 103 -4.82 29.50 15.41
N GLU G 104 -3.84 30.28 15.87
CA GLU G 104 -2.44 29.99 15.59
C GLU G 104 -1.91 29.16 16.76
N VAL G 105 -1.63 27.89 16.50
CA VAL G 105 -1.15 27.00 17.57
C VAL G 105 0.36 27.12 17.70
N LEU G 106 0.81 27.49 18.89
CA LEU G 106 2.21 27.87 19.09
C LEU G 106 3.06 26.72 19.63
N THR G 107 2.42 25.62 20.00
CA THR G 107 3.10 24.56 20.71
C THR G 107 2.99 23.24 19.94
N PRO G 108 3.82 22.23 20.31
CA PRO G 108 3.71 20.92 19.67
C PRO G 108 2.32 20.32 19.82
N GLN G 109 1.79 19.75 18.74
CA GLN G 109 0.40 19.27 18.73
C GLN G 109 0.30 17.83 19.23
N LEU G 110 0.56 17.67 20.51
CA LEU G 110 0.51 16.39 21.21
C LEU G 110 -0.49 16.51 22.33
N ALA G 111 -1.23 15.45 22.57
CA ALA G 111 -2.09 15.37 23.74
C ALA G 111 -1.53 14.33 24.68
N ARG G 112 -2.03 14.29 25.91
CA ARG G 112 -1.67 13.23 26.85
C ARG G 112 -2.85 12.28 26.94
N VAL G 113 -2.58 10.97 26.86
CA VAL G 113 -3.61 9.98 27.07
C VAL G 113 -3.28 9.28 28.37
N VAL G 114 -4.22 9.31 29.31
CA VAL G 114 -4.07 8.71 30.63
C VAL G 114 -4.63 7.29 30.60
N SER G 115 -4.08 6.40 31.43
CA SER G 115 -4.45 4.99 31.37
C SER G 115 -5.93 4.72 31.68
N ASP G 116 -6.64 5.68 32.28
CA ASP G 116 -8.08 5.53 32.51
C ASP G 116 -8.91 6.01 31.32
N GLY G 117 -8.23 6.41 30.24
CA GLY G 117 -8.93 6.83 29.03
C GLY G 117 -9.15 8.33 28.92
N GLU G 118 -8.68 9.09 29.92
CA GLU G 118 -8.80 10.55 29.85
C GLU G 118 -7.79 11.10 28.84
N VAL G 119 -8.22 12.12 28.09
CA VAL G 119 -7.34 12.77 27.13
C VAL G 119 -7.20 14.24 27.50
N LEU G 120 -5.95 14.70 27.53
CA LEU G 120 -5.63 16.08 27.92
C LEU G 120 -4.91 16.77 26.79
N TYR G 121 -5.51 17.83 26.27
CA TYR G 121 -4.92 18.59 25.20
C TYR G 121 -4.91 20.07 25.61
N MET G 122 -3.74 20.69 25.58
CA MET G 122 -3.62 22.09 26.00
C MET G 122 -2.63 22.84 25.12
N PRO G 123 -3.08 23.23 23.92
CA PRO G 123 -2.24 24.04 23.03
C PRO G 123 -2.16 25.47 23.52
N SER G 124 -1.03 26.12 23.27
CA SER G 124 -0.97 27.57 23.39
C SER G 124 -1.42 28.14 22.05
N ILE G 125 -2.38 29.05 22.10
CA ILE G 125 -2.99 29.57 20.89
C ILE G 125 -2.94 31.08 20.87
N ARG G 126 -2.56 31.64 19.72
CA ARG G 126 -2.72 33.07 19.50
C ARG G 126 -3.85 33.28 18.51
N GLN G 127 -4.78 34.16 18.87
CA GLN G 127 -5.96 34.38 18.03
C GLN G 127 -6.53 35.78 18.26
N ARG G 128 -7.20 36.31 17.24
CA ARG G 128 -7.79 37.63 17.32
C ARG G 128 -9.30 37.51 17.41
N PHE G 129 -9.91 38.40 18.19
CA PHE G 129 -11.35 38.38 18.43
C PHE G 129 -11.95 39.75 18.25
N SER G 130 -13.22 39.75 17.86
CA SER G 130 -14.04 40.95 17.90
C SER G 130 -14.82 40.94 19.21
N CYS G 131 -14.55 41.92 20.05
CA CYS G 131 -15.24 42.01 21.34
C CYS G 131 -15.18 43.45 21.88
N ASP G 132 -15.86 43.69 22.98
CA ASP G 132 -15.97 45.04 23.52
C ASP G 132 -14.67 45.48 24.20
N VAL G 133 -13.95 46.38 23.53
CA VAL G 133 -12.69 46.89 24.03
C VAL G 133 -12.88 48.24 24.73
N SER G 134 -14.11 48.75 24.69
CA SER G 134 -14.39 50.06 25.27
C SER G 134 -14.01 50.08 26.75
N GLY G 135 -13.28 51.12 27.16
CA GLY G 135 -12.90 51.29 28.55
C GLY G 135 -11.52 50.77 28.93
N VAL G 136 -10.82 50.17 27.96
CA VAL G 136 -9.57 49.46 28.28
C VAL G 136 -8.53 50.37 28.94
N ASP G 137 -8.58 51.67 28.65
CA ASP G 137 -7.62 52.63 29.19
C ASP G 137 -8.11 53.36 30.45
N THR G 138 -9.15 52.83 31.08
CA THR G 138 -9.65 53.38 32.34
C THR G 138 -9.44 52.39 33.48
N GLU G 139 -9.67 52.85 34.70
CA GLU G 139 -9.60 51.98 35.87
C GLU G 139 -10.61 50.85 35.78
N SER G 140 -11.69 51.11 35.05
CA SER G 140 -12.77 50.15 34.90
C SER G 140 -12.41 49.03 33.92
N GLY G 141 -11.57 49.37 32.94
CA GLY G 141 -11.09 48.41 31.96
C GLY G 141 -12.18 47.95 31.02
N ALA G 142 -11.85 46.98 30.17
CA ALA G 142 -12.81 46.47 29.21
C ALA G 142 -13.27 45.06 29.56
N THR G 143 -14.45 44.68 29.07
CA THR G 143 -14.93 43.30 29.22
C THR G 143 -15.05 42.64 27.87
N CYS G 144 -14.07 41.82 27.55
CA CYS G 144 -14.05 41.07 26.29
C CYS G 144 -14.61 39.66 26.46
N ARG G 145 -15.72 39.35 25.80
CA ARG G 145 -16.35 38.03 25.94
C ARG G 145 -16.04 37.14 24.75
N ILE G 146 -15.53 35.95 25.04
CA ILE G 146 -15.18 34.97 24.01
C ILE G 146 -16.01 33.71 24.20
N LYS G 147 -16.72 33.31 23.16
CA LYS G 147 -17.60 32.14 23.21
C LYS G 147 -17.00 30.97 22.44
N ILE G 148 -16.83 29.84 23.13
CA ILE G 148 -16.21 28.65 22.54
C ILE G 148 -17.04 27.38 22.71
N GLY G 149 -17.29 26.67 21.62
CA GLY G 149 -17.98 25.40 21.69
C GLY G 149 -17.76 24.57 20.44
N SER G 150 -18.39 23.41 20.37
CA SER G 150 -18.31 22.59 19.17
C SER G 150 -18.93 23.30 17.96
N TRP G 151 -18.25 23.26 16.81
CA TRP G 151 -18.81 23.90 15.63
C TRP G 151 -19.99 23.12 15.03
N THR G 152 -19.86 21.78 14.99
CA THR G 152 -20.83 20.94 14.29
C THR G 152 -21.60 19.93 15.16
N HIS G 153 -21.20 19.74 16.41
CA HIS G 153 -21.91 18.81 17.28
C HIS G 153 -22.84 19.51 18.27
N HIS G 154 -24.13 19.21 18.19
CA HIS G 154 -25.10 19.84 19.10
C HIS G 154 -25.09 19.17 20.48
N SER G 155 -25.93 19.65 21.38
CA SER G 155 -25.83 19.30 22.80
C SER G 155 -26.02 17.80 23.11
N ARG G 156 -26.75 17.09 22.26
CA ARG G 156 -26.92 15.65 22.49
C ARG G 156 -25.66 14.85 22.16
N GLU G 157 -24.74 15.45 21.42
CA GLU G 157 -23.51 14.79 20.99
C GLU G 157 -22.29 15.23 21.78
N ILE G 158 -22.16 16.53 21.99
CA ILE G 158 -21.08 17.06 22.82
C ILE G 158 -21.60 18.08 23.84
N SER G 159 -21.23 17.90 25.11
CA SER G 159 -21.47 18.96 26.08
C SER G 159 -20.15 19.62 26.40
N VAL G 160 -20.21 20.91 26.71
CA VAL G 160 -19.00 21.66 27.04
C VAL G 160 -19.18 22.32 28.40
N ASP G 161 -18.28 22.04 29.33
CA ASP G 161 -18.32 22.61 30.67
C ASP G 161 -17.00 23.28 31.01
N PRO G 162 -17.04 24.36 31.81
CA PRO G 162 -15.79 24.94 32.30
C PRO G 162 -15.12 23.94 33.22
N THR G 163 -13.84 24.12 33.53
CA THR G 163 -13.19 23.33 34.57
C THR G 163 -13.45 23.97 35.92
N SER G 170 -3.82 34.83 37.54
CA SER G 170 -2.60 35.55 37.94
C SER G 170 -1.38 34.66 37.75
N GLU G 171 -1.61 33.36 37.81
CA GLU G 171 -0.56 32.36 37.76
C GLU G 171 0.08 32.30 36.37
N TYR G 172 -0.75 32.50 35.36
CA TYR G 172 -0.35 32.28 33.98
C TYR G 172 0.00 33.56 33.24
N PHE G 173 -0.62 34.68 33.62
CA PHE G 173 -0.53 35.88 32.80
C PHE G 173 0.84 36.54 32.90
N SER G 174 1.36 36.97 31.75
CA SER G 174 2.67 37.59 31.69
C SER G 174 2.77 38.82 32.57
N GLN G 175 3.76 38.88 33.43
CA GLN G 175 3.94 40.06 34.24
C GLN G 175 4.45 41.22 33.41
N TYR G 176 4.83 40.95 32.15
CA TYR G 176 5.40 42.01 31.30
C TYR G 176 4.45 42.60 30.25
N SER G 177 3.23 42.07 30.20
CA SER G 177 2.22 42.64 29.30
C SER G 177 1.98 44.11 29.61
N ARG G 178 1.65 44.89 28.58
CA ARG G 178 1.17 46.25 28.77
C ARG G 178 -0.16 46.25 29.55
N PHE G 179 -0.81 45.09 29.59
CA PHE G 179 -2.13 45.00 30.17
C PHE G 179 -2.13 44.20 31.46
N GLU G 180 -3.14 44.39 32.28
CA GLU G 180 -3.28 43.55 33.46
C GLU G 180 -4.68 42.97 33.46
N ILE G 181 -4.79 41.74 33.95
CA ILE G 181 -6.09 41.09 34.02
C ILE G 181 -6.74 41.42 35.35
N LEU G 182 -7.97 41.91 35.30
CA LEU G 182 -8.71 42.28 36.49
C LEU G 182 -9.48 41.08 36.97
N ASP G 183 -10.03 40.33 36.01
CA ASP G 183 -10.95 39.27 36.35
C ASP G 183 -11.26 38.40 35.14
N VAL G 184 -11.45 37.12 35.39
CA VAL G 184 -11.89 36.18 34.35
C VAL G 184 -13.02 35.31 34.87
N THR G 185 -14.13 35.27 34.14
CA THR G 185 -15.25 34.38 34.45
C THR G 185 -15.51 33.48 33.26
N GLN G 186 -15.98 32.26 33.51
CA GLN G 186 -16.24 31.31 32.44
C GLN G 186 -17.53 30.58 32.78
N LYS G 187 -18.59 30.85 32.03
CA LYS G 187 -19.87 30.20 32.29
C LYS G 187 -20.42 29.40 31.10
N LYS G 188 -21.01 28.25 31.42
CA LYS G 188 -21.65 27.42 30.42
C LYS G 188 -22.87 28.11 29.84
N ASN G 189 -23.16 27.83 28.57
CA ASN G 189 -24.17 28.55 27.82
C ASN G 189 -24.69 27.69 26.66
N SER G 190 -25.87 28.01 26.14
CA SER G 190 -26.33 27.37 24.91
C SER G 190 -26.61 28.42 23.85
N VAL G 191 -26.39 28.06 22.59
CA VAL G 191 -26.77 28.93 21.49
C VAL G 191 -27.58 28.15 20.46
N THR G 192 -28.44 28.89 19.77
CA THR G 192 -29.26 28.33 18.70
C THR G 192 -29.48 29.44 17.69
N TYR G 193 -29.52 29.08 16.41
CA TYR G 193 -29.72 30.06 15.35
C TYR G 193 -30.73 29.47 14.41
N SER G 194 -31.42 30.34 13.67
CA SER G 194 -32.45 29.89 12.75
C SER G 194 -31.84 29.05 11.61
N CYS G 195 -30.54 29.22 11.40
CA CYS G 195 -29.80 28.39 10.44
C CYS G 195 -29.71 26.96 10.95
N CYS G 196 -29.63 26.85 12.27
CA CYS G 196 -29.15 25.65 12.92
C CYS G 196 -29.96 25.42 14.18
N PRO G 197 -31.08 24.73 14.03
CA PRO G 197 -32.18 24.53 14.98
C PRO G 197 -31.78 23.81 16.26
N GLU G 198 -30.84 22.88 16.17
CA GLU G 198 -30.39 22.17 17.35
C GLU G 198 -29.71 23.14 18.31
N ALA G 199 -29.61 22.77 19.58
CA ALA G 199 -28.92 23.61 20.56
C ALA G 199 -27.45 23.20 20.65
N TYR G 200 -26.56 24.19 20.71
CA TYR G 200 -25.13 23.97 20.85
C TYR G 200 -24.62 24.54 22.16
N GLU G 201 -23.84 23.76 22.89
CA GLU G 201 -23.30 24.24 24.15
C GLU G 201 -22.05 25.06 23.91
N ASP G 202 -21.86 26.11 24.70
CA ASP G 202 -20.60 26.83 24.66
C ASP G 202 -20.18 27.23 26.07
N VAL G 203 -18.93 27.65 26.20
CA VAL G 203 -18.46 28.32 27.39
C VAL G 203 -18.16 29.77 26.99
N GLU G 204 -18.79 30.69 27.71
CA GLU G 204 -18.57 32.11 27.52
C GLU G 204 -17.52 32.55 28.52
N VAL G 205 -16.37 32.98 28.03
CA VAL G 205 -15.30 33.44 28.89
C VAL G 205 -15.29 34.96 28.88
N SER G 206 -15.41 35.58 30.05
CA SER G 206 -15.39 37.03 30.15
C SER G 206 -14.06 37.49 30.67
N LEU G 207 -13.30 38.18 29.80
CA LEU G 207 -11.97 38.69 30.16
C LEU G 207 -12.06 40.19 30.48
N ASN G 208 -11.92 40.51 31.76
CA ASN G 208 -11.91 41.90 32.19
C ASN G 208 -10.46 42.37 32.36
N PHE G 209 -10.06 43.36 31.56
CA PHE G 209 -8.67 43.79 31.55
C PHE G 209 -8.54 45.28 31.31
N ARG G 210 -7.36 45.82 31.60
CA ARG G 210 -7.09 47.25 31.38
C ARG G 210 -5.60 47.50 31.11
N LYS G 211 -5.30 48.61 30.43
CA LYS G 211 -3.93 49.05 30.25
C LYS G 211 -3.33 49.41 31.60
N LYS G 212 -2.15 48.86 31.89
CA LYS G 212 -1.46 49.15 33.13
C LYS G 212 -1.22 50.65 33.32
N LYS H 8 -22.23 4.64 19.14
CA LYS H 8 -20.94 5.01 18.53
C LYS H 8 -20.55 4.08 17.38
N LEU H 9 -20.78 2.78 17.58
CA LEU H 9 -20.49 1.81 16.53
C LEU H 9 -21.32 2.14 15.29
N ASP H 10 -22.54 2.62 15.54
CA ASP H 10 -23.40 3.10 14.47
C ASP H 10 -22.75 4.27 13.72
N ARG H 11 -22.19 5.23 14.44
CA ARG H 11 -21.59 6.39 13.78
C ARG H 11 -20.37 5.98 12.97
N ALA H 12 -19.55 5.11 13.56
CA ALA H 12 -18.39 4.56 12.87
C ALA H 12 -18.81 3.86 11.58
N ASP H 13 -19.87 3.08 11.64
CA ASP H 13 -20.34 2.37 10.45
C ASP H 13 -20.91 3.34 9.43
N ILE H 14 -21.58 4.41 9.88
CA ILE H 14 -22.11 5.38 8.93
C ILE H 14 -20.95 6.09 8.22
N LEU H 15 -19.92 6.46 8.97
CA LEU H 15 -18.73 7.09 8.38
C LEU H 15 -18.07 6.17 7.36
N TYR H 16 -17.95 4.89 7.71
CA TYR H 16 -17.44 3.88 6.78
C TYR H 16 -18.27 3.84 5.51
N ASN H 17 -19.60 3.79 5.65
CA ASN H 17 -20.48 3.77 4.48
C ASN H 17 -20.32 4.99 3.59
N ILE H 18 -20.29 6.18 4.21
CA ILE H 18 -20.11 7.42 3.47
C ILE H 18 -18.81 7.40 2.65
N ARG H 19 -17.73 6.93 3.28
CA ARG H 19 -16.43 6.86 2.61
C ARG H 19 -16.34 5.79 1.52
N GLN H 20 -17.13 4.73 1.65
CA GLN H 20 -17.21 3.73 0.58
C GLN H 20 -17.94 4.28 -0.64
N THR H 21 -18.92 5.14 -0.40
CA THR H 21 -19.82 5.60 -1.45
C THR H 21 -19.41 6.94 -2.03
N SER H 22 -18.89 7.81 -1.17
CA SER H 22 -18.51 9.16 -1.55
C SER H 22 -17.41 9.18 -2.61
N ARG H 23 -17.56 10.08 -3.57
CA ARG H 23 -16.51 10.36 -4.55
C ARG H 23 -16.20 11.84 -4.46
N PRO H 24 -15.15 12.20 -3.70
CA PRO H 24 -14.87 13.62 -3.41
C PRO H 24 -14.63 14.47 -4.66
N ASP H 25 -14.22 13.85 -5.77
CA ASP H 25 -13.88 14.64 -6.94
C ASP H 25 -14.96 14.63 -8.00
N VAL H 26 -16.06 13.92 -7.75
CA VAL H 26 -17.12 13.79 -8.75
C VAL H 26 -18.42 14.47 -8.31
N ILE H 27 -18.99 15.36 -9.13
CA ILE H 27 -20.24 16.02 -8.76
C ILE H 27 -21.33 14.97 -8.64
N PRO H 28 -22.16 15.06 -7.58
CA PRO H 28 -23.17 14.02 -7.33
C PRO H 28 -24.46 14.25 -8.12
N THR H 29 -24.32 14.37 -9.43
CA THR H 29 -25.50 14.60 -10.25
C THR H 29 -26.38 13.36 -10.28
N GLN H 30 -27.68 13.58 -10.30
CA GLN H 30 -28.66 12.51 -10.41
C GLN H 30 -29.55 12.78 -11.62
N ARG H 31 -29.63 11.81 -12.54
CA ARG H 31 -30.55 11.89 -13.67
C ARG H 31 -30.21 13.03 -14.62
N ASP H 32 -28.94 13.41 -14.68
CA ASP H 32 -28.49 14.44 -15.61
C ASP H 32 -29.00 15.82 -15.20
N ARG H 33 -29.49 15.93 -13.97
CA ARG H 33 -29.87 17.21 -13.41
C ARG H 33 -28.66 17.87 -12.75
N PRO H 34 -28.65 19.21 -12.72
CA PRO H 34 -27.59 19.91 -11.99
C PRO H 34 -27.64 19.56 -10.51
N VAL H 35 -26.52 19.66 -9.82
CA VAL H 35 -26.55 19.58 -8.36
C VAL H 35 -27.09 20.89 -7.81
N ALA H 36 -28.18 20.82 -7.08
CA ALA H 36 -28.77 22.06 -6.54
C ALA H 36 -28.06 22.45 -5.25
N VAL H 37 -27.31 23.55 -5.30
CA VAL H 37 -26.58 24.00 -4.12
C VAL H 37 -27.26 25.24 -3.56
N SER H 38 -27.61 25.20 -2.27
CA SER H 38 -28.14 26.39 -1.60
C SER H 38 -27.02 27.08 -0.82
N VAL H 39 -26.93 28.39 -0.99
CA VAL H 39 -25.93 29.20 -0.29
C VAL H 39 -26.59 30.44 0.32
N SER H 40 -26.35 30.64 1.62
CA SER H 40 -26.80 31.82 2.32
C SER H 40 -25.71 32.34 3.25
N LEU H 41 -25.24 33.57 3.00
CA LEU H 41 -24.25 34.18 3.89
C LEU H 41 -24.91 34.76 5.13
N LYS H 42 -24.35 34.47 6.30
CA LYS H 42 -24.77 35.16 7.50
C LYS H 42 -23.62 36.04 7.94
N PHE H 43 -23.79 37.35 7.79
CA PHE H 43 -22.68 38.23 8.13
C PHE H 43 -22.50 38.30 9.63
N ILE H 44 -21.25 38.20 10.06
CA ILE H 44 -20.90 38.22 11.47
C ILE H 44 -20.23 39.54 11.83
N ASN H 45 -19.45 40.06 10.89
CA ASN H 45 -18.71 41.28 11.16
C ASN H 45 -18.26 41.99 9.91
N ILE H 46 -18.13 43.31 10.02
CA ILE H 46 -17.47 44.12 9.01
C ILE H 46 -16.28 44.73 9.73
N LEU H 47 -15.06 44.33 9.33
CA LEU H 47 -13.87 44.67 10.10
C LEU H 47 -13.17 45.94 9.63
N GLU H 48 -13.10 46.11 8.32
CA GLU H 48 -12.48 47.30 7.75
C GLU H 48 -13.13 47.61 6.42
N VAL H 49 -13.22 48.90 6.11
CA VAL H 49 -13.73 49.33 4.83
C VAL H 49 -12.88 50.50 4.38
N ASN H 50 -12.55 50.54 3.10
CA ASN H 50 -11.74 51.62 2.58
C ASN H 50 -12.50 52.32 1.46
N GLU H 51 -12.88 53.56 1.69
CA GLU H 51 -13.74 54.26 0.75
C GLU H 51 -12.94 54.81 -0.43
N ILE H 52 -11.64 54.99 -0.23
CA ILE H 52 -10.74 55.36 -1.32
C ILE H 52 -10.60 54.20 -2.31
N THR H 53 -10.23 53.03 -1.78
CA THR H 53 -9.90 51.87 -2.60
C THR H 53 -11.11 51.00 -2.94
N ASN H 54 -12.24 51.26 -2.28
CA ASN H 54 -13.44 50.46 -2.47
C ASN H 54 -13.20 48.99 -2.10
N GLU H 55 -12.74 48.77 -0.87
CA GLU H 55 -12.46 47.42 -0.36
C GLU H 55 -13.13 47.21 0.97
N VAL H 56 -13.59 45.99 1.23
CA VAL H 56 -14.13 45.66 2.55
C VAL H 56 -13.49 44.38 3.06
N ASP H 57 -13.41 44.25 4.38
CA ASP H 57 -12.90 43.05 5.04
C ASP H 57 -14.05 42.58 5.92
N VAL H 58 -14.54 41.36 5.69
CA VAL H 58 -15.73 40.91 6.39
C VAL H 58 -15.62 39.46 6.85
N VAL H 59 -16.49 39.10 7.78
CA VAL H 59 -16.60 37.72 8.26
C VAL H 59 -18.03 37.26 8.09
N PHE H 60 -18.20 36.03 7.63
CA PHE H 60 -19.54 35.51 7.43
C PHE H 60 -19.56 34.00 7.53
N TRP H 61 -20.68 33.47 8.00
CA TRP H 61 -20.95 32.04 7.96
C TRP H 61 -21.57 31.73 6.61
N GLN H 62 -20.95 30.84 5.87
CA GLN H 62 -21.45 30.51 4.55
C GLN H 62 -22.27 29.23 4.60
N GLN H 63 -23.57 29.38 4.86
CA GLN H 63 -24.46 28.23 4.95
C GLN H 63 -24.66 27.59 3.57
N THR H 64 -24.16 26.38 3.41
CA THR H 64 -24.11 25.71 2.12
C THR H 64 -24.75 24.34 2.24
N THR H 65 -25.70 24.02 1.37
CA THR H 65 -26.33 22.71 1.43
C THR H 65 -26.59 22.18 0.04
N TRP H 66 -26.58 20.85 -0.08
CA TRP H 66 -26.83 20.15 -1.34
C TRP H 66 -27.19 18.73 -0.94
N SER H 67 -27.58 17.89 -1.89
CA SER H 67 -27.77 16.51 -1.52
C SER H 67 -27.02 15.54 -2.42
N ASP H 68 -26.65 14.42 -1.84
CA ASP H 68 -26.12 13.28 -2.56
C ASP H 68 -26.84 12.05 -2.03
N ARG H 69 -27.91 11.67 -2.74
CA ARG H 69 -28.80 10.63 -2.28
C ARG H 69 -28.11 9.28 -2.11
N THR H 70 -26.95 9.10 -2.74
CA THR H 70 -26.23 7.83 -2.62
C THR H 70 -25.66 7.67 -1.20
N LEU H 71 -25.58 8.76 -0.46
CA LEU H 71 -25.06 8.72 0.91
C LEU H 71 -26.13 8.37 1.94
N ALA H 72 -27.38 8.27 1.50
CA ALA H 72 -28.48 8.11 2.43
C ALA H 72 -28.47 6.74 3.10
N TRP H 73 -29.03 6.67 4.31
CA TRP H 73 -29.19 5.40 5.03
C TRP H 73 -30.48 5.44 5.87
N ASN H 74 -30.97 4.25 6.23
CA ASN H 74 -32.15 4.13 7.09
C ASN H 74 -31.77 4.40 8.53
N SER H 75 -32.32 5.48 9.07
CA SER H 75 -32.01 5.90 10.44
C SER H 75 -33.17 5.63 11.40
N SER H 76 -34.00 4.64 11.07
CA SER H 76 -35.07 4.18 11.98
C SER H 76 -34.51 3.86 13.35
N HIS H 77 -33.36 3.20 13.37
CA HIS H 77 -32.75 2.81 14.63
C HIS H 77 -31.26 3.14 14.66
N SER H 78 -30.90 4.25 14.02
CA SER H 78 -29.52 4.72 14.06
C SER H 78 -29.48 6.24 13.97
N PRO H 79 -28.30 6.82 14.17
CA PRO H 79 -28.10 8.28 14.13
C PRO H 79 -28.68 8.95 12.89
N ASP H 80 -29.29 10.12 13.07
CA ASP H 80 -29.88 10.89 11.98
C ASP H 80 -28.84 11.63 11.14
N GLN H 81 -27.73 11.98 11.79
CA GLN H 81 -26.68 12.81 11.20
C GLN H 81 -25.33 12.46 11.81
N VAL H 82 -24.27 12.66 11.04
CA VAL H 82 -22.91 12.61 11.58
C VAL H 82 -22.09 13.74 10.98
N SER H 83 -21.04 14.12 11.69
CA SER H 83 -20.05 15.07 11.18
C SER H 83 -18.97 14.34 10.39
N VAL H 84 -18.59 14.90 9.26
CA VAL H 84 -17.63 14.26 8.36
C VAL H 84 -16.61 15.28 7.90
N PRO H 85 -15.33 14.93 7.93
CA PRO H 85 -14.31 15.82 7.35
C PRO H 85 -14.60 16.05 5.87
N ILE H 86 -14.57 17.30 5.41
CA ILE H 86 -14.97 17.56 4.02
C ILE H 86 -14.01 16.90 3.02
N SER H 87 -12.81 16.52 3.47
CA SER H 87 -11.87 15.80 2.60
C SER H 87 -12.43 14.44 2.16
N SER H 88 -13.42 13.94 2.91
CA SER H 88 -14.09 12.69 2.58
C SER H 88 -15.29 12.87 1.64
N LEU H 89 -15.64 14.12 1.36
CA LEU H 89 -16.87 14.44 0.61
C LEU H 89 -16.58 15.25 -0.63
N TRP H 90 -17.47 15.16 -1.62
CA TRP H 90 -17.52 16.16 -2.68
C TRP H 90 -18.08 17.43 -2.06
N VAL H 91 -17.45 18.56 -2.33
CA VAL H 91 -18.03 19.85 -1.93
C VAL H 91 -17.97 20.80 -3.11
N PRO H 92 -19.00 21.65 -3.27
CA PRO H 92 -19.01 22.56 -4.41
C PRO H 92 -17.79 23.47 -4.42
N ASP H 93 -17.24 23.69 -5.62
CA ASP H 93 -16.04 24.52 -5.77
C ASP H 93 -16.43 26.00 -5.83
N LEU H 94 -17.06 26.47 -4.76
CA LEU H 94 -17.51 27.84 -4.71
C LEU H 94 -16.35 28.84 -4.58
N ALA H 95 -16.53 30.00 -5.21
CA ALA H 95 -15.57 31.09 -5.10
C ALA H 95 -16.31 32.42 -5.23
N ALA H 96 -15.77 33.46 -4.64
CA ALA H 96 -16.34 34.81 -4.79
C ALA H 96 -15.70 35.51 -5.97
N TYR H 97 -16.52 35.95 -6.91
CA TYR H 97 -16.04 36.55 -8.14
C TYR H 97 -15.27 37.84 -7.91
N ASN H 98 -15.58 38.56 -6.84
CA ASN H 98 -14.88 39.82 -6.57
C ASN H 98 -14.00 39.77 -5.32
N ALA H 99 -13.60 38.57 -4.91
CA ALA H 99 -12.65 38.44 -3.81
C ALA H 99 -11.27 38.96 -4.21
N ILE H 100 -10.58 39.63 -3.29
CA ILE H 100 -9.20 40.06 -3.53
C ILE H 100 -8.23 39.48 -2.50
N SER H 101 -8.70 38.53 -1.69
CA SER H 101 -7.81 37.75 -0.83
C SER H 101 -8.33 36.31 -0.81
N LYS H 102 -7.49 35.36 -0.39
CA LYS H 102 -7.97 33.99 -0.24
C LYS H 102 -9.00 33.92 0.88
N PRO H 103 -10.00 33.03 0.74
CA PRO H 103 -10.93 32.86 1.86
C PRO H 103 -10.19 32.24 3.05
N GLU H 104 -10.28 32.86 4.22
CA GLU H 104 -9.64 32.28 5.39
C GLU H 104 -10.69 31.56 6.20
N VAL H 105 -10.60 30.23 6.25
CA VAL H 105 -11.61 29.45 6.96
C VAL H 105 -11.26 29.38 8.44
N LEU H 106 -12.15 29.89 9.28
CA LEU H 106 -11.85 30.09 10.69
C LEU H 106 -12.28 28.91 11.56
N THR H 107 -12.99 27.97 10.95
CA THR H 107 -13.64 26.89 11.71
C THR H 107 -13.18 25.52 11.23
N PRO H 108 -13.42 24.48 12.05
CA PRO H 108 -13.08 23.12 11.67
C PRO H 108 -13.75 22.73 10.34
N GLN H 109 -12.99 22.07 9.45
CA GLN H 109 -13.51 21.76 8.13
C GLN H 109 -14.26 20.44 8.13
N LEU H 110 -15.41 20.46 8.81
CA LEU H 110 -16.33 19.33 8.91
C LEU H 110 -17.68 19.72 8.33
N ALA H 111 -18.34 18.77 7.69
CA ALA H 111 -19.73 18.97 7.27
C ALA H 111 -20.61 17.98 8.01
N ARG H 112 -21.92 18.24 8.02
CA ARG H 112 -22.88 17.27 8.53
C ARG H 112 -23.46 16.50 7.37
N VAL H 113 -23.52 15.18 7.48
CA VAL H 113 -24.28 14.39 6.52
C VAL H 113 -25.53 13.86 7.22
N VAL H 114 -26.68 14.10 6.60
CA VAL H 114 -27.98 13.70 7.15
C VAL H 114 -28.39 12.40 6.48
N SER H 115 -29.17 11.58 7.19
CA SER H 115 -29.51 10.24 6.69
C SER H 115 -30.30 10.24 5.38
N ASP H 116 -30.89 11.37 5.00
CA ASP H 116 -31.59 11.44 3.72
C ASP H 116 -30.66 11.88 2.60
N GLY H 117 -29.38 12.01 2.91
CA GLY H 117 -28.39 12.37 1.92
C GLY H 117 -28.07 13.85 1.81
N GLU H 118 -28.76 14.68 2.58
CA GLU H 118 -28.43 16.10 2.57
C GLU H 118 -27.06 16.33 3.20
N VAL H 119 -26.29 17.24 2.62
CA VAL H 119 -25.00 17.61 3.23
C VAL H 119 -25.03 19.07 3.63
N LEU H 120 -24.64 19.34 4.87
CA LEU H 120 -24.63 20.72 5.41
C LEU H 120 -23.21 21.13 5.76
N TYR H 121 -22.74 22.18 5.12
CA TYR H 121 -21.41 22.71 5.35
C TYR H 121 -21.53 24.21 5.61
N MET H 122 -21.01 24.66 6.73
CA MET H 122 -21.13 26.07 7.07
C MET H 122 -19.86 26.59 7.75
N PRO H 123 -18.83 26.89 6.94
CA PRO H 123 -17.60 27.49 7.46
C PRO H 123 -17.80 28.96 7.85
N SER H 124 -17.09 29.43 8.86
CA SER H 124 -16.92 30.86 9.06
C SER H 124 -15.70 31.30 8.26
N ILE H 125 -15.89 32.33 7.44
CA ILE H 125 -14.87 32.76 6.50
C ILE H 125 -14.59 34.23 6.67
N ARG H 126 -13.31 34.58 6.77
CA ARG H 126 -12.88 35.96 6.63
C ARG H 126 -12.25 36.20 5.26
N GLN H 127 -12.65 37.27 4.60
CA GLN H 127 -12.21 37.51 3.23
C GLN H 127 -12.38 38.98 2.88
N ARG H 128 -11.60 39.42 1.90
CA ARG H 128 -11.66 40.81 1.46
C ARG H 128 -12.17 40.87 0.03
N PHE H 129 -12.94 41.91 -0.26
CA PHE H 129 -13.61 42.05 -1.54
C PHE H 129 -13.47 43.47 -2.11
N SER H 130 -13.55 43.56 -3.43
CA SER H 130 -13.66 44.83 -4.15
C SER H 130 -15.12 45.10 -4.45
N CYS H 131 -15.67 46.16 -3.86
CA CYS H 131 -17.07 46.48 -4.07
C CYS H 131 -17.33 47.95 -3.76
N ASP H 132 -18.56 48.41 -4.02
CA ASP H 132 -18.88 49.83 -3.87
C ASP H 132 -19.09 50.20 -2.41
N VAL H 133 -18.15 50.93 -1.84
CA VAL H 133 -18.23 51.33 -0.44
C VAL H 133 -18.76 52.78 -0.28
N SER H 134 -19.09 53.41 -1.40
CA SER H 134 -19.55 54.80 -1.37
C SER H 134 -20.86 54.93 -0.59
N GLY H 135 -20.99 56.03 0.15
CA GLY H 135 -22.19 56.29 0.92
C GLY H 135 -22.18 55.57 2.26
N VAL H 136 -21.02 55.03 2.63
CA VAL H 136 -20.89 54.27 3.86
C VAL H 136 -21.15 55.13 5.11
N ASP H 137 -21.06 56.45 4.94
CA ASP H 137 -21.25 57.38 6.07
C ASP H 137 -22.58 58.12 6.01
N THR H 138 -23.49 57.62 5.18
CA THR H 138 -24.81 58.23 5.05
C THR H 138 -25.86 57.37 5.76
N GLU H 139 -27.07 57.89 5.84
CA GLU H 139 -28.17 57.16 6.49
C GLU H 139 -28.65 56.03 5.60
N SER H 140 -28.45 56.18 4.30
CA SER H 140 -28.86 55.17 3.34
C SER H 140 -27.78 54.11 3.19
N GLY H 141 -26.53 54.50 3.44
CA GLY H 141 -25.42 53.58 3.55
C GLY H 141 -24.76 53.13 2.25
N ALA H 142 -23.73 52.29 2.38
CA ALA H 142 -23.09 51.69 1.22
C ALA H 142 -23.79 50.38 0.87
N THR H 143 -23.70 49.98 -0.39
CA THR H 143 -24.26 48.70 -0.78
C THR H 143 -23.20 47.91 -1.56
N CYS H 144 -22.53 47.02 -0.82
CA CYS H 144 -21.47 46.17 -1.33
C CYS H 144 -22.04 44.87 -1.87
N ARG H 145 -21.81 44.56 -3.15
CA ARG H 145 -22.35 43.35 -3.73
C ARG H 145 -21.26 42.28 -3.88
N ILE H 146 -21.59 41.07 -3.45
CA ILE H 146 -20.66 39.95 -3.54
C ILE H 146 -21.33 38.82 -4.29
N LYS H 147 -20.63 38.30 -5.29
CA LYS H 147 -21.15 37.19 -6.09
C LYS H 147 -20.36 35.93 -5.80
N ILE H 148 -21.07 34.87 -5.42
CA ILE H 148 -20.44 33.59 -5.11
C ILE H 148 -21.12 32.46 -5.88
N GLY H 149 -20.33 31.68 -6.60
CA GLY H 149 -20.84 30.53 -7.32
C GLY H 149 -19.73 29.54 -7.66
N SER H 150 -20.07 28.46 -8.38
CA SER H 150 -19.05 27.48 -8.76
C SER H 150 -18.01 28.11 -9.67
N TRP H 151 -16.73 27.82 -9.42
CA TRP H 151 -15.69 28.39 -10.27
C TRP H 151 -15.67 27.70 -11.65
N THR H 152 -15.87 26.38 -11.68
CA THR H 152 -15.63 25.61 -12.90
C THR H 152 -16.85 24.88 -13.46
N HIS H 153 -17.94 24.82 -12.68
CA HIS H 153 -19.12 24.09 -13.11
C HIS H 153 -20.22 25.06 -13.55
N HIS H 154 -20.63 24.94 -14.81
CA HIS H 154 -21.64 25.85 -15.33
C HIS H 154 -23.05 25.36 -14.97
N SER H 155 -24.06 26.07 -15.46
CA SER H 155 -25.46 25.91 -15.01
C SER H 155 -26.06 24.51 -15.18
N ARG H 156 -25.58 23.75 -16.15
CA ARG H 156 -26.13 22.40 -16.32
C ARG H 156 -25.50 21.38 -15.36
N GLU H 157 -24.49 21.83 -14.60
CA GLU H 157 -23.80 20.94 -13.65
C GLU H 157 -24.04 21.34 -12.20
N ILE H 158 -24.05 22.65 -11.95
CA ILE H 158 -24.35 23.15 -10.63
C ILE H 158 -25.31 24.33 -10.76
N SER H 159 -26.41 24.25 -10.02
CA SER H 159 -27.30 25.39 -9.93
C SER H 159 -27.19 25.94 -8.51
N VAL H 160 -27.37 27.25 -8.36
CA VAL H 160 -27.16 27.91 -7.06
C VAL H 160 -28.37 28.72 -6.68
N ASP H 161 -28.87 28.45 -5.48
CA ASP H 161 -30.13 29.05 -5.04
C ASP H 161 -29.95 29.67 -3.66
N PRO H 162 -30.43 30.90 -3.48
CA PRO H 162 -30.39 31.53 -2.15
C PRO H 162 -31.54 30.99 -1.29
N THR H 163 -31.32 30.93 0.02
CA THR H 163 -32.34 30.42 0.92
C THR H 163 -33.24 31.54 1.43
N GLU H 165 -33.76 35.41 1.46
CA GLU H 165 -33.33 36.35 0.42
C GLU H 165 -33.34 37.80 0.91
N ASN H 166 -33.97 38.05 2.06
CA ASN H 166 -33.92 39.38 2.66
C ASN H 166 -33.95 39.34 4.19
N SER H 167 -33.02 40.06 4.81
CA SER H 167 -32.91 40.09 6.28
C SER H 167 -31.93 41.16 6.74
N ASP H 168 -32.16 41.70 7.94
CA ASP H 168 -31.22 42.67 8.48
C ASP H 168 -30.10 41.95 9.24
N ASP H 169 -30.21 40.63 9.34
CA ASP H 169 -29.11 39.83 9.86
C ASP H 169 -28.83 40.11 11.35
N SER H 170 -29.78 40.75 12.02
CA SER H 170 -29.63 41.10 13.43
C SER H 170 -29.28 39.90 14.33
N GLU H 171 -29.70 38.72 13.91
CA GLU H 171 -29.47 37.50 14.69
C GLU H 171 -28.00 37.11 14.78
N TYR H 172 -27.22 37.51 13.78
CA TYR H 172 -25.86 37.01 13.63
C TYR H 172 -24.79 38.09 13.81
N PHE H 173 -25.11 39.31 13.39
CA PHE H 173 -24.10 40.35 13.25
C PHE H 173 -23.60 40.86 14.60
N SER H 174 -22.29 41.05 14.69
CA SER H 174 -21.66 41.50 15.92
C SER H 174 -22.14 42.89 16.32
N GLN H 175 -22.51 43.04 17.59
CA GLN H 175 -22.89 44.35 18.12
C GLN H 175 -21.67 45.23 18.35
N TYR H 176 -20.48 44.67 18.23
CA TYR H 176 -19.26 45.44 18.52
C TYR H 176 -18.55 45.94 17.26
N SER H 177 -19.16 45.67 16.11
CA SER H 177 -18.67 46.23 14.84
C SER H 177 -18.86 47.75 14.79
N ARG H 178 -17.94 48.45 14.13
CA ARG H 178 -18.06 49.89 13.90
C ARG H 178 -19.20 50.20 12.96
N PHE H 179 -19.69 49.18 12.28
CA PHE H 179 -20.71 49.34 11.28
C PHE H 179 -21.98 48.63 11.71
N GLU H 180 -23.08 48.94 11.02
CA GLU H 180 -24.33 48.25 11.26
C GLU H 180 -24.95 47.90 9.92
N ILE H 181 -25.70 46.80 9.90
CA ILE H 181 -26.32 46.34 8.68
C ILE H 181 -27.77 46.84 8.60
N LEU H 182 -28.12 47.42 7.46
CA LEU H 182 -29.49 47.85 7.22
C LEU H 182 -30.28 46.72 6.59
N ASP H 183 -29.72 46.12 5.55
CA ASP H 183 -30.38 45.02 4.86
C ASP H 183 -29.39 44.12 4.11
N VAL H 184 -29.67 42.83 4.09
CA VAL H 184 -28.91 41.93 3.24
C VAL H 184 -29.85 41.17 2.33
N THR H 185 -29.69 41.38 1.04
CA THR H 185 -30.51 40.71 0.06
C THR H 185 -29.66 39.67 -0.68
N GLN H 186 -30.24 38.50 -0.90
CA GLN H 186 -29.49 37.42 -1.53
C GLN H 186 -30.32 36.87 -2.67
N LYS H 187 -29.82 37.05 -3.88
CA LYS H 187 -30.62 36.75 -5.07
C LYS H 187 -29.86 35.86 -6.06
N LYS H 188 -30.64 35.07 -6.79
CA LYS H 188 -30.11 34.23 -7.84
C LYS H 188 -29.63 35.08 -9.01
N ASN H 189 -28.45 34.74 -9.53
CA ASN H 189 -27.86 35.49 -10.62
C ASN H 189 -27.04 34.54 -11.49
N SER H 190 -26.70 34.97 -12.70
CA SER H 190 -25.90 34.16 -13.60
C SER H 190 -24.95 35.05 -14.37
N VAL H 191 -23.76 34.54 -14.62
CA VAL H 191 -22.76 35.31 -15.35
C VAL H 191 -22.17 34.49 -16.47
N THR H 192 -21.59 35.18 -17.44
CA THR H 192 -20.88 34.54 -18.54
C THR H 192 -19.85 35.53 -19.06
N TYR H 193 -18.80 35.02 -19.70
CA TYR H 193 -17.67 35.83 -20.17
C TYR H 193 -17.19 35.35 -21.52
N SER H 194 -16.45 36.20 -22.22
CA SER H 194 -15.85 35.82 -23.49
C SER H 194 -14.94 34.59 -23.32
N CYS H 195 -14.21 34.54 -22.21
CA CYS H 195 -13.32 33.42 -21.93
C CYS H 195 -14.09 32.12 -21.71
N CYS H 196 -15.31 32.26 -21.18
CA CYS H 196 -16.03 31.16 -20.57
C CYS H 196 -17.51 31.27 -20.91
N PRO H 197 -17.88 30.88 -22.14
CA PRO H 197 -19.16 31.21 -22.76
C PRO H 197 -20.39 30.50 -22.19
N GLU H 198 -20.20 29.56 -21.26
CA GLU H 198 -21.34 28.95 -20.58
C GLU H 198 -21.96 29.89 -19.57
N ALA H 199 -23.09 29.48 -19.02
CA ALA H 199 -23.75 30.25 -17.96
C ALA H 199 -23.32 29.70 -16.61
N TYR H 200 -22.86 30.56 -15.72
CA TYR H 200 -22.47 30.16 -14.37
C TYR H 200 -23.38 30.80 -13.34
N GLU H 201 -24.05 30.00 -12.53
CA GLU H 201 -24.97 30.56 -11.55
C GLU H 201 -24.22 31.02 -10.31
N ASP H 202 -24.76 32.03 -9.66
CA ASP H 202 -24.19 32.50 -8.41
C ASP H 202 -25.30 33.02 -7.53
N VAL H 203 -25.00 33.19 -6.24
CA VAL H 203 -25.83 33.99 -5.36
C VAL H 203 -25.24 35.39 -5.35
N GLU H 204 -26.05 36.39 -5.65
CA GLU H 204 -25.58 37.76 -5.52
C GLU H 204 -26.05 38.34 -4.19
N VAL H 205 -25.10 38.62 -3.32
CA VAL H 205 -25.37 39.12 -1.98
C VAL H 205 -25.18 40.64 -1.96
N SER H 206 -26.24 41.36 -1.64
CA SER H 206 -26.15 42.81 -1.56
C SER H 206 -26.20 43.22 -0.10
N LEU H 207 -25.04 43.63 0.41
CA LEU H 207 -24.89 44.02 1.80
C LEU H 207 -25.03 45.54 1.93
N ASN H 208 -26.17 45.98 2.47
CA ASN H 208 -26.44 47.41 2.73
C ASN H 208 -26.10 47.74 4.18
N PHE H 209 -25.03 48.52 4.36
CA PHE H 209 -24.52 48.83 5.69
C PHE H 209 -24.03 50.27 5.78
N ARG H 210 -23.85 50.77 7.00
CA ARG H 210 -23.36 52.12 7.25
C ARG H 210 -22.51 52.15 8.51
N LYS H 211 -21.62 53.15 8.62
CA LYS H 211 -20.70 53.27 9.75
C LYS H 211 -21.43 53.69 11.04
N LYS I 8 -23.69 10.49 -13.88
CA LYS I 8 -22.62 10.59 -12.91
C LYS I 8 -21.60 9.45 -13.00
N LEU I 9 -22.09 8.27 -13.35
CA LEU I 9 -21.22 7.11 -13.48
C LEU I 9 -20.24 7.36 -14.60
N ASP I 10 -20.75 7.98 -15.66
CA ASP I 10 -19.92 8.42 -16.76
C ASP I 10 -18.86 9.38 -16.25
N ARG I 11 -19.21 10.30 -15.36
CA ARG I 11 -18.21 11.26 -14.88
C ARG I 11 -17.13 10.59 -14.03
N ALA I 12 -17.55 9.67 -13.17
CA ALA I 12 -16.62 8.90 -12.35
C ALA I 12 -15.69 8.10 -13.24
N ASP I 13 -16.24 7.51 -14.30
CA ASP I 13 -15.41 6.77 -15.24
C ASP I 13 -14.44 7.65 -16.03
N ILE I 14 -14.87 8.85 -16.44
CA ILE I 14 -13.95 9.74 -17.16
C ILE I 14 -12.79 10.13 -16.23
N LEU I 15 -13.10 10.44 -14.98
CA LEU I 15 -12.05 10.79 -14.02
C LEU I 15 -11.08 9.62 -13.83
N TYR I 16 -11.61 8.41 -13.74
CA TYR I 16 -10.79 7.20 -13.67
C TYR I 16 -9.86 7.07 -14.88
N ASN I 17 -10.42 7.23 -16.08
CA ASN I 17 -9.65 7.14 -17.32
C ASN I 17 -8.51 8.16 -17.36
N ILE I 18 -8.85 9.40 -16.99
CA ILE I 18 -7.86 10.48 -16.95
C ILE I 18 -6.73 10.15 -15.98
N ARG I 19 -7.07 9.63 -14.82
CA ARG I 19 -6.06 9.27 -13.82
C ARG I 19 -5.25 8.05 -14.22
N GLN I 20 -5.82 7.16 -15.01
CA GLN I 20 -5.04 6.04 -15.54
C GLN I 20 -4.02 6.49 -16.60
N THR I 21 -4.36 7.53 -17.36
CA THR I 21 -3.56 7.95 -18.50
C THR I 21 -2.65 9.12 -18.18
N SER I 22 -3.08 9.96 -17.24
CA SER I 22 -2.37 11.19 -16.93
C SER I 22 -0.99 10.93 -16.35
N ARG I 23 0.00 11.63 -16.86
CA ARG I 23 1.32 11.63 -16.24
C ARG I 23 1.66 13.03 -15.81
N PRO I 24 1.35 13.35 -14.54
CA PRO I 24 1.43 14.73 -14.06
C PRO I 24 2.83 15.36 -14.12
N ASP I 25 3.88 14.54 -14.19
CA ASP I 25 5.23 15.08 -14.17
C ASP I 25 5.93 15.03 -15.54
N VAL I 26 5.23 14.55 -16.57
CA VAL I 26 5.82 14.42 -17.90
C VAL I 26 5.12 15.37 -18.88
N ILE I 27 5.89 16.18 -19.61
CA ILE I 27 5.27 17.10 -20.56
C ILE I 27 4.59 16.27 -21.65
N PRO I 28 3.36 16.67 -22.03
CA PRO I 28 2.56 15.90 -23.00
C PRO I 28 2.91 16.21 -24.46
N THR I 29 4.17 16.07 -24.82
CA THR I 29 4.61 16.38 -26.18
C THR I 29 4.11 15.31 -27.15
N ASP I 32 6.56 14.92 -32.18
CA ASP I 32 7.77 15.37 -31.52
C ASP I 32 7.89 16.89 -31.52
N ARG I 33 6.80 17.56 -31.13
CA ARG I 33 6.73 19.01 -31.12
C ARG I 33 6.62 19.56 -29.71
N PRO I 34 6.89 20.86 -29.54
CA PRO I 34 6.68 21.51 -28.24
C PRO I 34 5.23 21.48 -27.82
N VAL I 35 4.97 21.49 -26.51
CA VAL I 35 3.60 21.67 -26.04
C VAL I 35 3.24 23.12 -26.24
N ALA I 36 2.18 23.37 -27.02
CA ALA I 36 1.71 24.73 -27.23
C ALA I 36 0.81 25.16 -26.10
N VAL I 37 1.25 26.14 -25.33
CA VAL I 37 0.49 26.65 -24.20
C VAL I 37 -0.04 28.03 -24.55
N SER I 38 -1.35 28.23 -24.45
CA SER I 38 -1.93 29.55 -24.59
C SER I 38 -2.09 30.18 -23.21
N VAL I 39 -1.71 31.45 -23.08
CA VAL I 39 -1.83 32.15 -21.82
C VAL I 39 -2.40 33.55 -22.04
N SER I 40 -3.48 33.90 -21.35
CA SER I 40 -4.02 35.25 -21.47
C SER I 40 -4.48 35.76 -20.11
N LEU I 41 -3.92 36.89 -19.68
CA LEU I 41 -4.27 37.44 -18.38
C LEU I 41 -5.48 38.36 -18.48
N LYS I 42 -6.50 38.10 -17.66
CA LYS I 42 -7.62 39.03 -17.57
C LYS I 42 -7.51 39.77 -16.25
N PHE I 43 -7.12 41.04 -16.32
CA PHE I 43 -6.95 41.81 -15.10
C PHE I 43 -8.31 42.13 -14.47
N ILE I 44 -8.37 41.96 -13.16
CA ILE I 44 -9.62 42.17 -12.43
C ILE I 44 -9.46 43.37 -11.51
N ASN I 45 -8.26 43.54 -10.97
CA ASN I 45 -8.00 44.64 -10.05
C ASN I 45 -6.55 45.02 -9.93
N ILE I 46 -6.32 46.28 -9.62
CA ILE I 46 -5.01 46.83 -9.29
C ILE I 46 -5.16 47.35 -7.88
N LEU I 47 -4.54 46.67 -6.91
CA LEU I 47 -4.81 46.91 -5.50
C LEU I 47 -3.86 47.92 -4.86
N GLU I 48 -2.60 47.85 -5.24
CA GLU I 48 -1.60 48.74 -4.67
C GLU I 48 -0.61 49.10 -5.77
N VAL I 49 -0.22 50.37 -5.78
CA VAL I 49 0.80 50.82 -6.69
C VAL I 49 1.74 51.70 -5.89
N ASN I 50 3.04 51.49 -6.04
CA ASN I 50 4.01 52.35 -5.37
C ASN I 50 4.94 52.93 -6.44
N GLU I 51 4.80 54.24 -6.69
CA GLU I 51 5.60 54.89 -7.72
C GLU I 51 7.04 55.11 -7.26
N ILE I 52 7.25 55.08 -5.95
CA ILE I 52 8.60 55.20 -5.43
C ILE I 52 9.41 53.94 -5.70
N THR I 53 8.83 52.78 -5.37
CA THR I 53 9.53 51.51 -5.45
C THR I 53 9.32 50.76 -6.78
N ASN I 54 8.43 51.28 -7.60
CA ASN I 54 8.06 50.63 -8.87
C ASN I 54 7.51 49.22 -8.66
N GLU I 55 6.49 49.12 -7.81
CA GLU I 55 5.86 47.84 -7.55
C GLU I 55 4.35 47.96 -7.70
N VAL I 56 3.73 46.89 -8.16
CA VAL I 56 2.27 46.81 -8.20
C VAL I 56 1.79 45.51 -7.57
N ASP I 57 0.57 45.56 -7.03
CA ASP I 57 -0.13 44.43 -6.44
C ASP I 57 -1.44 44.25 -7.23
N VAL I 58 -1.54 43.17 -8.00
CA VAL I 58 -2.67 43.01 -8.93
C VAL I 58 -3.40 41.67 -8.79
N VAL I 59 -4.64 41.62 -9.27
CA VAL I 59 -5.41 40.38 -9.32
C VAL I 59 -5.81 40.11 -10.77
N PHE I 60 -5.55 38.90 -11.25
CA PHE I 60 -5.91 38.56 -12.64
C PHE I 60 -6.39 37.13 -12.75
N TRP I 61 -7.29 36.89 -13.69
CA TRP I 61 -7.64 35.53 -14.09
C TRP I 61 -6.65 35.06 -15.16
N GLN I 62 -5.96 33.96 -14.91
CA GLN I 62 -4.93 33.53 -15.83
C GLN I 62 -5.49 32.44 -16.74
N GLN I 63 -6.09 32.84 -17.86
CA GLN I 63 -6.68 31.86 -18.74
C GLN I 63 -5.57 31.07 -19.43
N THR I 64 -5.49 29.78 -19.10
CA THR I 64 -4.43 28.92 -19.61
C THR I 64 -5.02 27.71 -20.33
N THR I 65 -4.49 27.38 -21.50
CA THR I 65 -4.96 26.17 -22.17
C THR I 65 -3.82 25.46 -22.89
N TRP I 66 -3.99 24.16 -23.06
CA TRP I 66 -3.05 23.32 -23.79
C TRP I 66 -3.77 22.01 -24.07
N SER I 67 -3.18 21.14 -24.89
CA SER I 67 -3.78 19.84 -25.12
C SER I 67 -2.91 18.67 -24.67
N ASP I 68 -3.56 17.62 -24.18
CA ASP I 68 -2.94 16.29 -24.09
C ASP I 68 -3.90 15.29 -24.71
N ARG I 69 -3.63 14.91 -25.95
CA ARG I 69 -4.52 14.05 -26.72
C ARG I 69 -4.72 12.66 -26.11
N THR I 70 -3.76 12.21 -25.31
CA THR I 70 -3.92 10.92 -24.65
C THR I 70 -5.09 10.92 -23.65
N LEU I 71 -5.56 12.11 -23.25
CA LEU I 71 -6.67 12.17 -22.29
C LEU I 71 -8.02 12.12 -23.00
N ALA I 72 -7.99 12.17 -24.34
CA ALA I 72 -9.23 12.33 -25.09
C ALA I 72 -10.14 11.10 -24.93
N TRP I 73 -11.45 11.32 -25.07
CA TRP I 73 -12.38 10.20 -25.10
C TRP I 73 -13.53 10.46 -26.07
N ASN I 74 -14.29 9.43 -26.37
CA ASN I 74 -15.45 9.54 -27.24
C ASN I 74 -16.63 10.02 -26.41
N SER I 75 -17.10 11.24 -26.68
CA SER I 75 -18.19 11.82 -25.89
C SER I 75 -19.51 11.86 -26.66
N SER I 76 -19.64 11.03 -27.69
CA SER I 76 -20.88 10.97 -28.46
C SER I 76 -22.08 10.69 -27.55
N HIS I 77 -21.88 9.87 -26.51
CA HIS I 77 -22.93 9.62 -25.53
C HIS I 77 -22.41 9.72 -24.09
N SER I 78 -21.53 10.68 -23.85
CA SER I 78 -21.05 10.93 -22.50
C SER I 78 -20.66 12.41 -22.36
N PRO I 79 -20.38 12.84 -21.12
CA PRO I 79 -20.04 14.25 -20.85
C PRO I 79 -18.88 14.74 -21.72
N ASP I 80 -18.97 15.99 -22.19
CA ASP I 80 -17.96 16.58 -23.06
C ASP I 80 -16.79 17.15 -22.27
N GLN I 81 -17.03 17.43 -21.00
CA GLN I 81 -16.03 18.02 -20.11
C GLN I 81 -16.23 17.55 -18.68
N VAL I 82 -15.15 17.53 -17.91
CA VAL I 82 -15.25 17.31 -16.45
C VAL I 82 -14.26 18.23 -15.72
N SER I 83 -14.55 18.52 -14.46
CA SER I 83 -13.58 19.25 -13.65
C SER I 83 -12.69 18.24 -12.97
N VAL I 84 -11.41 18.57 -12.84
CA VAL I 84 -10.39 17.64 -12.36
C VAL I 84 -9.41 18.42 -11.47
N PRO I 85 -9.07 17.89 -10.29
CA PRO I 85 -8.05 18.58 -9.49
C PRO I 85 -6.74 18.66 -10.28
N ILE I 86 -6.04 19.80 -10.23
CA ILE I 86 -4.84 19.92 -11.07
C ILE I 86 -3.73 18.99 -10.59
N SER I 87 -3.82 18.55 -9.35
CA SER I 87 -2.86 17.56 -8.85
C SER I 87 -2.91 16.25 -9.66
N SER I 88 -4.01 16.00 -10.37
CA SER I 88 -4.11 14.80 -11.19
C SER I 88 -3.58 14.98 -12.61
N LEU I 89 -3.13 16.20 -12.92
CA LEU I 89 -2.79 16.58 -14.30
C LEU I 89 -1.40 17.11 -14.42
N TRP I 90 -0.80 16.99 -15.60
CA TRP I 90 0.35 17.82 -15.88
C TRP I 90 -0.17 19.23 -16.13
N VAL I 91 0.52 20.21 -15.55
CA VAL I 91 0.24 21.61 -15.75
C VAL I 91 1.55 22.32 -16.06
N PRO I 92 1.52 23.28 -16.99
CA PRO I 92 2.78 23.94 -17.31
C PRO I 92 3.39 24.66 -16.09
N ASP I 93 4.71 24.59 -15.97
CA ASP I 93 5.41 25.18 -14.84
C ASP I 93 5.65 26.68 -15.07
N LEU I 94 4.56 27.42 -15.23
CA LEU I 94 4.63 28.85 -15.53
C LEU I 94 5.08 29.70 -14.34
N ALA I 95 5.84 30.74 -14.63
CA ALA I 95 6.21 31.72 -13.62
C ALA I 95 6.36 33.08 -14.25
N ALA I 96 6.17 34.11 -13.44
CA ALA I 96 6.37 35.48 -13.87
C ALA I 96 7.79 35.89 -13.56
N TYR I 97 8.53 36.31 -14.58
CA TYR I 97 9.95 36.66 -14.43
C TYR I 97 10.22 37.84 -13.52
N ASN I 98 9.23 38.72 -13.33
CA ASN I 98 9.43 39.90 -12.49
C ASN I 98 8.49 39.88 -11.28
N ALA I 99 8.04 38.69 -10.89
CA ALA I 99 7.27 38.55 -9.65
C ALA I 99 8.17 38.79 -8.46
N ILE I 100 7.66 39.48 -7.44
CA ILE I 100 8.40 39.65 -6.19
C ILE I 100 7.61 39.10 -5.01
N SER I 101 6.53 38.39 -5.29
CA SER I 101 5.82 37.62 -4.28
C SER I 101 5.35 36.32 -4.91
N LYS I 102 5.04 35.32 -4.09
CA LYS I 102 4.47 34.07 -4.59
C LYS I 102 3.12 34.34 -5.21
N PRO I 103 2.74 33.57 -6.24
CA PRO I 103 1.38 33.73 -6.74
C PRO I 103 0.37 33.21 -5.71
N GLU I 104 -0.54 34.08 -5.28
CA GLU I 104 -1.62 33.71 -4.36
C GLU I 104 -2.84 33.24 -5.14
N VAL I 105 -3.14 31.95 -5.11
CA VAL I 105 -4.26 31.43 -5.91
C VAL I 105 -5.55 31.55 -5.11
N LEU I 106 -6.53 32.27 -5.65
CA LEU I 106 -7.70 32.65 -4.88
C LEU I 106 -8.88 31.71 -5.10
N THR I 107 -8.73 30.79 -6.05
CA THR I 107 -9.84 29.98 -6.51
C THR I 107 -9.54 28.48 -6.37
N PRO I 108 -10.57 27.63 -6.41
CA PRO I 108 -10.34 26.18 -6.29
C PRO I 108 -9.41 25.69 -7.39
N GLN I 109 -8.48 24.84 -7.02
CA GLN I 109 -7.42 24.42 -7.95
C GLN I 109 -7.91 23.27 -8.82
N LEU I 110 -8.87 23.57 -9.67
CA LEU I 110 -9.48 22.62 -10.59
C LEU I 110 -9.32 23.09 -12.03
N ALA I 111 -9.15 22.14 -12.94
CA ALA I 111 -9.14 22.46 -14.37
C ALA I 111 -10.28 21.74 -15.05
N ARG I 112 -10.64 22.18 -16.25
CA ARG I 112 -11.58 21.42 -17.07
C ARG I 112 -10.81 20.57 -18.07
N VAL I 113 -11.18 19.31 -18.17
CA VAL I 113 -10.64 18.49 -19.24
C VAL I 113 -11.76 18.25 -20.24
N VAL I 114 -11.47 18.57 -21.50
CA VAL I 114 -12.42 18.44 -22.60
C VAL I 114 -12.20 17.10 -23.27
N SER I 115 -13.26 16.51 -23.83
CA SER I 115 -13.14 15.16 -24.39
C SER I 115 -12.18 15.06 -25.58
N ASP I 116 -11.79 16.18 -26.18
CA ASP I 116 -10.77 16.14 -27.24
C ASP I 116 -9.35 16.26 -26.70
N GLY I 117 -9.21 16.31 -25.39
CA GLY I 117 -7.89 16.34 -24.77
C GLY I 117 -7.42 17.73 -24.39
N GLU I 118 -8.22 18.75 -24.71
CA GLU I 118 -7.87 20.10 -24.30
C GLU I 118 -8.01 20.23 -22.77
N VAL I 119 -7.08 20.94 -22.15
CA VAL I 119 -7.20 21.24 -20.73
C VAL I 119 -7.35 22.75 -20.55
N LEU I 120 -8.32 23.13 -19.72
CA LEU I 120 -8.62 24.53 -19.46
C LEU I 120 -8.41 24.82 -17.97
N TYR I 121 -7.48 25.71 -17.67
CA TYR I 121 -7.17 26.07 -16.29
C TYR I 121 -7.15 27.58 -16.14
N MET I 122 -7.92 28.12 -15.21
CA MET I 122 -8.00 29.58 -15.07
C MET I 122 -8.12 30.01 -13.62
N PRO I 123 -6.97 30.00 -12.90
CA PRO I 123 -6.98 30.46 -11.51
C PRO I 123 -7.11 31.97 -11.45
N SER I 124 -7.78 32.49 -10.44
CA SER I 124 -7.62 33.90 -10.10
C SER I 124 -6.39 34.00 -9.21
N ILE I 125 -5.48 34.88 -9.58
CA ILE I 125 -4.22 35.02 -8.88
C ILE I 125 -4.00 36.45 -8.39
N ARG I 126 -3.60 36.59 -7.13
CA ARG I 126 -3.13 37.88 -6.63
C ARG I 126 -1.60 37.82 -6.52
N GLN I 127 -0.92 38.79 -7.11
CA GLN I 127 0.53 38.73 -7.13
C GLN I 127 1.13 40.12 -7.22
N ARG I 128 2.37 40.27 -6.75
CA ARG I 128 3.06 41.56 -6.82
C ARG I 128 4.25 41.49 -7.78
N PHE I 129 4.50 42.58 -8.49
CA PHE I 129 5.53 42.63 -9.52
C PHE I 129 6.37 43.89 -9.43
N SER I 130 7.60 43.77 -9.89
CA SER I 130 8.46 44.92 -10.11
C SER I 130 8.29 45.38 -11.56
N CYS I 131 7.76 46.57 -11.76
CA CYS I 131 7.56 47.10 -13.11
C CYS I 131 7.49 48.62 -13.09
N ASP I 132 7.45 49.21 -14.28
CA ASP I 132 7.46 50.67 -14.43
C ASP I 132 6.12 51.31 -14.06
N VAL I 133 6.09 51.98 -12.92
CA VAL I 133 4.88 52.61 -12.44
C VAL I 133 4.87 54.11 -12.79
N SER I 134 5.92 54.57 -13.46
CA SER I 134 6.03 56.00 -13.76
C SER I 134 4.92 56.42 -14.72
N GLY I 135 4.24 57.52 -14.39
CA GLY I 135 3.22 58.07 -15.26
C GLY I 135 1.82 57.64 -14.86
N VAL I 136 1.72 56.89 -13.77
CA VAL I 136 0.44 56.37 -13.32
C VAL I 136 -0.56 57.48 -12.99
N ASP I 137 -0.05 58.66 -12.65
CA ASP I 137 -0.93 59.78 -12.29
C ASP I 137 -1.15 60.75 -13.46
N THR I 138 -0.83 60.31 -14.68
CA THR I 138 -0.98 61.14 -15.87
C THR I 138 -2.02 60.57 -16.84
N GLU I 139 -2.46 61.40 -17.78
CA GLU I 139 -3.44 61.00 -18.79
C GLU I 139 -3.02 59.76 -19.57
N SER I 140 -1.74 59.67 -19.92
CA SER I 140 -1.27 58.55 -20.71
C SER I 140 -0.96 57.33 -19.83
N GLY I 141 -0.85 57.56 -18.52
CA GLY I 141 -0.75 56.47 -17.56
C GLY I 141 0.60 55.75 -17.50
N ALA I 142 0.65 54.73 -16.64
CA ALA I 142 1.83 53.88 -16.52
C ALA I 142 1.69 52.67 -17.43
N THR I 143 2.81 52.10 -17.84
CA THR I 143 2.81 50.86 -18.59
C THR I 143 3.68 49.83 -17.86
N CYS I 144 3.03 48.94 -17.12
CA CYS I 144 3.69 47.90 -16.35
C CYS I 144 3.75 46.60 -17.16
N ARG I 145 4.96 46.10 -17.42
CA ARG I 145 5.11 44.90 -18.21
C ARG I 145 5.42 43.68 -17.35
N ILE I 146 4.72 42.59 -17.62
CA ILE I 146 4.89 41.35 -16.88
C ILE I 146 5.19 40.22 -17.86
N LYS I 147 6.25 39.48 -17.60
CA LYS I 147 6.62 38.38 -18.49
C LYS I 147 6.31 37.04 -17.84
N ILE I 148 5.57 36.17 -18.53
CA ILE I 148 5.24 34.85 -17.97
C ILE I 148 5.52 33.72 -18.95
N GLY I 149 6.24 32.68 -18.48
CA GLY I 149 6.55 31.55 -19.31
C GLY I 149 6.97 30.35 -18.49
N SER I 150 7.28 29.25 -19.15
CA SER I 150 7.79 28.07 -18.45
C SER I 150 9.09 28.40 -17.73
N TRP I 151 9.21 27.97 -16.49
CA TRP I 151 10.44 28.20 -15.75
C TRP I 151 11.58 27.29 -16.22
N THR I 152 11.28 26.02 -16.50
CA THR I 152 12.35 25.05 -16.75
C THR I 152 12.35 24.43 -18.15
N HIS I 153 11.32 24.72 -18.93
CA HIS I 153 11.17 24.14 -20.26
C HIS I 153 11.43 25.19 -21.35
N HIS I 154 12.44 24.95 -22.18
CA HIS I 154 12.79 25.89 -23.23
C HIS I 154 11.89 25.67 -24.46
N SER I 155 12.14 26.47 -25.50
CA SER I 155 11.23 26.58 -26.64
C SER I 155 10.95 25.29 -27.41
N ARG I 156 11.85 24.30 -27.33
CA ARG I 156 11.63 23.04 -28.03
C ARG I 156 10.70 22.13 -27.23
N GLU I 157 10.45 22.48 -25.97
CA GLU I 157 9.60 21.65 -25.12
C GLU I 157 8.23 22.32 -24.85
N ILE I 158 8.24 23.62 -24.59
CA ILE I 158 7.00 24.38 -24.44
C ILE I 158 7.01 25.66 -25.24
N SER I 159 5.94 25.93 -25.98
CA SER I 159 5.82 27.21 -26.64
C SER I 159 4.65 27.95 -26.00
N VAL I 160 4.77 29.27 -25.96
CA VAL I 160 3.73 30.10 -25.36
C VAL I 160 3.09 31.01 -26.41
N ASP I 161 1.77 30.93 -26.53
CA ASP I 161 1.04 31.83 -27.42
C ASP I 161 0.02 32.67 -26.64
N PRO I 162 0.09 34.00 -26.81
CA PRO I 162 -0.99 34.81 -26.25
C PRO I 162 -2.26 34.64 -27.08
N THR I 163 -3.41 34.69 -26.42
CA THR I 163 -4.67 34.85 -27.09
C THR I 163 -5.49 36.00 -27.69
N THR I 164 -5.52 37.14 -26.99
CA THR I 164 -6.37 38.27 -27.39
C THR I 164 -5.15 39.19 -27.26
N GLU I 165 -4.59 39.63 -28.37
CA GLU I 165 -3.36 40.42 -28.28
C GLU I 165 -3.60 41.83 -27.72
N ASN I 166 -4.82 42.35 -27.90
CA ASN I 166 -5.12 43.72 -27.47
C ASN I 166 -6.56 43.90 -26.97
N SER I 167 -6.71 44.65 -25.88
CA SER I 167 -8.01 44.85 -25.24
C SER I 167 -7.91 45.86 -24.10
N ASP I 168 -9.00 46.57 -23.82
CA ASP I 168 -9.01 47.51 -22.69
C ASP I 168 -9.52 46.82 -21.45
N ASP I 169 -9.90 45.56 -21.61
CA ASP I 169 -10.21 44.68 -20.48
C ASP I 169 -11.47 45.15 -19.73
N SER I 170 -12.33 45.90 -20.42
CA SER I 170 -13.52 46.44 -19.79
C SER I 170 -14.45 45.33 -19.30
N GLU I 171 -14.41 44.17 -19.94
CA GLU I 171 -15.28 43.06 -19.57
C GLU I 171 -14.98 42.51 -18.17
N TYR I 172 -13.72 42.57 -17.77
CA TYR I 172 -13.28 41.88 -16.57
C TYR I 172 -12.87 42.81 -15.43
N PHE I 173 -12.33 43.96 -15.78
CA PHE I 173 -11.74 44.83 -14.76
C PHE I 173 -12.80 45.45 -13.85
N SER I 174 -12.51 45.48 -12.55
CA SER I 174 -13.49 45.98 -11.59
C SER I 174 -13.78 47.46 -11.81
N GLN I 175 -15.06 47.80 -11.85
CA GLN I 175 -15.47 49.19 -12.00
C GLN I 175 -15.16 50.00 -10.75
N TYR I 176 -14.96 49.30 -9.63
CA TYR I 176 -14.79 50.00 -8.35
C TYR I 176 -13.33 50.25 -8.02
N SER I 177 -12.44 49.83 -8.89
CA SER I 177 -11.01 50.07 -8.69
C SER I 177 -10.68 51.55 -8.65
N ARG I 178 -9.61 51.87 -7.91
CA ARG I 178 -9.02 53.19 -7.82
C ARG I 178 -8.41 53.56 -9.16
N PHE I 179 -8.08 52.54 -9.95
CA PHE I 179 -7.44 52.75 -11.23
C PHE I 179 -8.34 52.35 -12.40
N GLU I 180 -7.94 52.72 -13.61
CA GLU I 180 -8.66 52.27 -14.79
C GLU I 180 -7.67 51.83 -15.85
N ILE I 181 -8.06 50.88 -16.67
CA ILE I 181 -7.17 50.29 -17.66
C ILE I 181 -7.38 50.95 -19.01
N LEU I 182 -6.29 51.42 -19.61
CA LEU I 182 -6.36 52.05 -20.92
C LEU I 182 -6.20 51.01 -22.01
N ASP I 183 -5.22 50.13 -21.83
CA ASP I 183 -4.98 49.08 -22.81
C ASP I 183 -4.17 47.95 -22.21
N VAL I 184 -4.48 46.73 -22.63
CA VAL I 184 -3.64 45.58 -22.30
C VAL I 184 -3.20 44.89 -23.58
N THR I 185 -1.90 44.87 -23.84
CA THR I 185 -1.41 44.08 -24.95
C THR I 185 -0.64 42.86 -24.45
N GLN I 186 -0.79 41.75 -25.17
CA GLN I 186 -0.14 40.51 -24.80
C GLN I 186 0.47 39.93 -26.05
N LYS I 187 1.79 39.77 -26.03
CA LYS I 187 2.54 39.39 -27.23
C LYS I 187 3.58 38.32 -26.95
N LYS I 188 3.91 37.54 -27.97
CA LYS I 188 4.93 36.50 -27.84
C LYS I 188 6.31 37.12 -27.66
N ASN I 189 7.12 36.50 -26.82
CA ASN I 189 8.44 37.02 -26.50
C ASN I 189 9.33 35.83 -26.16
N SER I 190 10.64 36.05 -26.18
CA SER I 190 11.61 35.00 -25.89
C SER I 190 12.72 35.59 -25.04
N VAL I 191 13.13 34.90 -23.97
CA VAL I 191 14.29 35.35 -23.21
C VAL I 191 15.39 34.30 -23.16
N THR I 192 16.63 34.77 -23.03
CA THR I 192 17.75 33.86 -22.86
C THR I 192 18.79 34.54 -21.96
N TYR I 193 19.47 33.77 -21.13
CA TYR I 193 20.41 34.30 -20.14
C TYR I 193 21.70 33.50 -20.16
N SER I 194 22.79 34.09 -19.67
CA SER I 194 24.07 33.40 -19.65
C SER I 194 23.98 32.14 -18.79
N CYS I 195 23.06 32.13 -17.82
CA CYS I 195 22.92 30.98 -16.92
C CYS I 195 22.37 29.77 -17.65
N CYS I 196 21.60 30.05 -18.69
CA CYS I 196 20.66 29.10 -19.26
C CYS I 196 20.54 29.31 -20.77
N PRO I 197 21.44 28.70 -21.55
CA PRO I 197 21.61 29.06 -22.96
C PRO I 197 20.58 28.44 -23.90
N GLU I 198 19.33 28.37 -23.49
CA GLU I 198 18.28 28.10 -24.46
C GLU I 198 17.32 29.26 -24.50
N ALA I 199 16.47 29.27 -25.52
CA ALA I 199 15.41 30.25 -25.62
C ALA I 199 14.21 29.77 -24.83
N TYR I 200 13.71 30.63 -23.96
CA TYR I 200 12.51 30.34 -23.21
C TYR I 200 11.42 31.30 -23.67
N GLU I 201 10.31 30.73 -24.14
CA GLU I 201 9.22 31.57 -24.60
C GLU I 201 8.45 32.13 -23.43
N ASP I 202 7.88 33.31 -23.62
CA ASP I 202 7.00 33.88 -22.63
C ASP I 202 5.94 34.72 -23.33
N VAL I 203 4.87 35.03 -22.60
CA VAL I 203 3.93 36.07 -23.03
C VAL I 203 4.30 37.33 -22.29
N GLU I 204 4.55 38.39 -23.05
CA GLU I 204 4.84 39.69 -22.47
C GLU I 204 3.53 40.47 -22.37
N VAL I 205 3.11 40.72 -21.15
CA VAL I 205 1.85 41.40 -20.89
C VAL I 205 2.12 42.87 -20.56
N SER I 206 1.63 43.77 -21.41
CA SER I 206 1.80 45.20 -21.18
C SER I 206 0.53 45.85 -20.63
N LEU I 207 0.57 46.23 -19.37
CA LEU I 207 -0.58 46.79 -18.69
C LEU I 207 -0.47 48.30 -18.63
N ASN I 208 -1.18 48.98 -19.53
CA ASN I 208 -1.24 50.44 -19.56
C ASN I 208 -2.45 50.89 -18.77
N PHE I 209 -2.21 51.63 -17.68
CA PHE I 209 -3.26 52.00 -16.75
C PHE I 209 -2.98 53.34 -16.05
N ARG I 210 -3.99 53.90 -15.40
CA ARG I 210 -3.83 55.17 -14.71
C ARG I 210 -4.78 55.29 -13.52
N LYS I 211 -4.43 56.16 -12.58
CA LYS I 211 -5.34 56.49 -11.51
C LYS I 211 -6.51 57.27 -12.11
N LYS I 212 -7.72 56.98 -11.63
CA LYS I 212 -8.92 57.66 -12.11
C LYS I 212 -8.91 59.14 -11.69
N ASP J 7 10.24 13.09 -27.44
CA ASP J 7 9.66 11.75 -27.34
C ASP J 7 9.11 11.53 -25.94
N LYS J 8 7.78 11.50 -25.82
CA LYS J 8 7.18 11.52 -24.50
C LYS J 8 7.45 10.25 -23.70
N LEU J 9 7.36 9.10 -24.37
CA LEU J 9 7.56 7.82 -23.69
C LEU J 9 8.98 7.75 -23.18
N ASP J 10 9.90 8.31 -23.97
CA ASP J 10 11.29 8.40 -23.55
C ASP J 10 11.38 9.22 -22.26
N ARG J 11 10.67 10.35 -22.19
CA ARG J 11 10.73 11.20 -21.00
C ARG J 11 10.18 10.48 -19.79
N ALA J 12 9.06 9.79 -19.96
CA ALA J 12 8.44 9.06 -18.85
C ALA J 12 9.39 7.98 -18.35
N ASP J 13 10.08 7.33 -19.27
CA ASP J 13 11.02 6.28 -18.91
C ASP J 13 12.24 6.83 -18.17
N ILE J 14 12.72 7.99 -18.59
CA ILE J 14 13.86 8.62 -17.92
C ILE J 14 13.48 9.02 -16.48
N LEU J 15 12.30 9.59 -16.32
CA LEU J 15 11.80 9.96 -14.99
C LEU J 15 11.67 8.75 -14.08
N TYR J 16 11.12 7.67 -14.64
CA TYR J 16 11.07 6.39 -13.94
C TYR J 16 12.46 5.91 -13.54
N ASN J 17 13.43 6.00 -14.46
CA ASN J 17 14.80 5.56 -14.14
C ASN J 17 15.40 6.41 -13.01
N ILE J 18 15.18 7.72 -13.09
CA ILE J 18 15.67 8.64 -12.06
C ILE J 18 15.05 8.31 -10.71
N ARG J 19 13.74 8.04 -10.69
CA ARG J 19 13.09 7.71 -9.43
C ARG J 19 13.51 6.35 -8.87
N GLN J 20 13.84 5.41 -9.74
CA GLN J 20 14.35 4.11 -9.31
C GLN J 20 15.74 4.21 -8.66
N THR J 21 16.55 5.16 -9.11
CA THR J 21 17.94 5.19 -8.71
C THR J 21 18.25 6.30 -7.71
N SER J 22 17.47 7.37 -7.77
CA SER J 22 17.67 8.49 -6.86
C SER J 22 17.43 8.10 -5.39
N ARG J 23 18.29 8.60 -4.52
CA ARG J 23 18.07 8.47 -3.08
C ARG J 23 18.00 9.87 -2.51
N PRO J 24 16.79 10.43 -2.39
CA PRO J 24 16.65 11.86 -2.05
C PRO J 24 17.29 12.25 -0.72
N ASP J 25 17.49 11.33 0.21
CA ASP J 25 18.04 11.72 1.51
C ASP J 25 19.52 11.37 1.70
N VAL J 26 20.14 10.79 0.67
CA VAL J 26 21.55 10.37 0.80
C VAL J 26 22.43 11.23 -0.10
N ILE J 27 23.50 11.80 0.45
CA ILE J 27 24.43 12.58 -0.37
C ILE J 27 25.04 11.69 -1.47
N PRO J 28 25.06 12.18 -2.71
CA PRO J 28 25.56 11.38 -3.83
C PRO J 28 27.09 11.38 -3.92
N THR J 29 27.78 10.95 -2.86
CA THR J 29 29.24 10.96 -2.89
C THR J 29 29.75 9.90 -3.86
N GLN J 30 30.66 10.31 -4.73
CA GLN J 30 31.26 9.39 -5.68
C GLN J 30 32.74 9.20 -5.38
N ARG J 31 33.20 7.95 -5.42
CA ARG J 31 34.60 7.63 -5.22
C ARG J 31 35.16 8.25 -3.93
N ASP J 32 34.36 8.21 -2.87
CA ASP J 32 34.75 8.69 -1.55
C ASP J 32 35.31 10.13 -1.53
N ARG J 33 34.74 10.98 -2.38
CA ARG J 33 35.04 12.41 -2.38
C ARG J 33 33.79 13.19 -1.96
N PRO J 34 33.94 14.47 -1.58
CA PRO J 34 32.73 15.23 -1.24
C PRO J 34 31.93 15.54 -2.48
N VAL J 35 30.66 15.87 -2.30
CA VAL J 35 29.83 16.30 -3.42
C VAL J 35 30.20 17.74 -3.72
N ALA J 36 30.64 17.99 -4.95
CA ALA J 36 31.01 19.35 -5.34
C ALA J 36 29.76 20.11 -5.77
N VAL J 37 29.38 21.11 -4.98
CA VAL J 37 28.21 21.91 -5.30
C VAL J 37 28.63 23.31 -5.78
N SER J 38 28.11 23.72 -6.94
CA SER J 38 28.33 25.08 -7.40
C SER J 38 27.12 25.95 -7.09
N VAL J 39 27.36 27.16 -6.62
CA VAL J 39 26.30 28.10 -6.25
C VAL J 39 26.62 29.48 -6.81
N SER J 40 25.68 30.06 -7.54
CA SER J 40 25.84 31.41 -8.03
C SER J 40 24.53 32.17 -7.89
N LEU J 41 24.56 33.27 -7.15
CA LEU J 41 23.36 34.08 -7.00
C LEU J 41 23.26 35.10 -8.13
N LYS J 42 22.10 35.14 -8.77
CA LYS J 42 21.81 36.17 -9.76
C LYS J 42 20.77 37.12 -9.17
N PHE J 43 21.20 38.33 -8.80
CA PHE J 43 20.28 39.25 -8.15
C PHE J 43 19.29 39.87 -9.14
N ILE J 44 18.01 39.84 -8.76
CA ILE J 44 16.95 40.35 -9.63
C ILE J 44 16.46 41.67 -9.10
N ASN J 45 16.41 41.79 -7.79
CA ASN J 45 15.90 43.00 -7.18
C ASN J 45 16.39 43.18 -5.77
N ILE J 46 16.48 44.45 -5.38
CA ILE J 46 16.70 44.85 -4.00
C ILE J 46 15.47 45.64 -3.60
N LEU J 47 14.65 45.06 -2.72
CA LEU J 47 13.30 45.61 -2.50
C LEU J 47 13.23 46.58 -1.33
N GLU J 48 13.93 46.26 -0.26
CA GLU J 48 14.00 47.15 0.89
C GLU J 48 15.40 47.12 1.47
N VAL J 49 15.84 48.27 1.95
CA VAL J 49 17.16 48.42 2.56
C VAL J 49 16.97 49.28 3.80
N ASN J 50 17.49 48.84 4.94
CA ASN J 50 17.39 49.66 6.14
C ASN J 50 18.77 49.92 6.71
N GLU J 51 19.22 51.17 6.62
CA GLU J 51 20.57 51.49 7.06
C GLU J 51 20.66 51.56 8.58
N ILE J 52 19.54 51.79 9.24
CA ILE J 52 19.50 51.77 10.70
C ILE J 52 19.75 50.35 11.21
N THR J 53 18.98 49.41 10.69
CA THR J 53 18.96 48.06 11.22
C THR J 53 19.93 47.11 10.53
N ASN J 54 20.56 47.57 9.45
CA ASN J 54 21.48 46.74 8.67
C ASN J 54 20.76 45.50 8.16
N GLU J 55 19.64 45.72 7.48
CA GLU J 55 18.87 44.62 6.90
C GLU J 55 18.52 44.92 5.45
N VAL J 56 18.57 43.88 4.61
CA VAL J 56 18.10 44.04 3.24
C VAL J 56 17.11 42.93 2.89
N ASP J 57 16.28 43.22 1.90
CA ASP J 57 15.24 42.32 1.41
C ASP J 57 15.48 42.22 -0.08
N VAL J 58 15.85 41.04 -0.57
CA VAL J 58 16.22 40.89 -1.98
C VAL J 58 15.60 39.69 -2.69
N VAL J 59 15.63 39.72 -4.02
CA VAL J 59 15.21 38.60 -4.84
C VAL J 59 16.38 38.17 -5.70
N PHE J 60 16.68 36.88 -5.69
CA PHE J 60 17.77 36.35 -6.50
C PHE J 60 17.44 34.98 -7.05
N TRP J 61 18.02 34.68 -8.22
CA TRP J 61 17.97 33.33 -8.76
C TRP J 61 19.17 32.58 -8.23
N GLN J 62 18.92 31.49 -7.53
CA GLN J 62 20.01 30.70 -6.94
C GLN J 62 20.42 29.58 -7.89
N GLN J 63 21.36 29.88 -8.78
CA GLN J 63 21.82 28.87 -9.73
C GLN J 63 22.68 27.83 -9.02
N THR J 64 22.16 26.63 -8.89
CA THR J 64 22.80 25.57 -8.14
C THR J 64 23.04 24.36 -9.02
N THR J 65 24.26 23.83 -9.02
CA THR J 65 24.50 22.61 -9.78
C THR J 65 25.37 21.62 -9.01
N TRP J 66 25.18 20.34 -9.32
CA TRP J 66 26.01 19.27 -8.78
C TRP J 66 25.82 18.04 -9.67
N SER J 67 26.58 16.99 -9.43
CA SER J 67 26.39 15.79 -10.23
C SER J 67 25.98 14.58 -9.38
N ASP J 68 25.17 13.72 -9.97
CA ASP J 68 25.00 12.37 -9.46
C ASP J 68 25.10 11.46 -10.67
N ARG J 69 26.27 10.85 -10.85
CA ARG J 69 26.53 10.03 -12.04
C ARG J 69 25.60 8.84 -12.11
N THR J 70 25.03 8.42 -10.98
CA THR J 70 24.15 7.26 -11.01
C THR J 70 22.87 7.55 -11.77
N LEU J 71 22.57 8.83 -12.01
CA LEU J 71 21.35 9.20 -12.75
C LEU J 71 21.56 9.30 -14.23
N ALA J 72 22.80 9.11 -14.67
CA ALA J 72 23.15 9.33 -16.07
C ALA J 72 22.50 8.29 -16.99
N TRP J 73 22.29 8.66 -18.24
CA TRP J 73 21.78 7.72 -19.22
C TRP J 73 22.34 8.03 -20.60
N ASN J 74 22.20 7.08 -21.51
CA ASN J 74 22.64 7.26 -22.88
C ASN J 74 21.60 8.03 -23.69
N SER J 75 21.93 9.26 -24.09
CA SER J 75 20.95 10.11 -24.78
C SER J 75 21.20 10.23 -26.29
N SER J 76 21.94 9.29 -26.87
CA SER J 76 22.24 9.37 -28.31
C SER J 76 20.94 9.35 -29.12
N HIS J 77 19.94 8.62 -28.63
CA HIS J 77 18.63 8.64 -29.28
C HIS J 77 17.48 8.91 -28.32
N SER J 78 17.73 9.71 -27.28
CA SER J 78 16.66 10.09 -26.36
C SER J 78 16.89 11.52 -25.87
N PRO J 79 15.96 12.06 -25.07
CA PRO J 79 16.12 13.44 -24.59
C PRO J 79 17.41 13.62 -23.80
N ASP J 80 18.02 14.80 -23.91
CA ASP J 80 19.26 15.15 -23.22
C ASP J 80 19.04 15.56 -21.78
N GLN J 81 17.82 16.02 -21.49
CA GLN J 81 17.46 16.60 -20.19
C GLN J 81 15.97 16.38 -19.95
N VAL J 82 15.59 16.30 -18.66
CA VAL J 82 14.19 16.33 -18.27
C VAL J 82 14.01 17.19 -17.01
N SER J 83 12.82 17.74 -16.84
CA SER J 83 12.47 18.45 -15.62
C SER J 83 11.97 17.44 -14.61
N VAL J 84 12.39 17.60 -13.36
CA VAL J 84 12.08 16.63 -12.30
C VAL J 84 11.70 17.40 -11.05
N PRO J 85 10.63 16.97 -10.36
CA PRO J 85 10.29 17.63 -9.10
C PRO J 85 11.41 17.42 -8.10
N ILE J 86 11.80 18.43 -7.33
CA ILE J 86 12.96 18.25 -6.47
C ILE J 86 12.69 17.25 -5.34
N SER J 87 11.41 16.98 -5.03
CA SER J 87 11.09 15.98 -4.03
C SER J 87 11.58 14.59 -4.46
N SER J 88 11.85 14.41 -5.75
CA SER J 88 12.36 13.12 -6.24
C SER J 88 13.88 13.01 -6.21
N LEU J 89 14.54 14.11 -5.89
CA LEU J 89 16.00 14.17 -5.97
C LEU J 89 16.62 14.52 -4.65
N TRP J 90 17.88 14.12 -4.46
CA TRP J 90 18.67 14.72 -3.38
C TRP J 90 19.04 16.13 -3.82
N VAL J 91 18.87 17.08 -2.91
CA VAL J 91 19.26 18.47 -3.13
CA VAL J 91 19.29 18.45 -3.14
C VAL J 91 20.13 18.92 -1.95
N PRO J 92 21.19 19.70 -2.21
CA PRO J 92 22.05 20.09 -1.09
C PRO J 92 21.28 20.91 -0.07
N ASP J 93 21.58 20.73 1.22
CA ASP J 93 20.85 21.40 2.29
C ASP J 93 21.41 22.79 2.56
N LEU J 94 21.38 23.63 1.53
CA LEU J 94 22.00 24.96 1.63
C LEU J 94 21.19 25.92 2.51
N ALA J 95 21.91 26.80 3.19
CA ALA J 95 21.30 27.84 4.00
C ALA J 95 22.23 29.04 4.06
N ALA J 96 21.64 30.22 4.22
CA ALA J 96 22.40 31.44 4.42
C ALA J 96 22.59 31.69 5.90
N TYR J 97 23.85 31.78 6.33
CA TYR J 97 24.20 31.97 7.73
C TYR J 97 23.67 33.27 8.31
N ASN J 98 23.40 34.26 7.46
CA ASN J 98 22.92 35.53 7.97
C ASN J 98 21.53 35.86 7.48
N ALA J 99 20.75 34.83 7.13
CA ALA J 99 19.34 35.03 6.82
C ALA J 99 18.56 35.37 8.09
N ILE J 100 17.61 36.29 7.97
CA ILE J 100 16.73 36.60 9.08
C ILE J 100 15.27 36.40 8.68
N SER J 101 15.05 35.76 7.53
CA SER J 101 13.70 35.28 7.20
C SER J 101 13.82 33.98 6.44
N LYS J 102 12.70 33.25 6.32
CA LYS J 102 12.68 32.01 5.55
C LYS J 102 12.94 32.31 4.09
N PRO J 103 13.62 31.42 3.37
CA PRO J 103 13.71 31.69 1.94
C PRO J 103 12.35 31.44 1.31
N GLU J 104 11.83 32.41 0.57
CA GLU J 104 10.52 32.24 -0.04
C GLU J 104 10.74 31.88 -1.50
N VAL J 105 10.41 30.65 -1.87
CA VAL J 105 10.62 30.21 -3.25
C VAL J 105 9.47 30.66 -4.14
N LEU J 106 9.79 31.44 -5.17
CA LEU J 106 8.77 32.06 -6.02
C LEU J 106 8.45 31.28 -7.28
N THR J 107 9.17 30.19 -7.51
CA THR J 107 9.10 29.50 -8.81
C THR J 107 8.75 28.04 -8.60
N PRO J 108 8.29 27.35 -9.66
CA PRO J 108 8.02 25.91 -9.54
C PRO J 108 9.24 25.15 -9.04
N GLN J 109 9.04 24.24 -8.09
CA GLN J 109 10.15 23.52 -7.50
C GLN J 109 10.53 22.29 -8.34
N LEU J 110 11.07 22.58 -9.52
CA LEU J 110 11.55 21.59 -10.48
C LEU J 110 13.03 21.81 -10.73
N ALA J 111 13.76 20.73 -10.96
CA ALA J 111 15.16 20.83 -11.38
C ALA J 111 15.30 20.18 -12.75
N ARG J 112 16.38 20.48 -13.45
CA ARG J 112 16.70 19.78 -14.69
C ARG J 112 17.70 18.69 -14.37
N VAL J 113 17.47 17.48 -14.87
CA VAL J 113 18.51 16.47 -14.82
C VAL J 113 19.02 16.22 -16.23
N VAL J 114 20.34 16.28 -16.37
CA VAL J 114 21.00 16.16 -17.66
C VAL J 114 21.44 14.72 -17.85
N SER J 115 21.57 14.25 -19.08
CA SER J 115 21.86 12.83 -19.31
C SER J 115 23.25 12.39 -18.80
N ASP J 116 24.14 13.35 -18.55
CA ASP J 116 25.45 13.01 -17.99
C ASP J 116 25.41 12.99 -16.46
N GLY J 117 24.22 13.14 -15.89
CA GLY J 117 24.09 13.08 -14.44
C GLY J 117 24.18 14.41 -13.70
N GLU J 118 24.40 15.49 -14.44
CA GLU J 118 24.38 16.82 -13.80
C GLU J 118 22.95 17.22 -13.44
N VAL J 119 22.80 17.88 -12.30
CA VAL J 119 21.50 18.37 -11.84
C VAL J 119 21.59 19.89 -11.73
N LEU J 120 20.61 20.56 -12.32
CA LEU J 120 20.54 22.02 -12.35
C LEU J 120 19.28 22.47 -11.63
N TYR J 121 19.44 23.21 -10.54
CA TYR J 121 18.30 23.71 -9.77
C TYR J 121 18.48 25.20 -9.62
N MET J 122 17.47 25.98 -10.02
CA MET J 122 17.59 27.43 -9.94
C MET J 122 16.28 28.11 -9.53
N PRO J 123 15.96 28.06 -8.22
CA PRO J 123 14.77 28.76 -7.76
C PRO J 123 14.98 30.27 -7.70
N SER J 124 13.91 31.02 -7.94
CA SER J 124 13.87 32.42 -7.57
C SER J 124 13.45 32.52 -6.10
N ILE J 125 14.28 33.18 -5.31
CA ILE J 125 14.08 33.26 -3.87
C ILE J 125 14.00 34.72 -3.44
N ARG J 126 13.00 35.03 -2.62
CA ARG J 126 12.98 36.29 -1.90
C ARG J 126 13.33 36.02 -0.44
N GLN J 127 14.28 36.77 0.10
CA GLN J 127 14.76 36.53 1.46
C GLN J 127 15.36 37.80 2.06
N ARG J 128 15.34 37.87 3.40
CA ARG J 128 15.90 39.02 4.10
C ARG J 128 17.17 38.60 4.82
N PHE J 129 18.14 39.52 4.84
CA PHE J 129 19.45 39.25 5.43
C PHE J 129 19.91 40.34 6.40
N SER J 130 20.76 39.95 7.34
CA SER J 130 21.47 40.91 8.19
C SER J 130 22.89 41.09 7.62
N CYS J 131 23.17 42.28 7.11
CA CYS J 131 24.48 42.58 6.55
C CYS J 131 24.79 44.08 6.60
N ASP J 132 25.99 44.43 6.19
CA ASP J 132 26.45 45.81 6.27
C ASP J 132 25.85 46.65 5.15
N VAL J 133 24.87 47.47 5.51
CA VAL J 133 24.23 48.38 4.57
C VAL J 133 24.89 49.77 4.59
N SER J 134 25.94 49.94 5.40
CA SER J 134 26.58 51.26 5.47
C SER J 134 27.16 51.65 4.11
N GLY J 135 26.95 52.91 3.72
CA GLY J 135 27.53 53.44 2.51
C GLY J 135 26.64 53.28 1.29
N VAL J 136 25.41 52.86 1.52
CA VAL J 136 24.48 52.60 0.43
C VAL J 136 24.14 53.87 -0.35
N ASP J 137 24.21 55.02 0.31
CA ASP J 137 23.90 56.28 -0.37
C ASP J 137 25.12 56.97 -0.97
N THR J 138 26.29 56.34 -0.86
CA THR J 138 27.53 56.91 -1.37
C THR J 138 27.86 56.37 -2.76
N GLU J 139 28.81 57.00 -3.47
CA GLU J 139 29.15 56.56 -4.83
C GLU J 139 29.73 55.16 -4.86
N SER J 140 30.50 54.82 -3.83
CA SER J 140 31.17 53.53 -3.79
C SER J 140 30.21 52.44 -3.29
N GLY J 141 29.13 52.87 -2.65
CA GLY J 141 28.02 51.98 -2.32
C GLY J 141 28.25 51.11 -1.09
N ALA J 142 27.23 50.32 -0.75
CA ALA J 142 27.33 49.36 0.33
C ALA J 142 27.87 48.03 -0.18
N THR J 143 28.49 47.26 0.70
CA THR J 143 28.81 45.88 0.37
C THR J 143 28.17 44.94 1.40
N CYS J 144 27.14 44.24 0.96
CA CYS J 144 26.38 43.30 1.76
C CYS J 144 26.87 41.90 1.46
N ARG J 145 27.35 41.21 2.49
CA ARG J 145 27.90 39.87 2.32
C ARG J 145 26.91 38.81 2.78
N ILE J 146 26.67 37.85 1.89
CA ILE J 146 25.74 36.77 2.14
C ILE J 146 26.53 35.48 2.09
N LYS J 147 26.48 34.73 3.17
CA LYS J 147 27.25 33.49 3.29
C LYS J 147 26.33 32.29 3.17
N ILE J 148 26.58 31.43 2.19
CA ILE J 148 25.70 30.30 1.93
C ILE J 148 26.51 29.01 1.91
N GLY J 149 26.04 28.01 2.63
CA GLY J 149 26.73 26.72 2.66
C GLY J 149 25.79 25.62 3.09
N SER J 150 26.27 24.39 3.07
CA SER J 150 25.48 23.28 3.62
C SER J 150 25.28 23.52 5.10
N TRP J 151 24.06 23.31 5.58
CA TRP J 151 23.80 23.51 7.00
C TRP J 151 24.37 22.37 7.85
N THR J 152 24.23 21.13 7.38
CA THR J 152 24.60 19.97 8.21
C THR J 152 25.75 19.11 7.70
N HIS J 153 26.22 19.36 6.48
CA HIS J 153 27.32 18.55 5.92
C HIS J 153 28.63 19.34 5.93
N HIS J 154 29.66 18.80 6.57
CA HIS J 154 30.95 19.49 6.64
C HIS J 154 31.76 19.24 5.38
N SER J 155 32.97 19.80 5.34
CA SER J 155 33.71 19.90 4.09
C SER J 155 34.11 18.55 3.49
N ARG J 156 34.12 17.48 4.28
CA ARG J 156 34.49 16.18 3.72
C ARG J 156 33.30 15.53 3.00
N GLU J 157 32.10 16.10 3.21
CA GLU J 157 30.87 15.57 2.62
C GLU J 157 30.36 16.46 1.48
N ILE J 158 30.41 17.77 1.69
CA ILE J 158 30.02 18.71 0.64
C ILE J 158 31.06 19.81 0.50
N SER J 159 31.46 20.07 -0.74
CA SER J 159 32.28 21.24 -1.01
C SER J 159 31.43 22.23 -1.78
N VAL J 160 31.63 23.52 -1.50
CA VAL J 160 30.87 24.57 -2.19
C VAL J 160 31.81 25.50 -2.92
N ASP J 161 31.54 25.66 -4.21
CA ASP J 161 32.36 26.47 -5.09
C ASP J 161 31.54 27.52 -5.83
N PRO J 162 32.00 28.78 -5.81
CA PRO J 162 31.27 29.82 -6.55
C PRO J 162 31.28 29.62 -8.06
N ASN J 166 32.74 37.48 -10.55
CA ASN J 166 32.58 38.93 -10.69
C ASN J 166 31.69 39.35 -11.87
N SER J 167 30.57 40.00 -11.57
CA SER J 167 29.64 40.48 -12.60
C SER J 167 28.79 41.62 -12.04
N ASP J 168 28.17 42.40 -12.91
CA ASP J 168 27.27 43.44 -12.39
C ASP J 168 25.80 43.00 -12.51
N ASP J 169 25.60 41.73 -12.88
CA ASP J 169 24.26 41.12 -12.97
C ASP J 169 23.29 41.96 -13.81
N SER J 170 23.81 42.79 -14.70
CA SER J 170 22.96 43.69 -15.50
C SER J 170 21.99 42.90 -16.37
N GLU J 171 22.38 41.69 -16.72
CA GLU J 171 21.52 40.78 -17.48
C GLU J 171 20.27 40.38 -16.70
N TYR J 172 20.35 40.44 -15.37
CA TYR J 172 19.30 39.90 -14.52
C TYR J 172 18.55 40.95 -13.71
N PHE J 173 19.26 42.00 -13.28
CA PHE J 173 18.75 42.95 -12.29
C PHE J 173 17.70 43.89 -12.87
N SER J 174 16.61 44.06 -12.14
CA SER J 174 15.49 44.86 -12.60
C SER J 174 15.90 46.29 -12.92
N GLN J 175 15.53 46.76 -14.11
CA GLN J 175 15.76 48.16 -14.49
C GLN J 175 14.97 49.13 -13.60
N TYR J 176 14.02 48.60 -12.82
CA TYR J 176 13.09 49.46 -12.09
C TYR J 176 13.31 49.52 -10.60
N SER J 177 14.36 48.88 -10.11
CA SER J 177 14.71 48.96 -8.70
C SER J 177 15.20 50.38 -8.36
N ARG J 178 15.09 50.76 -7.10
CA ARG J 178 15.61 52.05 -6.61
C ARG J 178 17.09 51.96 -6.46
N PHE J 179 17.61 50.75 -6.52
CA PHE J 179 19.01 50.54 -6.29
C PHE J 179 19.68 50.07 -7.56
N GLU J 180 21.01 50.12 -7.59
CA GLU J 180 21.76 49.59 -8.71
C GLU J 180 22.95 48.81 -8.21
N ILE J 181 23.32 47.77 -8.96
CA ILE J 181 24.41 46.90 -8.60
C ILE J 181 25.71 47.32 -9.28
N LEU J 182 26.76 47.51 -8.48
CA LEU J 182 28.08 47.86 -9.00
C LEU J 182 28.87 46.60 -9.29
N ASP J 183 28.82 45.65 -8.37
CA ASP J 183 29.59 44.44 -8.54
C ASP J 183 29.06 43.31 -7.65
N VAL J 184 29.10 42.10 -8.18
CA VAL J 184 28.81 40.92 -7.39
C VAL J 184 29.97 39.96 -7.51
N THR J 185 30.65 39.73 -6.40
CA THR J 185 31.74 38.77 -6.38
C THR J 185 31.40 37.64 -5.42
N GLN J 186 31.93 36.46 -5.71
CA GLN J 186 31.59 35.28 -4.95
C GLN J 186 32.89 34.49 -4.73
N LYS J 187 33.29 34.35 -3.47
CA LYS J 187 34.55 33.70 -3.11
C LYS J 187 34.31 32.48 -2.23
N LYS J 188 35.13 31.45 -2.38
CA LYS J 188 35.05 30.31 -1.48
C LYS J 188 35.46 30.80 -0.10
N ASN J 189 34.94 30.13 0.92
CA ASN J 189 35.21 30.48 2.30
C ASN J 189 34.88 29.27 3.19
N SER J 190 35.27 29.33 4.46
CA SER J 190 35.01 28.23 5.37
C SER J 190 34.70 28.74 6.76
N VAL J 191 33.70 28.15 7.41
CA VAL J 191 33.36 28.56 8.78
C VAL J 191 33.42 27.40 9.76
N THR J 192 33.69 27.72 11.01
CA THR J 192 33.66 26.71 12.06
C THR J 192 33.31 27.41 13.37
N TYR J 193 32.57 26.71 14.24
CA TYR J 193 32.08 27.28 15.48
C TYR J 193 32.31 26.31 16.62
N SER J 194 32.31 26.81 17.85
CA SER J 194 32.51 25.97 19.02
C SER J 194 31.45 24.88 19.09
N CYS J 195 30.24 25.20 18.63
CA CYS J 195 29.15 24.23 18.66
C CYS J 195 29.45 23.05 17.77
N CYS J 196 30.20 23.33 16.72
CA CYS J 196 30.29 22.45 15.55
C CYS J 196 31.72 22.48 15.02
N PRO J 197 32.55 21.58 15.54
CA PRO J 197 34.01 21.53 15.42
C PRO J 197 34.53 21.24 14.02
N GLU J 198 33.72 20.63 13.16
CA GLU J 198 34.16 20.36 11.80
C GLU J 198 34.21 21.66 10.99
N ALA J 199 34.86 21.63 9.82
CA ALA J 199 34.89 22.79 8.93
C ALA J 199 33.75 22.71 7.93
N TYR J 200 33.04 23.82 7.74
CA TYR J 200 31.95 23.92 6.77
C TYR J 200 32.25 24.92 5.66
N GLU J 201 32.21 24.45 4.42
CA GLU J 201 32.42 25.33 3.27
C GLU J 201 31.20 26.21 3.02
N ASP J 202 31.45 27.46 2.64
CA ASP J 202 30.38 28.34 2.20
C ASP J 202 30.86 29.14 1.00
N VAL J 203 29.92 29.64 0.21
CA VAL J 203 30.23 30.67 -0.76
C VAL J 203 29.86 32.00 -0.13
N GLU J 204 30.81 32.94 -0.14
CA GLU J 204 30.58 34.28 0.36
C GLU J 204 30.29 35.22 -0.81
N VAL J 205 29.04 35.69 -0.87
CA VAL J 205 28.59 36.54 -1.96
C VAL J 205 28.61 38.00 -1.54
N SER J 206 29.44 38.80 -2.20
CA SER J 206 29.56 40.21 -1.83
C SER J 206 28.75 41.05 -2.80
N LEU J 207 27.64 41.59 -2.33
CA LEU J 207 26.76 42.43 -3.14
C LEU J 207 27.09 43.90 -2.94
N ASN J 208 27.80 44.49 -3.90
CA ASN J 208 28.18 45.91 -3.83
C ASN J 208 27.15 46.71 -4.62
N PHE J 209 26.33 47.46 -3.90
CA PHE J 209 25.21 48.14 -4.51
C PHE J 209 25.06 49.52 -3.91
N ARG J 210 24.29 50.37 -4.59
CA ARG J 210 24.07 51.73 -4.11
C ARG J 210 22.69 52.19 -4.58
N LYS J 211 22.12 53.16 -3.87
CA LYS J 211 20.87 53.74 -4.32
C LYS J 211 21.18 54.53 -5.59
N LYS J 212 20.27 54.52 -6.55
CA LYS J 212 20.49 55.18 -7.83
C LYS J 212 20.68 56.69 -7.67
P PO4 K . -22.47 -12.63 4.40
O1 PO4 K . -23.31 -13.63 5.14
O2 PO4 K . -21.77 -13.27 3.21
O3 PO4 K . -21.38 -12.06 5.29
O4 PO4 K . -23.36 -11.50 3.93
P PO4 L . -13.42 -8.58 -20.43
O1 PO4 L . -12.22 -9.45 -20.13
O2 PO4 L . -13.88 -7.95 -19.12
O3 PO4 L . -13.03 -7.47 -21.36
O4 PO4 L . -14.53 -9.44 -20.99
C13 TI9 M . -26.29 -27.99 6.98
C12 TI9 M . -24.99 -28.74 6.86
C11 TI9 M . -24.34 -28.18 5.67
N10 TI9 M . -25.01 -26.93 5.35
C9 TI9 M . -25.86 -26.67 6.46
C8 TI9 M . -25.04 -25.92 7.45
C7 TI9 M . -24.27 -25.31 8.14
C5 TI9 M . -23.23 -24.53 8.87
C6 TI9 M . -23.49 -23.89 10.06
C1 TI9 M . -22.44 -23.19 10.66
C4 TI9 M . -21.99 -24.49 8.31
N3 TI9 M . -21.02 -23.84 8.90
C2 TI9 M . -21.22 -23.19 10.06
H131 TI9 M . -26.99 -28.38 6.40
H132 TI9 M . -26.59 -27.92 7.91
H121 TI9 M . -25.16 -29.69 6.75
H122 TI9 M . -24.45 -28.57 7.65
H112 TI9 M . -24.45 -28.79 4.92
H111 TI9 M . -23.39 -28.03 5.82
HN10 TI9 M . -25.36 -27.07 4.50
H14 TI9 M . -26.62 -26.15 6.16
H6 TI9 M . -24.39 -23.91 10.47
H1 TI9 M . -22.56 -22.72 11.51
H4 TI9 M . -21.82 -24.95 7.46
H2 TI9 M . -20.46 -22.70 10.48
P PO4 N . -1.36 -16.47 20.08
O1 PO4 N . -0.78 -17.45 21.08
O2 PO4 N . -0.27 -15.64 19.43
O3 PO4 N . -2.29 -15.54 20.81
O4 PO4 N . -2.13 -17.16 18.96
C13 TI9 O . 2.24 -32.45 21.16
C12 TI9 O . 1.65 -32.07 19.83
C11 TI9 O . 0.59 -31.09 20.18
N10 TI9 O . 0.67 -30.83 21.60
C9 TI9 O . 2.01 -31.16 21.88
C8 TI9 O . 2.85 -30.02 21.36
C7 TI9 O . 3.48 -29.11 20.91
C5 TI9 O . 4.31 -28.05 20.24
C6 TI9 O . 5.27 -27.35 20.95
C1 TI9 O . 5.99 -26.35 20.27
C4 TI9 O . 4.07 -27.77 18.92
N3 TI9 O . 4.77 -26.82 18.31
C2 TI9 O . 5.72 -26.11 18.96
H131 TI9 O . 1.75 -33.19 21.58
H132 TI9 O . 3.20 -32.64 21.08
H121 TI9 O . 1.27 -32.85 19.39
H122 TI9 O . 2.33 -31.65 19.27
H112 TI9 O . -0.27 -31.49 19.99
H111 TI9 O . 0.70 -30.27 19.67
HN10 TI9 O . -0.04 -31.32 21.96
H14 TI9 O . 2.11 -31.28 22.85
H6 TI9 O . 5.44 -27.54 21.89
H1 TI9 O . 6.67 -25.83 20.73
H4 TI9 O . 3.39 -28.27 18.43
H2 TI9 O . 6.22 -25.39 18.47
P PO4 P . 20.71 -14.90 5.22
O1 PO4 P . 21.91 -15.72 4.74
O2 PO4 P . 20.39 -13.85 4.15
O3 PO4 P . 21.05 -14.15 6.47
O4 PO4 P . 19.48 -15.74 5.40
C13 TI9 Q . 25.66 -29.36 -0.04
C12 TI9 Q . 24.45 -29.79 -0.82
C11 TI9 Q . 23.31 -29.45 0.06
N10 TI9 Q . 23.77 -28.47 1.01
C9 TI9 Q . 25.11 -28.16 0.62
C8 TI9 Q . 25.01 -27.00 -0.29
C7 TI9 Q . 24.79 -26.07 -1.02
C5 TI9 Q . 24.34 -24.94 -1.89
C6 TI9 Q . 25.23 -24.04 -2.44
C1 TI9 Q . 24.69 -23.02 -3.25
C4 TI9 Q . 22.99 -24.85 -2.11
N3 TI9 Q . 22.53 -23.88 -2.88
C2 TI9 Q . 23.35 -22.98 -3.43
H131 TI9 Q . 25.92 -30.05 0.62
H132 TI9 Q . 26.40 -29.12 -0.65
H121 TI9 Q . 24.47 -30.75 -0.98
H122 TI9 Q . 24.39 -29.31 -1.65
H112 TI9 Q . 23.03 -30.25 0.54
H111 TI9 Q . 22.57 -29.09 -0.46
HN10 TI9 Q . 23.60 -28.86 1.84
H14 TI9 Q . 25.62 -27.94 1.43
H6 TI9 Q . 26.20 -24.10 -2.28
H1 TI9 Q . 25.27 -22.37 -3.67
H4 TI9 Q . 22.38 -25.49 -1.70
H2 TI9 Q . 22.97 -22.26 -4.01
P PO4 R . 13.23 -10.00 -19.86
O1 PO4 R . 13.17 -11.13 -18.87
O2 PO4 R . 14.42 -9.11 -19.53
O3 PO4 R . 13.36 -10.47 -21.32
O4 PO4 R . 12.01 -9.13 -19.70
C13 TI9 S . 11.47 -23.72 -28.23
C12 TI9 S . 10.70 -24.22 -27.03
C11 TI9 S . 11.44 -23.72 -25.87
N10 TI9 S . 12.37 -22.73 -26.34
C9 TI9 S . 11.99 -22.45 -27.68
C8 TI9 S . 10.93 -21.39 -27.58
C7 TI9 S . 10.08 -20.59 -27.41
C5 TI9 S . 9.00 -19.62 -27.07
C6 TI9 S . 8.63 -18.56 -27.89
C1 TI9 S . 7.59 -17.72 -27.45
C4 TI9 S . 8.37 -19.83 -25.87
N3 TI9 S . 7.39 -19.03 -25.50
C2 TI9 S . 7.00 -17.99 -26.25
H131 TI9 S . 12.21 -24.33 -28.47
H132 TI9 S . 10.87 -23.55 -28.99
H121 TI9 S . 10.67 -25.19 -27.03
H122 TI9 S . 9.80 -23.85 -27.04
H112 TI9 S . 11.94 -24.46 -25.47
H111 TI9 S . 10.84 -23.33 -25.21
HN10 TI9 S . 13.22 -23.09 -26.15
H14 TI9 S . 12.77 -22.14 -28.18
H6 TI9 S . 9.09 -18.40 -28.76
H1 TI9 S . 7.30 -16.97 -27.99
H4 TI9 S . 8.64 -20.57 -25.31
H2 TI9 S . 6.26 -17.39 -25.93
C13 TI9 T . -20.00 -22.77 -24.12
C12 TI9 T . -19.28 -23.51 -23.02
C11 TI9 T . -17.90 -23.01 -23.08
N10 TI9 T . -17.93 -21.76 -23.80
C9 TI9 T . -19.32 -21.46 -24.01
C8 TI9 T . -19.75 -20.66 -22.83
C7 TI9 T . -19.97 -20.05 -21.83
C5 TI9 T . -20.13 -19.31 -20.53
C6 TI9 T . -21.18 -18.43 -20.30
C1 TI9 T . -21.21 -17.80 -19.05
C4 TI9 T . -19.20 -19.56 -19.58
N3 TI9 T . -19.26 -18.94 -18.40
C2 TI9 T . -20.25 -18.08 -18.13
H131 TI9 T . -19.84 -23.19 -25.01
H132 TI9 T . -20.96 -22.68 -23.92
H121 TI9 T . -19.31 -24.47 -23.19
H122 TI9 T . -19.68 -23.30 -22.16
H112 TI9 T . -17.35 -23.65 -23.57
H111 TI9 T . -17.53 -22.88 -22.19
HN10 TI9 T . -17.36 -21.90 -24.52
H14 TI9 T . -19.40 -20.96 -24.85
H6 TI9 T . -21.86 -18.24 -20.99
H1 TI9 T . -21.93 -17.18 -18.83
H4 TI9 T . -18.47 -20.18 -19.76
H2 TI9 T . -20.29 -17.65 -17.24
P PO4 U . 23.24 11.76 4.31
O1 PO4 U . 24.05 10.95 3.32
O2 PO4 U . 22.36 12.77 3.60
O3 PO4 U . 24.19 12.48 5.24
O4 PO4 U . 22.33 10.82 5.08
P PO4 V . 5.53 9.15 24.14
O1 PO4 V . 6.55 8.10 24.49
O2 PO4 V . 6.12 10.10 23.11
O3 PO4 V . 5.11 9.89 25.39
O4 PO4 V . 4.31 8.48 23.54
C13 TI9 W . 2.90 23.22 31.78
C12 TI9 W . 2.61 23.94 30.48
C11 TI9 W . 3.57 23.37 29.51
N10 TI9 W . 4.19 22.21 30.12
C9 TI9 W . 3.37 21.91 31.26
C8 TI9 W . 2.26 21.04 30.76
C7 TI9 W . 1.42 20.37 30.24
C5 TI9 W . 0.43 19.55 29.47
C6 TI9 W . -0.37 18.57 30.06
C1 TI9 W . -1.26 17.88 29.22
C4 TI9 W . 0.34 19.81 28.12
N3 TI9 W . -0.51 19.14 27.37
C2 TI9 W . -1.30 18.18 27.89
H131 TI9 W . 3.61 23.68 32.30
H132 TI9 W . 2.08 23.12 32.31
H121 TI9 W . 2.76 24.90 30.59
H122 TI9 W . 1.70 23.76 30.20
H112 TI9 W . 4.27 24.04 29.34
H111 TI9 W . 3.13 23.13 28.68
HN10 TI9 W . 5.08 22.45 30.23
H14 TI9 W . 3.92 21.46 31.93
H6 TI9 W . -0.31 18.38 31.01
H1 TI9 W . -1.84 17.19 29.59
H4 TI9 W . 0.92 20.49 27.73
H2 TI9 W . -1.94 17.70 27.29
P PO4 X . -19.02 11.99 14.07
O1 PO4 X . -19.21 10.87 15.05
O2 PO4 X . -18.97 11.42 12.67
O3 PO4 X . -17.70 12.69 14.32
O4 PO4 X . -20.16 12.98 14.19
C13 TI9 Y . -24.17 27.25 14.98
C12 TI9 Y . -22.85 27.76 14.53
C11 TI9 Y . -22.04 27.16 15.59
N10 TI9 Y . -22.42 25.78 15.65
C9 TI9 Y . -23.81 25.84 15.28
C8 TI9 Y . -23.86 25.01 14.06
C7 TI9 Y . -23.77 24.39 13.05
C5 TI9 Y . -23.48 23.65 11.80
C6 TI9 Y . -24.45 22.88 11.18
C1 TI9 Y . -24.09 22.22 10.00
C4 TI9 Y . -22.23 23.79 11.27
N3 TI9 Y . -21.93 23.15 10.15
C2 TI9 Y . -22.83 22.38 9.52
H131 TI9 Y . -24.50 27.72 15.79
H132 TI9 Y . -24.83 27.28 14.25
H121 TI9 Y . -22.81 28.74 14.57
H122 TI9 Y . -22.59 27.42 13.65
H112 TI9 Y . -22.23 27.59 16.45
H111 TI9 Y . -21.09 27.22 15.39
HN10 TI9 Y . -22.19 25.51 16.52
H14 TI9 Y . -24.35 25.46 16.01
H6 TI9 Y . -25.35 22.78 11.56
H1 TI9 Y . -24.73 21.66 9.53
H4 TI9 Y . -21.57 24.34 11.72
H2 TI9 Y . -22.56 21.92 8.67
C13 TI9 Z . -15.84 32.48 -14.97
C12 TI9 Z . -15.06 32.53 -13.70
C11 TI9 Z . -15.93 31.73 -12.83
N10 TI9 Z . -16.50 30.67 -13.60
C9 TI9 Z . -16.37 31.10 -14.95
C8 TI9 Z . -15.40 30.09 -15.45
C7 TI9 Z . -14.59 29.29 -15.76
C5 TI9 Z . -13.53 28.26 -16.00
C6 TI9 Z . -13.39 27.62 -17.22
C1 TI9 Z . -12.36 26.68 -17.34
C4 TI9 Z . -12.70 28.00 -14.96
N3 TI9 Z . -11.73 27.11 -15.11
C2 TI9 Z . -11.55 26.45 -16.26
H131 TI9 Z . -16.58 33.15 -14.97
H132 TI9 Z . -15.25 32.62 -15.75
H121 TI9 Z . -14.98 33.45 -13.36
H122 TI9 Z . -14.18 32.11 -13.80
H112 TI9 Z . -16.64 32.30 -12.49
H111 TI9 Z . -15.42 31.36 -12.09
HN10 TI9 Z . -17.35 30.55 -13.22
H14 TI9 Z . -17.25 31.03 -15.39
H6 TI9 Z . -14.00 27.81 -17.98
H1 TI9 Z . -12.21 26.20 -18.17
H4 TI9 Z . -12.81 28.47 -14.12
H2 TI9 Z . -10.81 25.78 -16.34
P PO4 AA . 9.44 16.48 -18.03
O1 PO4 AA . 10.05 15.41 -17.13
O2 PO4 AA . 10.49 17.42 -18.57
O3 PO4 AA . 8.38 17.21 -17.23
O4 PO4 AA . 8.77 15.77 -19.20
P PO4 BA . -16.59 16.44 -12.02
O1 PO4 BA . -15.36 15.63 -12.44
O2 PO4 BA . -17.75 15.49 -11.90
O3 PO4 BA . -16.28 17.05 -10.66
O4 PO4 BA . -16.90 17.48 -13.07
C13 TI9 CA . 15.67 31.39 -17.21
C12 TI9 CA . 14.93 31.42 -15.91
C11 TI9 CA . 13.58 31.04 -16.37
N10 TI9 CA . 13.74 30.07 -17.41
C9 TI9 CA . 15.13 30.13 -17.76
C8 TI9 CA . 15.70 28.93 -17.09
C7 TI9 CA . 16.05 27.98 -16.45
C5 TI9 CA . 16.37 26.81 -15.58
C6 TI9 CA . 17.37 25.88 -15.90
C1 TI9 CA . 17.58 24.83 -14.99
C4 TI9 CA . 15.66 26.68 -14.43
N3 TI9 CA . 15.89 25.68 -13.60
C2 TI9 CA . 16.84 24.76 -13.86
H131 TI9 CA . 15.44 32.17 -17.78
H132 TI9 CA . 16.65 31.32 -17.06
H121 TI9 CA . 14.93 32.31 -15.52
H122 TI9 CA . 15.28 30.76 -15.28
H112 TI9 CA . 13.13 31.83 -16.73
H111 TI9 CA . 13.06 30.67 -15.64
HN10 TI9 CA . 13.08 30.30 -18.04
H14 TI9 CA . 15.21 30.10 -18.73
H6 TI9 CA . 17.89 25.95 -16.73
H1 TI9 CA . 18.26 24.16 -15.17
H4 TI9 CA . 14.98 27.34 -14.21
H2 TI9 CA . 16.98 24.01 -13.22
C13 TI9 DA . 27.86 25.39 11.47
C12 TI9 DA . 26.50 26.00 11.70
C11 TI9 DA . 25.82 25.81 10.40
N10 TI9 DA . 26.50 24.74 9.70
C9 TI9 DA . 27.48 24.25 10.63
C8 TI9 DA . 26.80 23.16 11.40
C7 TI9 DA . 26.13 22.32 11.93
C5 TI9 DA . 25.20 21.30 12.50
C6 TI9 DA . 25.67 20.28 13.34
C1 TI9 DA . 24.72 19.38 13.84
C4 TI9 DA . 23.86 21.41 12.20
N3 TI9 DA . 23.00 20.52 12.69
C2 TI9 DA . 23.41 19.52 13.49
H131 TI9 DA . 28.46 26.02 10.98
H132 TI9 DA . 28.26 25.09 12.32
H121 TI9 DA . 26.58 26.95 11.91
H122 TI9 DA . 26.03 25.52 12.40
H112 TI9 DA . 25.88 26.62 9.89
H111 TI9 DA . 24.88 25.58 10.54
HN10 TI9 DA . 26.76 25.13 8.89
H14 TI9 DA . 28.24 23.90 10.12
H6 TI9 DA . 26.62 20.22 13.56
H1 TI9 DA . 25.00 18.66 14.42
H4 TI9 DA . 23.55 22.11 11.61
H2 TI9 DA . 22.74 18.88 13.86
#